data_8YVM
#
_entry.id   8YVM
#
loop_
_entity.id
_entity.type
_entity.pdbx_description
1 polymer Neuraminidase
2 polymer 'CAV-F34 kappa chain'
3 polymer 'CAV-F34 heavy chain'
4 branched beta-D-mannopyranose-(1-4)-2-acetamido-2-deoxy-beta-D-glucopyranose-(1-4)-2-acetamido-2-deoxy-beta-D-glucopyranose
5 branched 2-acetamido-2-deoxy-beta-D-glucopyranose-(1-4)-2-acetamido-2-deoxy-beta-D-glucopyranose
6 branched alpha-D-mannopyranose-(1-2)-alpha-D-mannopyranose-(1-3)-[alpha-D-mannopyranose-(1-3)-[alpha-D-mannopyranose-(1-6)]alpha-D-mannopyranose-(1-6)]beta-D-mannopyranose-(1-4)-2-acetamido-2-deoxy-beta-D-glucopyranose-(1-4)-2-acetamido-2-deoxy-beta-D-glucopyranose
7 non-polymer 2-acetamido-2-deoxy-beta-D-glucopyranose
8 non-polymer 'CALCIUM ION'
#
loop_
_entity_poly.entity_id
_entity_poly.type
_entity_poly.pdbx_seq_one_letter_code
_entity_poly.pdbx_strand_id
1 'polypeptide(L)'
;EYRNWSKPQCGITGFAPFSKDNSIRLSAGGDIWVTREPYVSCDPDKCYQFALGQGTTLNNVHSNNTVRDRTPYRTLLMNE
LGVPFHLGTKQVCIAWSSSSCHDGKAWLHVCITGDDKNATASFIYNGRLVDSVVSWSKDILRTQESECVCINGTCTVVMT
DGSASGKADTKILFIEEGKIVHTSTLSGSAQHVEECSCYPRYPGVRCVCRDNWKGSNRPIVDINIKDHSIVSSYVCSGLV
GDTPRKNDSSSSSHCLDPNNEEGGHGVKGWAFDDGNDVWMGRTINETSRLGYETFKVIEGWSNPKSKLQTNRQVIVDRGD
RSGYSGIFSVEGKSCINRCFYVELIRGRKEETEVLWTSNSIVVFCGTSGTYGTGSWPDGADLNLMPI
;
A,B,C,D
2 'polypeptide(L)'
;EIVLTQSPGTLSLSPGERATLSCRASQYISSMNLAWYQQKPGQAPRLLISAASSRATGIPDRFSGSGSGTDFTLTISGLE
PEDFAVYYCQKYGSPYTFGQGTKVEIK
;
E
3 'polypeptide(L)'
;EVQLVESGGGLVEPGGSLRLSCAASGLTFSTYEMNWVRQAPGKGLEWISHISSSGFAIYYADSVRGRFTISRDIAKQSLD
LQMNSLRAEDTAVYYCARDYYNRDLGYSGMDVWGQGTTVTVSS
;
F
#
loop_
_chem_comp.id
_chem_comp.type
_chem_comp.name
_chem_comp.formula
BMA D-saccharide, beta linking beta-D-mannopyranose 'C6 H12 O6'
CA non-polymer 'CALCIUM ION' 'Ca 2'
MAN D-saccharide, alpha linking alpha-D-mannopyranose 'C6 H12 O6'
NAG D-saccharide, beta linking 2-acetamido-2-deoxy-beta-D-glucopyranose 'C8 H15 N O6'
#
# COMPACT_ATOMS: atom_id res chain seq x y z
N GLU A 1 -24.39 8.16 18.52
CA GLU A 1 -23.46 8.48 17.45
C GLU A 1 -22.35 9.39 17.94
N TYR A 2 -22.72 10.47 18.63
CA TYR A 2 -21.72 11.32 19.27
C TYR A 2 -20.88 10.51 20.25
N ARG A 3 -19.70 11.05 20.58
CA ARG A 3 -18.77 10.34 21.51
C ARG A 3 -18.59 11.15 22.81
N ASN A 4 -18.91 10.56 23.97
CA ASN A 4 -18.86 11.31 25.25
C ASN A 4 -17.65 10.91 26.12
N TRP A 5 -16.91 9.85 25.77
CA TRP A 5 -15.78 9.37 26.61
C TRP A 5 -16.24 9.25 28.07
N SER A 6 -17.39 8.61 28.33
CA SER A 6 -17.94 8.53 29.68
C SER A 6 -17.28 7.45 30.54
N LYS A 7 -16.58 6.50 29.94
CA LYS A 7 -16.06 5.37 30.69
C LYS A 7 -14.89 5.79 31.56
N PRO A 8 -14.54 4.98 32.58
CA PRO A 8 -13.39 5.32 33.42
C PRO A 8 -12.08 5.23 32.66
N GLN A 9 -10.96 5.51 33.34
CA GLN A 9 -9.66 5.37 32.73
C GLN A 9 -9.12 3.97 32.99
N CYS A 10 -8.51 3.38 31.96
CA CYS A 10 -8.01 2.03 32.06
C CYS A 10 -6.86 1.97 33.06
N GLY A 11 -6.71 0.83 33.72
CA GLY A 11 -5.59 0.63 34.62
C GLY A 11 -4.30 0.53 33.84
N ILE A 12 -3.34 1.40 34.11
CA ILE A 12 -2.11 1.48 33.33
C ILE A 12 -0.94 1.16 34.24
N THR A 13 -0.18 0.12 33.87
CA THR A 13 1.07 -0.21 34.53
C THR A 13 2.26 0.07 33.63
N GLY A 14 2.04 0.57 32.44
CA GLY A 14 3.10 0.76 31.48
C GLY A 14 2.50 0.81 30.09
N PHE A 15 3.39 0.89 29.10
CA PHE A 15 2.98 1.05 27.72
C PHE A 15 3.61 -0.03 26.86
N ALA A 16 2.86 -0.51 25.88
CA ALA A 16 3.32 -1.57 25.00
C ALA A 16 3.44 -1.08 23.57
N PRO A 17 4.34 -1.64 22.77
CA PRO A 17 4.52 -1.15 21.41
C PRO A 17 3.25 -1.29 20.59
N PHE A 18 2.98 -0.28 19.78
CA PHE A 18 1.76 -0.34 18.99
C PHE A 18 1.99 -0.12 17.51
N SER A 19 2.86 0.81 17.12
CA SER A 19 3.04 1.05 15.70
C SER A 19 4.37 1.74 15.43
N LYS A 20 4.82 1.62 14.18
CA LYS A 20 6.05 2.20 13.68
C LYS A 20 5.89 2.37 12.19
N ASP A 21 6.33 3.50 11.64
CA ASP A 21 6.11 3.78 10.23
C ASP A 21 7.34 3.62 9.34
N ASN A 22 8.55 3.70 9.90
CA ASN A 22 9.77 3.50 9.12
C ASN A 22 9.83 4.42 7.92
N SER A 23 9.44 5.69 8.11
CA SER A 23 9.32 6.60 6.98
C SER A 23 10.67 6.90 6.35
N ILE A 24 11.68 7.21 7.16
CA ILE A 24 12.96 7.61 6.60
C ILE A 24 13.65 6.43 5.94
N ARG A 25 13.52 5.23 6.51
CA ARG A 25 14.13 4.06 5.91
C ARG A 25 13.53 3.75 4.54
N LEU A 26 12.21 3.91 4.41
CA LEU A 26 11.57 3.70 3.13
C LEU A 26 11.83 4.84 2.16
N SER A 27 12.13 6.04 2.67
CA SER A 27 12.37 7.17 1.79
C SER A 27 13.63 7.02 0.94
N ALA A 28 14.56 6.17 1.37
CA ALA A 28 15.78 5.97 0.59
C ALA A 28 15.46 5.35 -0.75
N GLY A 29 14.40 4.57 -0.84
CA GLY A 29 13.93 4.04 -2.14
C GLY A 29 12.42 4.06 -2.11
N GLY A 30 11.76 5.03 -2.74
CA GLY A 30 10.31 5.16 -2.59
C GLY A 30 9.91 6.61 -2.73
N ASP A 31 8.63 6.95 -2.51
CA ASP A 31 8.18 8.34 -2.73
C ASP A 31 7.50 8.81 -1.46
N ILE A 32 8.30 9.14 -0.45
CA ILE A 32 7.65 9.44 0.86
C ILE A 32 7.72 10.93 1.15
N TRP A 33 6.61 11.51 1.61
CA TRP A 33 6.47 12.95 1.88
C TRP A 33 7.44 13.44 2.93
N VAL A 34 8.10 14.59 2.75
CA VAL A 34 8.96 15.18 3.82
C VAL A 34 7.99 15.81 4.80
N THR A 35 7.82 15.26 6.02
CA THR A 35 6.86 15.71 7.01
C THR A 35 7.58 16.17 8.27
N ARG A 36 6.79 16.70 9.19
CA ARG A 36 7.20 16.95 10.57
C ARG A 36 5.94 17.33 11.34
N GLU A 37 6.06 17.36 12.66
CA GLU A 37 4.95 17.64 13.57
C GLU A 37 3.80 16.67 13.34
N PRO A 38 3.98 15.39 13.65
CA PRO A 38 2.90 14.40 13.44
C PRO A 38 2.05 14.26 14.68
N TYR A 39 0.96 13.48 14.53
CA TYR A 39 0.17 13.06 15.67
C TYR A 39 -0.72 11.90 15.23
N VAL A 40 -1.50 11.39 16.17
CA VAL A 40 -2.39 10.26 15.94
C VAL A 40 -3.75 10.58 16.52
N SER A 41 -4.81 10.16 15.84
CA SER A 41 -6.17 10.31 16.33
C SER A 41 -7.01 9.16 15.78
N CYS A 42 -8.02 8.73 16.53
CA CYS A 42 -8.79 7.56 16.15
C CYS A 42 -10.27 7.87 16.07
N ASP A 43 -10.90 7.46 14.98
CA ASP A 43 -12.35 7.39 14.93
C ASP A 43 -12.79 6.10 15.60
N PRO A 44 -14.09 5.94 15.90
CA PRO A 44 -14.51 4.78 16.71
C PRO A 44 -14.12 3.42 16.15
N ASP A 45 -13.54 3.37 14.94
CA ASP A 45 -13.17 2.10 14.32
C ASP A 45 -11.68 1.84 14.35
N LYS A 46 -10.86 2.75 13.82
CA LYS A 46 -9.42 2.55 13.73
C LYS A 46 -8.72 3.86 13.99
N CYS A 47 -7.41 3.87 13.84
CA CYS A 47 -6.59 5.02 14.16
C CYS A 47 -5.88 5.54 12.92
N TYR A 48 -5.67 6.84 12.88
CA TYR A 48 -5.08 7.56 11.76
C TYR A 48 -3.89 8.34 12.25
N GLN A 49 -2.90 8.50 11.37
CA GLN A 49 -1.76 9.34 11.62
C GLN A 49 -1.83 10.56 10.72
N PHE A 50 -1.47 11.71 11.31
CA PHE A 50 -1.47 13.00 10.64
C PHE A 50 -0.08 13.59 10.71
N ALA A 51 0.24 14.43 9.72
CA ALA A 51 1.52 15.12 9.72
C ALA A 51 1.38 16.40 8.92
N LEU A 52 2.36 17.28 9.07
CA LEU A 52 2.43 18.51 8.30
C LEU A 52 3.53 18.33 7.26
N GLY A 53 3.13 18.11 6.02
CA GLY A 53 4.09 17.86 4.96
C GLY A 53 4.53 19.16 4.30
N GLN A 54 5.80 19.17 3.91
CA GLN A 54 6.42 20.35 3.31
C GLN A 54 6.16 20.47 1.83
N GLY A 55 5.16 19.79 1.30
CA GLY A 55 4.85 19.90 -0.11
C GLY A 55 5.85 19.26 -1.03
N THR A 56 6.57 18.26 -0.57
CA THR A 56 7.56 17.58 -1.41
C THR A 56 7.88 16.22 -0.83
N THR A 57 8.62 15.43 -1.60
CA THR A 57 9.03 14.08 -1.16
C THR A 57 10.52 14.14 -0.83
N LEU A 58 11.06 13.18 -0.09
CA LEU A 58 12.47 13.31 0.36
C LEU A 58 13.41 13.33 -0.83
N ASN A 59 13.22 12.46 -1.81
CA ASN A 59 14.21 12.39 -2.92
C ASN A 59 13.75 13.36 -4.01
N ASN A 60 13.57 14.62 -3.68
CA ASN A 60 13.02 15.62 -4.61
C ASN A 60 13.86 16.87 -4.40
N VAL A 61 14.25 17.52 -5.45
CA VAL A 61 15.06 18.72 -5.41
C VAL A 61 14.49 19.73 -4.43
N HIS A 62 13.16 19.70 -4.23
CA HIS A 62 12.50 20.62 -3.32
C HIS A 62 12.69 20.21 -1.86
N SER A 63 13.24 19.04 -1.60
CA SER A 63 13.51 18.64 -0.19
C SER A 63 14.63 19.51 0.38
N ASN A 64 15.29 20.30 -0.46
CA ASN A 64 16.40 21.19 -0.02
C ASN A 64 15.85 22.25 0.94
N ASN A 65 16.58 22.52 2.02
CA ASN A 65 16.15 23.54 3.02
C ASN A 65 14.71 23.32 3.46
N THR A 66 14.40 22.16 4.07
CA THR A 66 13.04 22.04 4.58
C THR A 66 12.99 22.11 6.11
N VAL A 67 13.86 22.90 6.72
CA VAL A 67 13.86 23.05 8.18
C VAL A 67 12.92 24.14 8.63
N ARG A 68 12.40 24.92 7.67
CA ARG A 68 11.44 26.00 7.96
C ARG A 68 10.09 25.41 8.35
N ASP A 69 9.34 26.11 9.19
CA ASP A 69 8.07 25.59 9.67
C ASP A 69 6.85 26.31 9.08
N ARG A 70 7.03 27.44 8.41
CA ARG A 70 5.90 28.24 7.94
C ARG A 70 6.15 28.60 6.48
N THR A 71 5.66 27.78 5.57
CA THR A 71 5.75 28.01 4.14
C THR A 71 4.37 27.87 3.53
N PRO A 72 4.12 28.50 2.38
CA PRO A 72 2.79 28.39 1.76
C PRO A 72 2.46 27.01 1.26
N TYR A 73 3.33 26.03 1.42
CA TYR A 73 3.19 24.75 0.75
C TYR A 73 2.89 23.61 1.71
N ARG A 74 3.11 23.82 3.01
CA ARG A 74 2.83 22.78 3.98
C ARG A 74 1.35 22.48 4.02
N THR A 75 1.00 21.20 3.98
CA THR A 75 -0.39 20.77 4.08
C THR A 75 -0.50 19.70 5.14
N LEU A 76 -1.73 19.36 5.49
CA LEU A 76 -2.01 18.36 6.51
C LEU A 76 -2.30 17.02 5.85
N LEU A 77 -1.45 16.03 6.11
CA LEU A 77 -1.57 14.70 5.52
C LEU A 77 -2.18 13.74 6.54
N MET A 78 -3.08 12.88 6.04
CA MET A 78 -3.80 11.92 6.87
C MET A 78 -3.76 10.54 6.20
N ASN A 79 -3.18 9.54 6.85
CA ASN A 79 -3.19 8.15 6.33
C ASN A 79 -3.80 7.34 7.45
N GLU A 80 -3.66 6.03 7.44
CA GLU A 80 -4.28 5.16 8.45
C GLU A 80 -3.10 4.66 9.23
N LEU A 81 -3.24 4.57 10.54
CA LEU A 81 -2.02 4.27 11.31
C LEU A 81 -1.33 3.11 10.66
N GLY A 82 -0.12 3.35 10.25
CA GLY A 82 0.69 2.28 9.72
C GLY A 82 1.09 2.50 8.29
N VAL A 83 0.19 3.07 7.49
CA VAL A 83 0.49 3.32 6.08
C VAL A 83 1.47 4.48 6.00
N PRO A 84 2.64 4.31 5.41
CA PRO A 84 3.58 5.42 5.26
C PRO A 84 3.03 6.48 4.31
N PHE A 85 3.53 7.69 4.47
CA PHE A 85 3.06 8.84 3.69
C PHE A 85 3.62 8.72 2.27
N HIS A 86 3.01 7.82 1.49
CA HIS A 86 3.39 7.69 0.11
C HIS A 86 2.67 8.74 -0.72
N LEU A 87 2.83 8.66 -2.05
CA LEU A 87 2.27 9.69 -2.92
C LEU A 87 0.76 9.62 -3.06
N GLY A 88 0.14 8.54 -2.59
CA GLY A 88 -1.31 8.46 -2.57
C GLY A 88 -1.94 9.05 -1.34
N THR A 89 -1.16 9.70 -0.49
CA THR A 89 -1.68 10.25 0.76
C THR A 89 -2.60 11.43 0.48
N LYS A 90 -3.76 11.43 1.12
CA LYS A 90 -4.68 12.55 0.99
C LYS A 90 -4.26 13.66 1.93
N GLN A 91 -4.02 14.84 1.37
CA GLN A 91 -3.68 16.03 2.14
C GLN A 91 -4.93 16.89 2.30
N VAL A 92 -5.36 17.09 3.55
CA VAL A 92 -6.74 17.44 3.84
C VAL A 92 -6.97 18.92 4.04
N CYS A 93 -5.91 19.74 4.06
CA CYS A 93 -6.07 21.18 4.19
C CYS A 93 -4.72 21.83 4.01
N ILE A 94 -4.73 23.13 3.71
CA ILE A 94 -3.53 23.94 3.72
C ILE A 94 -3.29 24.36 5.16
N ALA A 95 -2.14 24.00 5.71
CA ALA A 95 -1.85 24.29 7.11
C ALA A 95 -0.36 24.20 7.36
N TRP A 96 0.19 25.21 8.05
CA TRP A 96 1.44 25.03 8.74
C TRP A 96 1.27 24.92 10.24
N SER A 97 0.03 24.98 10.74
CA SER A 97 -0.26 24.46 12.07
C SER A 97 -1.60 23.73 12.00
N SER A 98 -1.79 22.74 12.87
CA SER A 98 -2.98 21.91 12.69
C SER A 98 -3.39 21.22 13.98
N SER A 99 -4.64 20.78 14.00
CA SER A 99 -5.18 19.91 15.04
C SER A 99 -6.40 19.19 14.48
N SER A 100 -6.75 18.04 15.07
CA SER A 100 -7.80 17.21 14.51
C SER A 100 -8.58 16.46 15.57
N CYS A 101 -9.90 16.43 15.41
CA CYS A 101 -10.84 15.75 16.29
C CYS A 101 -11.67 14.76 15.49
N HIS A 102 -12.30 13.82 16.19
CA HIS A 102 -13.41 13.05 15.67
C HIS A 102 -14.47 12.96 16.76
N ASP A 103 -15.64 13.55 16.50
CA ASP A 103 -16.68 13.64 17.50
C ASP A 103 -17.62 12.44 17.49
N GLY A 104 -17.27 11.38 16.78
CA GLY A 104 -18.12 10.23 16.65
C GLY A 104 -18.98 10.24 15.40
N LYS A 105 -19.05 11.37 14.71
CA LYS A 105 -19.79 11.48 13.46
C LYS A 105 -18.90 11.84 12.28
N ALA A 106 -18.07 12.86 12.41
CA ALA A 106 -17.23 13.30 11.31
C ALA A 106 -15.95 13.89 11.86
N TRP A 107 -14.96 14.01 10.99
CA TRP A 107 -13.67 14.56 11.37
C TRP A 107 -13.72 16.08 11.39
N LEU A 108 -13.02 16.66 12.35
CA LEU A 108 -12.83 18.10 12.42
C LEU A 108 -11.35 18.39 12.28
N HIS A 109 -11.02 19.33 11.39
CA HIS A 109 -9.65 19.75 11.17
C HIS A 109 -9.58 21.25 11.43
N VAL A 110 -8.64 21.67 12.26
CA VAL A 110 -8.30 23.06 12.45
C VAL A 110 -6.96 23.28 11.77
N CYS A 111 -6.93 24.19 10.80
CA CYS A 111 -5.76 24.38 9.95
C CYS A 111 -5.39 25.84 9.92
N ILE A 112 -4.17 26.17 10.32
CA ILE A 112 -3.68 27.55 10.33
C ILE A 112 -2.65 27.71 9.23
N THR A 113 -2.85 28.74 8.40
CA THR A 113 -1.94 29.07 7.30
C THR A 113 -2.01 30.57 7.04
N GLY A 114 -1.18 31.10 6.18
CA GLY A 114 -1.28 32.55 6.00
C GLY A 114 0.05 33.17 6.28
N ASP A 115 0.13 34.49 6.22
CA ASP A 115 1.38 35.19 6.56
C ASP A 115 1.54 35.13 8.07
N ASP A 116 2.77 35.23 8.58
CA ASP A 116 2.99 35.06 10.04
C ASP A 116 2.24 36.15 10.77
N LYS A 117 2.43 37.41 10.38
CA LYS A 117 1.70 38.54 11.02
C LYS A 117 0.18 38.29 10.97
N ASN A 118 -0.44 38.28 9.79
CA ASN A 118 -1.91 38.10 9.67
C ASN A 118 -2.14 36.67 9.20
N ALA A 119 -2.72 35.80 10.02
CA ALA A 119 -2.89 34.37 9.67
C ALA A 119 -4.35 33.97 9.80
N THR A 120 -4.72 32.85 9.16
CA THR A 120 -6.12 32.42 9.15
C THR A 120 -6.20 31.00 9.64
N ALA A 121 -7.19 30.68 10.43
CA ALA A 121 -7.50 29.36 10.95
C ALA A 121 -8.82 28.92 10.34
N SER A 122 -8.78 27.89 9.51
CA SER A 122 -9.95 27.32 8.90
C SER A 122 -10.41 26.12 9.71
N PHE A 123 -11.72 26.03 9.92
CA PHE A 123 -12.33 24.93 10.65
C PHE A 123 -13.18 24.14 9.67
N ILE A 124 -12.76 22.91 9.41
CA ILE A 124 -13.29 22.05 8.36
C ILE A 124 -13.95 20.87 9.05
N TYR A 125 -15.23 20.65 8.78
CA TYR A 125 -15.98 19.58 9.41
C TYR A 125 -16.75 18.83 8.36
N ASN A 126 -16.54 17.51 8.29
CA ASN A 126 -17.25 16.64 7.37
C ASN A 126 -17.01 17.01 5.91
N GLY A 127 -15.80 17.47 5.62
CA GLY A 127 -15.46 17.82 4.26
C GLY A 127 -15.99 19.14 3.78
N ARG A 128 -16.38 20.03 4.69
CA ARG A 128 -16.83 21.36 4.35
C ARG A 128 -15.96 22.34 5.11
N LEU A 129 -15.75 23.52 4.52
CA LEU A 129 -15.13 24.61 5.26
C LEU A 129 -16.24 25.33 6.03
N VAL A 130 -16.37 25.02 7.31
CA VAL A 130 -17.46 25.55 8.10
C VAL A 130 -17.16 26.90 8.72
N ASP A 131 -15.93 27.14 9.18
CA ASP A 131 -15.69 28.41 9.85
C ASP A 131 -14.26 28.87 9.59
N SER A 132 -13.97 30.09 10.06
CA SER A 132 -12.67 30.70 9.85
C SER A 132 -12.46 31.82 10.87
N VAL A 133 -11.23 31.97 11.33
CA VAL A 133 -10.86 32.98 12.30
C VAL A 133 -9.55 33.62 11.88
N VAL A 134 -9.34 34.87 12.29
CA VAL A 134 -8.12 35.59 12.01
C VAL A 134 -7.31 35.72 13.29
N SER A 135 -6.02 36.04 13.14
CA SER A 135 -5.18 36.29 14.29
C SER A 135 -5.75 37.43 15.13
N TRP A 136 -5.81 37.22 16.44
CA TRP A 136 -6.22 38.30 17.33
C TRP A 136 -5.06 39.16 17.78
N SER A 137 -3.89 38.57 17.99
CA SER A 137 -2.71 39.31 18.43
C SER A 137 -1.79 39.71 17.30
N LYS A 138 -2.18 39.43 16.05
CA LYS A 138 -1.38 39.77 14.87
C LYS A 138 0.04 39.24 15.01
N ASP A 139 0.14 37.97 15.35
CA ASP A 139 1.41 37.29 15.48
C ASP A 139 1.24 35.88 14.93
N ILE A 140 2.17 34.99 15.25
CA ILE A 140 2.12 33.64 14.70
C ILE A 140 1.01 32.88 15.43
N LEU A 141 -0.16 32.80 14.81
CA LEU A 141 -1.26 32.00 15.35
C LEU A 141 -0.91 30.53 15.23
N ARG A 142 -1.11 29.78 16.30
CA ARG A 142 -0.67 28.40 16.35
C ARG A 142 -1.57 27.61 17.28
N THR A 143 -1.54 26.28 17.14
CA THR A 143 -2.46 25.41 17.85
C THR A 143 -1.71 24.18 18.33
N GLN A 144 -2.46 23.15 18.71
CA GLN A 144 -1.95 22.08 19.56
C GLN A 144 -0.92 21.21 18.89
N GLU A 145 -0.99 21.05 17.56
CA GLU A 145 -0.19 20.09 16.81
C GLU A 145 -0.46 18.65 17.23
N SER A 146 -1.56 18.41 17.93
CA SER A 146 -2.00 17.06 18.25
C SER A 146 -3.52 17.04 18.20
N GLU A 147 -4.11 15.95 18.67
CA GLU A 147 -5.56 15.82 18.57
C GLU A 147 -6.25 16.75 19.56
N CYS A 148 -7.42 17.22 19.16
CA CYS A 148 -8.34 17.89 20.05
C CYS A 148 -9.40 16.89 20.52
N VAL A 149 -10.24 17.32 21.46
CA VAL A 149 -11.15 16.42 22.16
C VAL A 149 -12.57 16.94 22.05
N CYS A 150 -13.51 16.04 21.71
CA CYS A 150 -14.93 16.36 21.61
C CYS A 150 -15.69 15.56 22.67
N ILE A 151 -16.62 16.22 23.35
CA ILE A 151 -17.49 15.52 24.35
C ILE A 151 -18.91 16.05 24.09
N ASN A 152 -19.86 15.16 23.79
CA ASN A 152 -21.25 15.58 23.45
C ASN A 152 -21.24 16.48 22.21
N GLY A 153 -20.37 16.20 21.23
CA GLY A 153 -20.37 16.96 19.95
C GLY A 153 -19.59 18.26 20.06
N THR A 154 -19.40 18.78 21.26
CA THR A 154 -18.67 20.02 21.47
C THR A 154 -17.18 19.69 21.55
N CYS A 155 -16.42 20.16 20.57
CA CYS A 155 -14.99 19.94 20.53
C CYS A 155 -14.26 21.18 21.04
N THR A 156 -13.06 20.97 21.57
CA THR A 156 -12.31 22.05 22.19
C THR A 156 -10.92 22.12 21.59
N VAL A 157 -10.50 23.33 21.21
CA VAL A 157 -9.20 23.55 20.60
C VAL A 157 -8.50 24.70 21.31
N VAL A 158 -7.25 24.49 21.69
CA VAL A 158 -6.46 25.51 22.37
C VAL A 158 -5.56 26.18 21.35
N MET A 159 -5.68 27.51 21.21
CA MET A 159 -4.93 28.25 20.21
C MET A 159 -4.22 29.43 20.86
N THR A 160 -2.93 29.57 20.57
CA THR A 160 -2.11 30.62 21.15
C THR A 160 -1.72 31.62 20.06
N ASP A 161 -1.60 32.88 20.45
CA ASP A 161 -1.19 33.92 19.52
C ASP A 161 -0.43 34.98 20.30
N GLY A 162 0.81 35.19 19.95
CA GLY A 162 1.50 36.25 20.67
C GLY A 162 2.97 36.06 20.69
N SER A 163 3.62 36.42 21.79
CA SER A 163 5.11 36.40 21.81
C SER A 163 5.64 34.99 21.82
N ALA A 164 6.75 34.76 21.11
CA ALA A 164 7.36 33.42 21.22
C ALA A 164 7.89 33.24 22.64
N SER A 165 8.53 34.28 23.17
CA SER A 165 9.16 34.18 24.50
C SER A 165 8.71 35.40 25.29
N GLY A 166 7.43 35.47 25.59
CA GLY A 166 6.92 36.65 26.29
C GLY A 166 5.51 36.35 26.67
N LYS A 167 4.77 37.34 27.14
CA LYS A 167 3.34 37.06 27.41
C LYS A 167 2.63 36.92 26.07
N ALA A 168 1.73 35.94 25.97
CA ALA A 168 1.02 35.68 24.69
C ALA A 168 -0.44 35.50 25.04
N ASP A 169 -1.36 35.73 24.11
CA ASP A 169 -2.78 35.44 24.41
C ASP A 169 -3.13 34.03 23.97
N THR A 170 -3.83 33.27 24.79
CA THR A 170 -4.25 31.91 24.54
C THR A 170 -5.75 31.85 24.72
N LYS A 171 -6.44 31.18 23.80
CA LYS A 171 -7.87 31.04 23.85
C LYS A 171 -8.24 29.58 23.68
N ILE A 172 -9.40 29.22 24.22
CA ILE A 172 -9.98 27.90 24.07
C ILE A 172 -11.26 28.07 23.28
N LEU A 173 -11.34 27.41 22.13
CA LEU A 173 -12.44 27.53 21.21
C LEU A 173 -13.32 26.31 21.33
N PHE A 174 -14.62 26.53 21.49
CA PHE A 174 -15.61 25.47 21.58
C PHE A 174 -16.40 25.44 20.28
N ILE A 175 -16.24 24.33 19.55
CA ILE A 175 -16.72 24.15 18.19
C ILE A 175 -17.82 23.11 18.18
N GLU A 176 -18.88 23.36 17.41
CA GLU A 176 -19.99 22.43 17.26
C GLU A 176 -20.25 22.21 15.78
N GLU A 177 -19.90 21.02 15.29
CA GLU A 177 -20.07 20.68 13.88
C GLU A 177 -19.31 21.64 12.96
N GLY A 178 -18.13 22.06 13.39
CA GLY A 178 -17.31 22.96 12.63
C GLY A 178 -17.53 24.43 12.92
N LYS A 179 -18.65 24.78 13.50
CA LYS A 179 -18.98 26.17 13.84
C LYS A 179 -18.47 26.47 15.24
N ILE A 180 -17.81 27.62 15.38
CA ILE A 180 -17.29 28.05 16.68
C ILE A 180 -18.45 28.63 17.48
N VAL A 181 -18.88 27.92 18.51
CA VAL A 181 -19.97 28.42 19.32
C VAL A 181 -19.48 29.28 20.47
N HIS A 182 -18.28 29.06 20.98
CA HIS A 182 -17.84 29.90 22.07
C HIS A 182 -16.32 30.03 22.06
N THR A 183 -15.82 31.06 22.73
CA THR A 183 -14.39 31.30 22.83
C THR A 183 -14.08 31.87 24.20
N SER A 184 -13.26 31.16 24.97
CA SER A 184 -12.90 31.57 26.32
C SER A 184 -11.44 31.96 26.36
N THR A 185 -11.16 33.15 26.86
CA THR A 185 -9.77 33.55 27.05
C THR A 185 -9.17 32.77 28.22
N LEU A 186 -7.88 32.44 28.11
CA LEU A 186 -7.24 31.64 29.15
C LEU A 186 -7.12 32.44 30.43
N SER A 187 -7.35 31.78 31.55
CA SER A 187 -7.25 32.40 32.86
C SER A 187 -6.73 31.39 33.86
N GLY A 188 -5.81 31.83 34.70
CA GLY A 188 -5.23 30.97 35.70
C GLY A 188 -3.77 31.31 35.93
N SER A 189 -3.03 30.33 36.43
CA SER A 189 -1.66 30.54 36.85
C SER A 189 -0.63 30.21 35.76
N ALA A 190 -1.06 29.66 34.63
CA ALA A 190 -0.13 29.33 33.56
C ALA A 190 0.13 30.56 32.73
N GLN A 191 1.41 30.93 32.59
CA GLN A 191 1.73 32.18 31.92
C GLN A 191 1.93 31.99 30.42
N HIS A 192 2.73 31.00 30.03
CA HIS A 192 2.93 30.69 28.62
C HIS A 192 2.40 29.29 28.34
N VAL A 193 1.56 29.16 27.32
CA VAL A 193 0.92 27.91 26.98
C VAL A 193 1.04 27.68 25.49
N GLU A 194 1.58 26.54 25.10
CA GLU A 194 1.79 26.21 23.71
C GLU A 194 1.68 24.71 23.51
N GLU A 195 1.30 24.31 22.30
CA GLU A 195 1.39 22.93 21.83
C GLU A 195 0.89 21.95 22.89
N CYS A 196 -0.40 22.05 23.20
CA CYS A 196 -0.99 21.29 24.28
C CYS A 196 -1.36 19.89 23.83
N SER A 197 -1.12 18.92 24.72
CA SER A 197 -1.59 17.55 24.53
C SER A 197 -2.79 17.36 25.43
N CYS A 198 -3.97 17.26 24.83
CA CYS A 198 -5.22 17.23 25.56
C CYS A 198 -5.80 15.83 25.56
N TYR A 199 -6.50 15.50 26.63
CA TYR A 199 -7.16 14.21 26.72
C TYR A 199 -8.47 14.37 27.47
N PRO A 200 -9.46 13.55 27.15
CA PRO A 200 -10.75 13.66 27.83
C PRO A 200 -10.69 13.05 29.22
N ARG A 201 -10.60 13.90 30.23
CA ARG A 201 -10.75 13.49 31.60
C ARG A 201 -12.17 13.81 31.97
N TYR A 202 -13.08 12.91 31.60
CA TYR A 202 -14.49 13.18 31.76
C TYR A 202 -14.77 13.61 33.20
N PRO A 203 -15.50 14.71 33.40
CA PRO A 203 -16.35 15.43 32.45
C PRO A 203 -15.74 16.62 31.72
N GLY A 204 -14.44 16.61 31.48
CA GLY A 204 -13.83 17.76 30.90
C GLY A 204 -12.62 17.33 30.12
N VAL A 205 -11.82 18.32 29.75
CA VAL A 205 -10.62 18.07 28.98
C VAL A 205 -9.44 18.56 29.81
N ARG A 206 -8.38 17.75 29.87
CA ARG A 206 -7.17 18.17 30.56
C ARG A 206 -6.03 18.19 29.57
N CYS A 207 -5.33 19.32 29.50
CA CYS A 207 -4.26 19.50 28.53
C CYS A 207 -2.96 19.77 29.27
N VAL A 208 -1.90 19.11 28.85
CA VAL A 208 -0.56 19.36 29.34
C VAL A 208 0.23 20.00 28.20
N CYS A 209 0.72 21.22 28.43
CA CYS A 209 1.24 22.08 27.39
C CYS A 209 2.75 22.23 27.57
N ARG A 210 3.37 23.11 26.79
CA ARG A 210 4.77 23.45 26.99
C ARG A 210 4.88 24.92 27.38
N ASP A 211 5.82 25.20 28.27
CA ASP A 211 6.14 26.56 28.67
C ASP A 211 7.42 26.96 27.94
N ASN A 212 7.25 27.91 27.05
CA ASN A 212 8.38 28.37 26.23
C ASN A 212 8.97 29.61 26.87
N TRP A 213 8.47 30.03 28.03
CA TRP A 213 8.94 31.31 28.59
C TRP A 213 9.83 31.13 29.83
N LYS A 214 9.22 30.89 30.98
CA LYS A 214 10.05 30.83 32.22
C LYS A 214 9.87 29.52 32.96
N GLY A 215 9.67 28.39 32.28
CA GLY A 215 9.43 27.14 33.01
C GLY A 215 10.04 25.93 32.37
N SER A 216 10.35 24.91 33.17
CA SER A 216 10.83 23.62 32.65
C SER A 216 9.78 22.60 33.04
N ASN A 217 8.77 23.01 33.76
CA ASN A 217 7.64 22.18 34.11
C ASN A 217 6.51 22.40 33.11
N ARG A 218 5.57 21.48 33.10
CA ARG A 218 4.61 21.71 32.04
C ARG A 218 3.35 22.37 32.59
N PRO A 219 2.73 23.27 31.83
CA PRO A 219 1.44 23.84 32.26
C PRO A 219 0.33 22.81 32.14
N ILE A 220 -0.74 23.07 32.88
CA ILE A 220 -1.95 22.26 32.85
C ILE A 220 -3.13 23.17 32.63
N VAL A 221 -3.97 22.85 31.66
CA VAL A 221 -5.19 23.57 31.37
C VAL A 221 -6.36 22.62 31.56
N ASP A 222 -7.23 22.93 32.50
CA ASP A 222 -8.42 22.14 32.76
C ASP A 222 -9.61 22.89 32.18
N ILE A 223 -10.21 22.32 31.13
CA ILE A 223 -11.33 22.91 30.44
C ILE A 223 -12.58 22.18 30.88
N ASN A 224 -13.54 22.87 31.44
CA ASN A 224 -14.79 22.14 31.74
C ASN A 224 -15.68 22.39 30.54
N ILE A 225 -16.03 21.35 29.81
CA ILE A 225 -16.77 21.57 28.55
C ILE A 225 -18.13 22.18 28.83
N LYS A 226 -18.86 21.74 29.85
CA LYS A 226 -20.26 22.25 30.03
C LYS A 226 -20.31 23.75 30.34
N ASP A 227 -19.44 24.26 31.21
CA ASP A 227 -19.51 25.67 31.64
C ASP A 227 -18.40 26.52 31.03
N HIS A 228 -17.63 25.96 30.13
CA HIS A 228 -16.59 26.73 29.40
C HIS A 228 -15.66 27.46 30.36
N SER A 229 -15.46 26.93 31.56
CA SER A 229 -14.61 27.55 32.56
C SER A 229 -13.22 26.93 32.52
N ILE A 230 -12.20 27.76 32.50
CA ILE A 230 -10.83 27.33 32.31
C ILE A 230 -10.07 27.51 33.61
N VAL A 231 -9.26 26.51 33.96
CA VAL A 231 -8.37 26.58 35.12
C VAL A 231 -6.96 26.27 34.63
N SER A 232 -5.97 26.94 35.20
CA SER A 232 -4.59 26.73 34.79
C SER A 232 -3.70 26.53 35.99
N SER A 233 -2.70 25.67 35.83
CA SER A 233 -1.71 25.39 36.87
C SER A 233 -0.47 24.81 36.20
N TYR A 234 0.40 24.20 36.98
CA TYR A 234 1.58 23.54 36.43
C TYR A 234 1.66 22.12 36.94
N VAL A 235 2.32 21.26 36.15
CA VAL A 235 2.54 19.88 36.58
C VAL A 235 3.40 19.88 37.83
N CYS A 236 2.92 19.24 38.88
CA CYS A 236 3.46 19.47 40.20
C CYS A 236 4.68 18.61 40.51
N SER A 237 5.00 17.63 39.67
CA SER A 237 6.05 16.67 39.98
C SER A 237 7.42 17.34 40.00
N GLY A 238 8.29 16.85 40.88
CA GLY A 238 9.63 17.40 40.97
C GLY A 238 10.52 17.03 39.81
N LEU A 239 10.17 15.95 39.10
CA LEU A 239 10.88 15.56 37.89
C LEU A 239 10.19 16.22 36.70
N VAL A 240 10.72 17.33 36.23
CA VAL A 240 10.03 18.10 35.21
C VAL A 240 10.28 17.47 33.83
N GLY A 241 9.37 17.73 32.90
CA GLY A 241 9.46 17.05 31.59
C GLY A 241 9.85 17.87 30.39
N ASP A 242 10.11 19.17 30.52
CA ASP A 242 10.40 19.94 29.30
C ASP A 242 11.87 19.78 29.01
N THR A 243 12.33 20.06 27.80
CA THR A 243 13.78 20.05 27.45
C THR A 243 14.04 21.34 26.71
N PRO A 244 14.92 22.26 27.08
CA PRO A 244 15.91 22.08 28.11
C PRO A 244 15.39 22.05 29.55
N ARG A 245 16.00 21.24 30.42
CA ARG A 245 15.62 21.17 31.84
C ARG A 245 16.88 20.96 32.66
N LYS A 246 16.80 21.11 33.98
CA LYS A 246 17.99 20.96 34.87
C LYS A 246 18.18 19.48 35.25
N ASN A 247 19.28 19.18 35.96
CA ASN A 247 19.55 17.77 36.38
C ASN A 247 18.43 17.26 37.27
N ASP A 248 18.17 15.96 37.26
CA ASP A 248 17.17 15.37 38.19
C ASP A 248 17.60 15.66 39.64
N SER A 249 18.91 15.74 39.91
CA SER A 249 19.41 16.02 41.27
C SER A 249 18.94 17.41 41.65
N SER A 250 18.94 18.35 40.70
CA SER A 250 18.61 19.76 41.06
C SER A 250 17.54 20.32 40.13
N SER A 251 16.32 19.78 40.17
CA SER A 251 15.23 20.31 39.35
C SER A 251 14.15 20.62 40.37
N SER A 252 13.23 21.48 40.01
CA SER A 252 12.19 21.88 40.97
C SER A 252 10.92 22.16 40.21
N SER A 253 9.81 22.28 40.91
CA SER A 253 8.53 22.62 40.28
C SER A 253 7.78 23.52 41.25
N HIS A 254 6.65 24.10 40.84
CA HIS A 254 6.01 25.00 41.82
C HIS A 254 4.56 24.58 42.01
N CYS A 255 4.02 23.83 41.07
CA CYS A 255 2.65 23.33 41.20
C CYS A 255 1.66 24.46 40.99
N LEU A 256 2.14 25.69 40.92
CA LEU A 256 1.37 26.86 40.54
C LEU A 256 2.05 27.75 39.51
N ASP A 257 3.37 27.90 39.59
CA ASP A 257 4.10 28.91 38.85
C ASP A 257 5.26 28.27 38.10
N PRO A 258 5.79 28.95 37.08
CA PRO A 258 7.02 28.45 36.44
C PRO A 258 8.14 28.38 37.45
N ASN A 259 9.02 27.40 37.24
CA ASN A 259 10.14 27.10 38.14
C ASN A 259 11.30 28.03 37.87
N ASN A 260 11.29 28.69 36.73
CA ASN A 260 12.38 29.62 36.35
C ASN A 260 13.68 28.85 36.27
N GLU A 261 13.62 27.63 35.76
CA GLU A 261 14.86 26.83 35.58
C GLU A 261 14.98 26.35 34.15
N GLU A 262 16.01 26.78 33.45
CA GLU A 262 16.26 26.32 32.07
C GLU A 262 14.95 26.35 31.32
N GLY A 263 14.26 27.47 31.32
CA GLY A 263 12.92 27.53 30.72
C GLY A 263 12.91 28.26 29.42
N GLY A 264 14.07 28.46 28.84
CA GLY A 264 14.10 29.27 27.63
C GLY A 264 13.32 28.70 26.48
N HIS A 265 13.50 27.44 26.16
CA HIS A 265 12.79 26.93 24.99
C HIS A 265 11.99 25.75 25.49
N GLY A 266 11.82 24.73 24.66
CA GLY A 266 11.11 23.54 25.15
C GLY A 266 10.85 22.53 24.10
N VAL A 267 10.04 21.52 24.40
CA VAL A 267 9.59 20.55 23.41
C VAL A 267 8.17 20.14 23.77
N LYS A 268 7.36 19.87 22.75
CA LYS A 268 6.01 19.39 22.98
C LYS A 268 6.04 18.00 23.59
N GLY A 269 5.28 17.82 24.66
CA GLY A 269 5.27 16.55 25.35
C GLY A 269 3.93 16.29 25.99
N TRP A 270 3.84 15.29 26.85
CA TRP A 270 2.58 14.89 27.44
C TRP A 270 2.79 14.48 28.88
N ALA A 271 1.67 14.31 29.58
CA ALA A 271 1.58 13.78 30.94
C ALA A 271 0.11 13.62 31.26
N PHE A 272 -0.20 12.63 32.09
CA PHE A 272 -1.54 12.48 32.62
C PHE A 272 -1.44 11.94 34.03
N ASP A 273 -2.57 11.80 34.69
CA ASP A 273 -2.60 11.49 36.11
C ASP A 273 -3.31 10.17 36.37
N ASP A 274 -2.75 9.40 37.28
CA ASP A 274 -3.34 8.16 37.80
C ASP A 274 -3.48 8.36 39.30
N GLY A 275 -4.67 8.76 39.74
CA GLY A 275 -4.85 9.13 41.12
C GLY A 275 -4.02 10.34 41.50
N ASN A 276 -3.09 10.17 42.44
CA ASN A 276 -2.12 11.21 42.76
C ASN A 276 -0.84 11.08 41.97
N ASP A 277 -0.55 9.92 41.40
CA ASP A 277 0.68 9.74 40.66
C ASP A 277 0.52 10.34 39.27
N VAL A 278 1.65 10.64 38.63
CA VAL A 278 1.65 11.20 37.29
C VAL A 278 2.42 10.27 36.36
N TRP A 279 1.79 9.90 35.26
CA TRP A 279 2.46 9.20 34.18
C TRP A 279 2.96 10.23 33.19
N MET A 280 4.26 10.19 32.89
CA MET A 280 4.85 11.22 32.05
C MET A 280 5.91 10.61 31.16
N GLY A 281 6.26 11.36 30.12
CA GLY A 281 7.31 10.97 29.20
C GLY A 281 8.14 12.17 28.81
N ARG A 282 9.43 11.96 28.60
CA ARG A 282 10.35 13.04 28.28
C ARG A 282 11.55 12.48 27.55
N THR A 283 12.40 13.37 27.06
CA THR A 283 13.62 12.91 26.41
C THR A 283 14.63 12.48 27.45
N ILE A 284 15.44 11.48 27.25
CA ILE A 284 16.34 11.10 28.35
C ILE A 284 17.30 12.27 28.58
N ASN A 285 17.68 12.95 27.51
CA ASN A 285 18.61 14.09 27.62
C ASN A 285 17.89 15.30 28.20
N GLU A 286 18.62 16.26 28.75
CA GLU A 286 18.02 17.49 29.33
C GLU A 286 18.44 18.73 28.54
N THR A 287 19.22 18.59 27.49
CA THR A 287 19.62 19.72 26.62
C THR A 287 19.37 19.40 25.13
N SER A 288 19.35 18.12 24.69
CA SER A 288 19.00 17.86 23.31
C SER A 288 17.83 16.88 23.26
N ARG A 289 17.17 16.84 22.11
CA ARG A 289 16.08 15.89 21.91
C ARG A 289 16.66 14.55 21.48
N LEU A 290 17.30 13.89 22.44
CA LEU A 290 17.93 12.59 22.23
C LEU A 290 17.33 11.59 23.20
N GLY A 291 16.79 10.50 22.69
CA GLY A 291 16.19 9.48 23.51
C GLY A 291 14.78 9.84 23.93
N TYR A 292 14.12 8.86 24.55
CA TYR A 292 12.78 9.09 25.08
C TYR A 292 12.46 8.00 26.08
N GLU A 293 12.06 8.42 27.28
CA GLU A 293 11.70 7.52 28.36
C GLU A 293 10.38 7.97 28.96
N THR A 294 9.57 7.01 29.37
CA THR A 294 8.35 7.28 30.13
C THR A 294 8.43 6.60 31.48
N PHE A 295 7.79 7.21 32.47
CA PHE A 295 7.81 6.65 33.82
C PHE A 295 6.64 7.21 34.61
N LYS A 296 6.58 6.85 35.88
CA LYS A 296 5.53 7.25 36.78
C LYS A 296 6.15 7.87 38.01
N VAL A 297 5.73 9.08 38.35
CA VAL A 297 6.18 9.77 39.55
C VAL A 297 5.11 9.64 40.61
N ILE A 298 5.50 9.12 41.77
CA ILE A 298 4.55 8.82 42.83
C ILE A 298 4.19 10.10 43.57
N GLU A 299 2.89 10.37 43.70
CA GLU A 299 2.39 11.62 44.23
C GLU A 299 2.97 12.82 43.47
N GLY A 300 3.08 12.67 42.16
CA GLY A 300 3.66 13.71 41.33
C GLY A 300 2.65 14.69 40.79
N TRP A 301 1.37 14.34 40.85
CA TRP A 301 0.33 15.26 40.43
C TRP A 301 -0.19 16.14 41.55
N SER A 302 0.25 15.90 42.78
CA SER A 302 -0.26 16.64 43.92
C SER A 302 0.84 17.23 44.78
N ASN A 303 2.04 16.66 44.74
CA ASN A 303 3.13 17.05 45.62
C ASN A 303 4.36 17.42 44.81
N PRO A 304 4.83 18.67 44.86
CA PRO A 304 6.19 18.95 44.37
C PRO A 304 7.21 18.31 45.30
N LYS A 305 8.48 18.46 44.98
CA LYS A 305 9.57 17.89 45.77
C LYS A 305 9.51 16.37 45.80
N SER A 306 8.77 15.74 44.90
CA SER A 306 8.68 14.30 44.81
C SER A 306 9.47 13.85 43.59
N LYS A 307 10.45 12.97 43.81
CA LYS A 307 11.32 12.48 42.76
C LYS A 307 11.42 10.97 42.83
N LEU A 308 10.27 10.31 42.94
CA LEU A 308 10.22 8.87 43.17
C LEU A 308 9.59 8.23 41.93
N GLN A 309 10.43 7.85 40.96
CA GLN A 309 9.93 7.19 39.77
C GLN A 309 9.55 5.75 40.06
N THR A 310 8.96 5.12 39.05
CA THR A 310 8.54 3.73 39.08
C THR A 310 8.04 3.39 37.68
N ASN A 311 8.22 2.14 37.27
CA ASN A 311 7.73 1.67 35.97
C ASN A 311 8.35 2.47 34.82
N ARG A 312 9.66 2.68 34.90
CA ARG A 312 10.37 3.38 33.84
C ARG A 312 10.53 2.52 32.61
N GLN A 313 10.39 3.14 31.44
CA GLN A 313 10.56 2.47 30.17
C GLN A 313 11.45 3.32 29.28
N VAL A 314 12.24 2.68 28.43
CA VAL A 314 13.06 3.39 27.46
C VAL A 314 12.50 3.12 26.09
N ILE A 315 11.64 4.01 25.60
CA ILE A 315 11.05 3.86 24.28
C ILE A 315 12.07 4.10 23.17
N VAL A 316 12.89 5.14 23.28
CA VAL A 316 13.94 5.40 22.29
C VAL A 316 15.25 5.55 23.03
N ASP A 317 16.28 4.90 22.51
CA ASP A 317 17.56 4.81 23.20
C ASP A 317 18.18 6.18 23.36
N ARG A 318 19.06 6.29 24.37
CA ARG A 318 19.64 7.57 24.76
C ARG A 318 20.45 8.20 23.64
N GLY A 319 21.07 7.39 22.79
CA GLY A 319 21.88 7.93 21.73
C GLY A 319 21.16 8.25 20.44
N ASP A 320 19.85 8.09 20.40
CA ASP A 320 19.08 8.27 19.18
C ASP A 320 18.16 9.47 19.30
N ARG A 321 17.74 10.00 18.15
CA ARG A 321 17.02 11.26 18.09
C ARG A 321 15.53 11.06 18.26
N SER A 322 14.92 11.96 19.03
CA SER A 322 13.48 12.02 19.23
C SER A 322 13.00 13.43 18.94
N GLY A 323 11.77 13.75 19.32
CA GLY A 323 11.24 15.08 19.08
C GLY A 323 9.93 15.32 19.79
N TYR A 324 8.97 15.90 19.07
CA TYR A 324 7.64 16.10 19.62
C TYR A 324 7.02 14.77 20.02
N SER A 325 6.34 14.74 21.16
CA SER A 325 5.55 13.60 21.55
C SER A 325 4.20 14.06 22.06
N GLY A 326 3.22 13.17 22.02
CA GLY A 326 1.90 13.59 22.42
C GLY A 326 1.03 12.41 22.81
N ILE A 327 -0.13 12.73 23.33
CA ILE A 327 -1.06 11.74 23.88
C ILE A 327 -2.30 11.68 23.02
N PHE A 328 -2.93 10.51 22.99
CA PHE A 328 -4.26 10.36 22.43
C PHE A 328 -4.97 9.22 23.15
N SER A 329 -6.27 9.35 23.33
CA SER A 329 -7.05 8.40 24.10
C SER A 329 -7.88 7.53 23.19
N VAL A 330 -8.00 6.25 23.55
CA VAL A 330 -8.71 5.26 22.77
C VAL A 330 -9.80 4.64 23.64
N GLU A 331 -11.02 4.65 23.15
CA GLU A 331 -12.14 4.10 23.91
C GLU A 331 -12.09 2.59 23.87
N GLY A 332 -11.93 1.96 25.03
CA GLY A 332 -11.91 0.53 25.14
C GLY A 332 -13.29 -0.04 25.41
N LYS A 333 -13.31 -1.31 25.77
CA LYS A 333 -14.58 -1.98 26.04
C LYS A 333 -15.18 -1.54 27.36
N SER A 334 -14.34 -1.34 28.38
CA SER A 334 -14.82 -0.97 29.70
C SER A 334 -14.12 0.24 30.30
N CYS A 335 -13.16 0.83 29.59
CA CYS A 335 -12.43 1.98 30.11
C CYS A 335 -11.76 2.71 28.96
N ILE A 336 -11.12 3.82 29.29
CA ILE A 336 -10.46 4.69 28.32
C ILE A 336 -8.96 4.51 28.46
N ASN A 337 -8.30 4.14 27.37
CA ASN A 337 -6.87 3.86 27.37
C ASN A 337 -6.12 5.09 26.86
N ARG A 338 -4.90 5.27 27.37
CA ARG A 338 -4.04 6.36 26.95
C ARG A 338 -2.89 5.82 26.15
N CYS A 339 -2.64 6.41 24.98
CA CYS A 339 -1.52 6.06 24.14
C CYS A 339 -0.71 7.33 23.89
N PHE A 340 0.55 7.16 23.51
CA PHE A 340 1.36 8.28 23.11
C PHE A 340 2.12 7.95 21.85
N TYR A 341 2.54 9.01 21.17
CA TYR A 341 3.38 8.92 19.99
C TYR A 341 4.62 9.76 20.20
N VAL A 342 5.73 9.31 19.64
CA VAL A 342 6.98 10.02 19.65
C VAL A 342 7.39 10.30 18.21
N GLU A 343 7.81 11.52 17.94
CA GLU A 343 8.32 11.91 16.62
C GLU A 343 9.83 11.84 16.62
N LEU A 344 10.38 11.06 15.71
CA LEU A 344 11.82 10.83 15.60
C LEU A 344 12.33 11.67 14.44
N ILE A 345 12.96 12.79 14.76
CA ILE A 345 13.39 13.77 13.76
C ILE A 345 14.76 13.39 13.23
N ARG A 346 14.94 13.51 11.92
CA ARG A 346 16.20 13.20 11.27
C ARG A 346 16.49 14.23 10.20
N GLY A 347 17.70 14.78 10.21
CA GLY A 347 18.10 15.62 9.12
C GLY A 347 18.75 16.89 9.57
N ARG A 348 18.68 17.96 8.77
CA ARG A 348 19.29 19.30 9.03
C ARG A 348 18.90 19.99 10.33
N LYS A 349 19.72 20.95 10.76
CA LYS A 349 19.62 21.65 12.07
C LYS A 349 20.45 20.87 13.08
N GLU A 350 21.00 19.71 12.71
CA GLU A 350 21.81 18.84 13.60
C GLU A 350 22.64 17.87 12.76
N GLU A 351 22.02 17.01 11.93
CA GLU A 351 22.85 16.05 11.21
C GLU A 351 23.12 16.69 9.85
N THR A 352 24.33 17.20 9.66
CA THR A 352 24.66 18.01 8.50
C THR A 352 25.16 17.19 7.33
N GLU A 353 24.85 15.91 7.28
CA GLU A 353 25.18 15.10 6.11
C GLU A 353 24.03 14.98 5.13
N VAL A 354 22.90 15.65 5.40
CA VAL A 354 21.78 15.72 4.46
C VAL A 354 21.27 17.15 4.44
N LEU A 355 20.55 17.48 3.38
CA LEU A 355 20.00 18.82 3.21
C LEU A 355 18.55 18.94 3.63
N TRP A 356 17.92 17.85 4.06
CA TRP A 356 16.50 17.84 4.37
C TRP A 356 16.28 17.60 5.85
N THR A 357 15.04 17.84 6.27
CA THR A 357 14.58 17.50 7.62
C THR A 357 13.26 16.75 7.50
N SER A 358 13.18 15.57 8.10
CA SER A 358 11.90 14.85 8.13
C SER A 358 11.78 14.11 9.46
N ASN A 359 10.74 13.35 9.65
CA ASN A 359 10.47 12.65 10.92
C ASN A 359 9.89 11.28 10.64
N SER A 360 9.96 10.38 11.60
CA SER A 360 9.25 9.10 11.54
C SER A 360 8.37 9.16 12.81
N ILE A 361 7.57 8.17 13.13
CA ILE A 361 6.75 8.16 14.32
C ILE A 361 6.82 6.78 14.94
N VAL A 362 6.74 6.71 16.27
CA VAL A 362 6.62 5.44 16.98
C VAL A 362 5.52 5.59 18.02
N VAL A 363 4.61 4.62 18.07
CA VAL A 363 3.37 4.74 18.83
C VAL A 363 3.31 3.62 19.85
N PHE A 364 3.01 3.98 21.10
CA PHE A 364 2.83 3.06 22.22
C PHE A 364 1.48 3.30 22.86
N CYS A 365 0.92 2.26 23.47
CA CYS A 365 -0.35 2.35 24.20
C CYS A 365 -0.24 1.73 25.57
N GLY A 366 -1.03 2.25 26.51
CA GLY A 366 -0.99 1.73 27.86
C GLY A 366 -1.54 0.33 27.95
N THR A 367 -1.05 -0.41 28.96
CA THR A 367 -1.43 -1.80 29.11
C THR A 367 -1.61 -2.12 30.59
N SER A 368 -2.56 -3.01 30.87
CA SER A 368 -2.74 -3.54 32.21
C SER A 368 -2.00 -4.85 32.43
N GLY A 369 -1.37 -5.39 31.39
CA GLY A 369 -0.58 -6.58 31.49
C GLY A 369 0.87 -6.26 31.74
N THR A 370 1.74 -7.18 31.37
CA THR A 370 3.17 -7.04 31.56
C THR A 370 3.84 -6.69 30.24
N TYR A 371 5.10 -6.29 30.33
CA TYR A 371 5.84 -5.84 29.16
C TYR A 371 7.32 -6.04 29.42
N GLY A 372 8.10 -5.98 28.35
CA GLY A 372 9.54 -6.16 28.47
C GLY A 372 10.31 -4.88 28.23
N THR A 373 11.54 -5.01 27.73
CA THR A 373 12.37 -3.88 27.39
C THR A 373 12.65 -3.88 25.90
N GLY A 374 13.17 -2.77 25.41
CA GLY A 374 13.49 -2.65 24.01
C GLY A 374 13.91 -1.23 23.69
N SER A 375 14.10 -0.98 22.41
CA SER A 375 14.38 0.36 21.92
C SER A 375 14.05 0.37 20.44
N TRP A 376 13.28 1.36 20.00
CA TRP A 376 12.77 1.43 18.64
C TRP A 376 13.14 2.76 18.02
N PRO A 377 14.37 2.91 17.56
CA PRO A 377 14.83 4.18 16.98
C PRO A 377 14.23 4.34 15.59
N ASP A 378 14.63 5.42 14.93
CA ASP A 378 14.27 5.56 13.51
C ASP A 378 15.03 4.55 12.67
N GLY A 379 16.35 4.48 12.76
CA GLY A 379 17.04 3.42 12.05
C GLY A 379 17.59 3.78 10.71
N ALA A 380 17.33 4.98 10.25
CA ALA A 380 17.75 5.39 8.92
C ALA A 380 19.25 5.62 8.98
N ASP A 381 19.99 5.28 7.93
CA ASP A 381 21.43 5.61 7.92
C ASP A 381 21.61 6.76 6.94
N LEU A 382 21.90 7.96 7.43
CA LEU A 382 21.94 9.17 6.57
C LEU A 382 23.29 9.26 5.86
N ASN A 383 24.29 8.49 6.27
CA ASN A 383 25.54 8.51 5.53
C ASN A 383 25.40 7.91 4.14
N LEU A 384 24.40 7.05 3.93
CA LEU A 384 24.20 6.41 2.65
C LEU A 384 23.01 6.94 1.89
N MET A 385 22.06 7.58 2.55
CA MET A 385 20.90 8.11 1.87
C MET A 385 21.28 9.28 0.97
N PRO A 386 20.48 9.53 -0.06
CA PRO A 386 20.72 10.71 -0.90
C PRO A 386 20.62 12.00 -0.10
N ILE A 387 21.48 12.95 -0.43
CA ILE A 387 21.55 14.23 0.25
C ILE A 387 20.26 15.02 0.05
N GLU B 1 -22.45 -13.90 14.01
CA GLU B 1 -21.32 -13.04 13.69
C GLU B 1 -20.00 -13.75 14.01
N TYR B 2 -19.89 -14.32 15.20
CA TYR B 2 -18.73 -15.13 15.52
C TYR B 2 -18.61 -16.30 14.56
N ARG B 3 -17.41 -16.89 14.51
CA ARG B 3 -17.13 -18.00 13.55
C ARG B 3 -16.76 -19.27 14.32
N ASN B 4 -17.55 -20.36 14.16
CA ASN B 4 -17.31 -21.59 14.95
C ASN B 4 -16.81 -22.78 14.10
N TRP B 5 -16.52 -22.59 12.82
CA TRP B 5 -15.97 -23.68 11.97
C TRP B 5 -16.71 -24.99 12.27
N SER B 6 -18.05 -25.00 12.27
CA SER B 6 -18.79 -26.19 12.64
C SER B 6 -18.94 -27.19 11.50
N LYS B 7 -18.72 -26.79 10.26
CA LYS B 7 -18.99 -27.66 9.13
C LYS B 7 -17.94 -28.76 9.04
N PRO B 8 -18.23 -29.84 8.31
CA PRO B 8 -17.24 -30.92 8.14
C PRO B 8 -16.03 -30.46 7.33
N GLN B 9 -15.08 -31.36 7.11
CA GLN B 9 -13.94 -31.06 6.28
C GLN B 9 -14.23 -31.46 4.84
N CYS B 10 -13.83 -30.61 3.90
CA CYS B 10 -14.11 -30.85 2.50
C CYS B 10 -13.35 -32.07 2.02
N GLY B 11 -13.92 -32.78 1.04
CA GLY B 11 -13.22 -33.91 0.44
C GLY B 11 -12.05 -33.42 -0.38
N ILE B 12 -10.85 -33.89 -0.05
CA ILE B 12 -9.64 -33.39 -0.68
C ILE B 12 -8.96 -34.54 -1.42
N THR B 13 -8.79 -34.38 -2.73
CA THR B 13 -8.01 -35.29 -3.55
C THR B 13 -6.70 -34.68 -4.01
N GLY B 14 -6.43 -33.45 -3.62
CA GLY B 14 -5.27 -32.74 -4.10
C GLY B 14 -5.50 -31.25 -3.95
N PHE B 15 -4.54 -30.48 -4.44
CA PHE B 15 -4.55 -29.05 -4.28
C PHE B 15 -4.41 -28.37 -5.64
N ALA B 16 -5.11 -27.27 -5.81
CA ALA B 16 -5.11 -26.54 -7.06
C ALA B 16 -4.50 -25.15 -6.88
N PRO B 17 -3.89 -24.58 -7.92
CA PRO B 17 -3.24 -23.28 -7.77
C PRO B 17 -4.23 -22.20 -7.37
N PHE B 18 -3.81 -21.34 -6.47
CA PHE B 18 -4.73 -20.30 -6.03
C PHE B 18 -4.17 -18.90 -6.15
N SER B 19 -2.89 -18.70 -5.83
CA SER B 19 -2.36 -17.34 -5.88
C SER B 19 -0.85 -17.35 -5.98
N LYS B 20 -0.31 -16.23 -6.47
CA LYS B 20 1.11 -16.00 -6.62
C LYS B 20 1.33 -14.50 -6.60
N ASP B 21 2.38 -14.05 -5.91
CA ASP B 21 2.58 -12.61 -5.75
C ASP B 21 3.69 -12.02 -6.60
N ASN B 22 4.65 -12.82 -7.05
CA ASN B 22 5.73 -12.34 -7.92
C ASN B 22 6.46 -11.15 -7.31
N SER B 23 6.73 -11.23 -6.01
CA SER B 23 7.29 -10.07 -5.31
C SER B 23 8.69 -9.75 -5.79
N ILE B 24 9.56 -10.76 -5.91
CA ILE B 24 10.94 -10.48 -6.26
C ILE B 24 11.05 -10.01 -7.71
N ARG B 25 10.23 -10.57 -8.60
CA ARG B 25 10.26 -10.15 -9.99
C ARG B 25 9.83 -8.70 -10.14
N LEU B 26 8.82 -8.28 -9.38
CA LEU B 26 8.41 -6.88 -9.41
C LEU B 26 9.38 -5.97 -8.68
N SER B 27 10.14 -6.50 -7.73
CA SER B 27 11.07 -5.67 -6.98
C SER B 27 12.21 -5.13 -7.83
N ALA B 28 12.49 -5.77 -8.97
CA ALA B 28 13.56 -5.28 -9.83
C ALA B 28 13.22 -3.91 -10.40
N GLY B 29 11.96 -3.70 -10.78
CA GLY B 29 11.50 -2.37 -11.12
C GLY B 29 10.27 -2.02 -10.32
N GLY B 30 10.40 -1.06 -9.42
CA GLY B 30 9.34 -0.73 -8.48
C GLY B 30 9.80 -0.87 -7.05
N ASP B 31 9.00 -0.28 -6.16
CA ASP B 31 9.31 -0.23 -4.74
C ASP B 31 8.47 -1.28 -4.02
N ILE B 32 9.12 -2.35 -3.59
CA ILE B 32 8.45 -3.48 -2.94
C ILE B 32 9.15 -3.74 -1.62
N TRP B 33 8.36 -4.03 -0.59
CA TRP B 33 8.91 -4.28 0.74
C TRP B 33 9.79 -5.50 0.74
N VAL B 34 10.85 -5.46 1.54
CA VAL B 34 11.66 -6.64 1.85
C VAL B 34 10.99 -7.36 3.00
N THR B 35 10.57 -8.60 2.77
CA THR B 35 9.80 -9.35 3.75
C THR B 35 10.42 -10.71 3.96
N ARG B 36 9.86 -11.43 4.92
CA ARG B 36 10.08 -12.85 5.13
C ARG B 36 9.08 -13.32 6.17
N GLU B 37 8.96 -14.64 6.32
CA GLU B 37 8.00 -15.27 7.21
C GLU B 37 6.58 -14.83 6.90
N PRO B 38 6.02 -15.20 5.76
CA PRO B 38 4.67 -14.77 5.41
C PRO B 38 3.64 -15.81 5.86
N TYR B 39 2.37 -15.44 5.71
CA TYR B 39 1.27 -16.39 5.87
C TYR B 39 0.02 -15.79 5.26
N VAL B 40 -1.06 -16.55 5.31
CA VAL B 40 -2.35 -16.16 4.74
C VAL B 40 -3.43 -16.42 5.76
N SER B 41 -4.43 -15.53 5.82
CA SER B 41 -5.59 -15.70 6.67
C SER B 41 -6.77 -15.02 6.02
N CYS B 42 -7.98 -15.54 6.25
CA CYS B 42 -9.16 -15.03 5.56
C CYS B 42 -10.23 -14.61 6.54
N ASP B 43 -10.78 -13.42 6.35
CA ASP B 43 -12.03 -13.05 7.01
C ASP B 43 -13.18 -13.65 6.18
N PRO B 44 -14.42 -13.65 6.72
CA PRO B 44 -15.49 -14.38 6.02
C PRO B 44 -15.75 -13.95 4.59
N ASP B 45 -15.08 -12.90 4.11
CA ASP B 45 -15.29 -12.41 2.75
C ASP B 45 -14.15 -12.78 1.80
N LYS B 46 -12.92 -12.41 2.12
CA LYS B 46 -11.79 -12.64 1.22
C LYS B 46 -10.58 -13.01 2.07
N CYS B 47 -9.44 -13.16 1.40
CA CYS B 47 -8.22 -13.62 2.05
C CYS B 47 -7.14 -12.55 1.97
N TYR B 48 -6.30 -12.54 2.98
CA TYR B 48 -5.24 -11.56 3.17
C TYR B 48 -3.92 -12.27 3.33
N GLN B 49 -2.86 -11.62 2.87
CA GLN B 49 -1.51 -12.10 3.07
C GLN B 49 -0.79 -11.19 4.05
N PHE B 50 -0.02 -11.80 4.94
CA PHE B 50 0.75 -11.12 5.97
C PHE B 50 2.22 -11.48 5.80
N ALA B 51 3.08 -10.57 6.24
CA ALA B 51 4.52 -10.83 6.22
C ALA B 51 5.19 -9.99 7.27
N LEU B 52 6.43 -10.33 7.58
CA LEU B 52 7.25 -9.56 8.50
C LEU B 52 8.27 -8.79 7.67
N GLY B 53 8.03 -7.50 7.52
CA GLY B 53 8.91 -6.69 6.70
C GLY B 53 10.06 -6.11 7.51
N GLN B 54 11.21 -6.00 6.85
CA GLN B 54 12.43 -5.53 7.49
C GLN B 54 12.54 -4.02 7.53
N GLY B 55 11.43 -3.30 7.35
CA GLY B 55 11.48 -1.85 7.42
C GLY B 55 12.17 -1.20 6.26
N THR B 56 12.20 -1.83 5.10
CA THR B 56 12.84 -1.23 3.94
C THR B 56 12.32 -1.91 2.68
N THR B 57 12.54 -1.26 1.55
CA THR B 57 12.25 -1.84 0.24
C THR B 57 13.49 -2.56 -0.27
N LEU B 58 13.37 -3.17 -1.45
CA LEU B 58 14.48 -3.97 -1.94
C LEU B 58 15.51 -3.15 -2.70
N ASN B 59 15.07 -2.21 -3.53
CA ASN B 59 15.99 -1.28 -4.20
C ASN B 59 16.32 -0.13 -3.25
N ASN B 60 16.96 -0.48 -2.15
CA ASN B 60 17.17 0.42 -1.03
C ASN B 60 18.56 0.17 -0.45
N VAL B 61 19.17 1.23 0.08
CA VAL B 61 20.47 1.04 0.72
C VAL B 61 20.31 0.24 2.00
N HIS B 62 19.15 0.34 2.65
CA HIS B 62 18.88 -0.40 3.88
C HIS B 62 18.58 -1.86 3.64
N SER B 63 18.40 -2.25 2.37
CA SER B 63 18.11 -3.67 2.03
C SER B 63 19.36 -4.52 2.28
N ASN B 64 20.54 -3.95 2.44
CA ASN B 64 21.70 -4.83 2.71
C ASN B 64 21.54 -5.45 4.07
N ASN B 65 22.20 -6.56 4.34
CA ASN B 65 22.20 -7.18 5.70
C ASN B 65 20.79 -7.34 6.24
N THR B 66 19.89 -7.95 5.49
CA THR B 66 18.52 -8.18 6.01
C THR B 66 18.31 -9.67 6.31
N VAL B 67 19.40 -10.42 6.51
CA VAL B 67 19.21 -11.83 6.82
C VAL B 67 18.89 -12.06 8.30
N ARG B 68 19.02 -11.00 9.12
CA ARG B 68 18.72 -11.09 10.57
C ARG B 68 17.22 -11.08 10.79
N ASP B 69 16.75 -11.76 11.81
CA ASP B 69 15.34 -11.96 12.05
C ASP B 69 14.77 -11.10 13.18
N ARG B 70 15.62 -10.47 13.98
CA ARG B 70 15.15 -9.74 15.16
C ARG B 70 15.81 -8.36 15.16
N THR B 71 15.14 -7.39 14.57
CA THR B 71 15.59 -6.00 14.54
C THR B 71 14.45 -5.11 15.01
N PRO B 72 14.76 -3.92 15.52
CA PRO B 72 13.71 -3.02 16.00
C PRO B 72 12.81 -2.49 14.90
N TYR B 73 13.03 -2.88 13.65
CA TYR B 73 12.37 -2.22 12.53
C TYR B 73 11.38 -3.11 11.82
N ARG B 74 11.43 -4.42 12.06
CA ARG B 74 10.51 -5.34 11.42
C ARG B 74 9.10 -5.06 11.90
N THR B 75 8.17 -4.98 10.96
CA THR B 75 6.76 -4.78 11.28
C THR B 75 5.93 -5.81 10.54
N LEU B 76 4.65 -5.89 10.91
CA LEU B 76 3.74 -6.85 10.31
C LEU B 76 2.94 -6.16 9.21
N LEU B 77 3.10 -6.63 7.98
CA LEU B 77 2.44 -6.08 6.80
C LEU B 77 1.26 -6.94 6.41
N MET B 78 0.16 -6.29 6.04
CA MET B 78 -1.09 -6.95 5.66
C MET B 78 -1.63 -6.35 4.39
N ASN B 79 -1.81 -7.18 3.35
CA ASN B 79 -2.60 -6.80 2.19
C ASN B 79 -3.65 -7.85 1.90
N GLU B 80 -4.49 -7.55 0.92
CA GLU B 80 -5.35 -8.56 0.33
C GLU B 80 -4.50 -9.58 -0.40
N LEU B 81 -5.01 -10.80 -0.48
CA LEU B 81 -4.27 -11.85 -1.16
C LEU B 81 -4.13 -11.50 -2.63
N GLY B 82 -2.91 -11.27 -3.07
CA GLY B 82 -2.67 -10.96 -4.46
C GLY B 82 -1.97 -9.64 -4.66
N VAL B 83 -2.29 -8.66 -3.84
CA VAL B 83 -1.66 -7.35 -3.95
C VAL B 83 -0.24 -7.44 -3.42
N PRO B 84 0.77 -7.13 -4.23
CA PRO B 84 2.14 -7.17 -3.75
C PRO B 84 2.39 -6.09 -2.70
N PHE B 85 3.40 -6.33 -1.87
CA PHE B 85 3.72 -5.44 -0.75
C PHE B 85 4.37 -4.18 -1.31
N HIS B 86 3.54 -3.31 -1.89
CA HIS B 86 4.05 -2.04 -2.37
C HIS B 86 4.12 -1.05 -1.22
N LEU B 87 4.45 0.20 -1.53
CA LEU B 87 4.66 1.20 -0.49
C LEU B 87 3.36 1.67 0.15
N GLY B 88 2.21 1.32 -0.40
CA GLY B 88 0.94 1.61 0.24
C GLY B 88 0.49 0.57 1.22
N THR B 89 1.33 -0.42 1.51
CA THR B 89 0.95 -1.51 2.40
C THR B 89 0.81 -1.00 3.83
N LYS B 90 -0.28 -1.37 4.48
CA LYS B 90 -0.48 -1.03 5.88
C LYS B 90 0.28 -2.00 6.75
N GLN B 91 1.18 -1.48 7.58
CA GLN B 91 1.91 -2.27 8.54
C GLN B 91 1.27 -2.13 9.92
N VAL B 92 0.80 -3.25 10.46
CA VAL B 92 -0.25 -3.22 11.47
C VAL B 92 0.27 -3.33 12.89
N CYS B 93 1.57 -3.57 13.09
CA CYS B 93 2.14 -3.63 14.42
C CYS B 93 3.65 -3.74 14.30
N ILE B 94 4.34 -3.40 15.39
CA ILE B 94 5.77 -3.66 15.50
C ILE B 94 5.93 -5.11 15.94
N ALA B 95 6.62 -5.90 15.14
CA ALA B 95 6.76 -7.32 15.43
C ALA B 95 7.93 -7.91 14.66
N TRP B 96 8.79 -8.66 15.35
CA TRP B 96 9.63 -9.62 14.66
C TRP B 96 9.15 -11.05 14.86
N SER B 97 8.05 -11.26 15.58
CA SER B 97 7.31 -12.51 15.45
C SER B 97 5.82 -12.17 15.46
N SER B 98 5.00 -13.00 14.81
CA SER B 98 3.62 -12.58 14.66
C SER B 98 2.69 -13.77 14.43
N SER B 99 1.40 -13.51 14.67
CA SER B 99 0.33 -14.43 14.32
C SER B 99 -0.96 -13.64 14.21
N SER B 100 -1.94 -14.16 13.48
CA SER B 100 -3.16 -13.40 13.19
C SER B 100 -4.38 -14.29 13.06
N CYS B 101 -5.48 -13.84 13.65
CA CYS B 101 -6.78 -14.51 13.65
C CYS B 101 -7.83 -13.57 13.10
N HIS B 102 -8.96 -14.14 12.68
CA HIS B 102 -10.20 -13.41 12.50
C HIS B 102 -11.33 -14.23 13.09
N ASP B 103 -11.97 -13.71 14.12
CA ASP B 103 -12.99 -14.45 14.85
C ASP B 103 -14.38 -14.28 14.26
N GLY B 104 -14.50 -13.69 13.08
CA GLY B 104 -15.78 -13.40 12.49
C GLY B 104 -16.27 -12.00 12.75
N LYS B 105 -15.64 -11.27 13.67
CA LYS B 105 -15.99 -9.89 13.96
C LYS B 105 -14.85 -8.93 13.69
N ALA B 106 -13.65 -9.22 14.17
CA ALA B 106 -12.53 -8.30 14.01
C ALA B 106 -11.25 -9.12 13.95
N TRP B 107 -10.19 -8.49 13.46
CA TRP B 107 -8.89 -9.11 13.36
C TRP B 107 -8.17 -9.10 14.70
N LEU B 108 -7.46 -10.17 14.98
CA LEU B 108 -6.59 -10.25 16.15
C LEU B 108 -5.16 -10.42 15.66
N HIS B 109 -4.25 -9.61 16.19
CA HIS B 109 -2.83 -9.69 15.86
C HIS B 109 -2.07 -9.91 17.14
N VAL B 110 -1.21 -10.92 17.15
CA VAL B 110 -0.26 -11.15 18.22
C VAL B 110 1.10 -10.77 17.67
N CYS B 111 1.77 -9.82 18.31
CA CYS B 111 3.00 -9.24 17.79
C CYS B 111 4.06 -9.25 18.87
N ILE B 112 5.19 -9.90 18.60
CA ILE B 112 6.28 -9.98 19.55
C ILE B 112 7.44 -9.14 19.04
N THR B 113 7.94 -8.25 19.92
CA THR B 113 9.06 -7.38 19.63
C THR B 113 9.81 -7.07 20.91
N GLY B 114 11.00 -6.50 20.78
CA GLY B 114 11.77 -6.10 21.94
C GLY B 114 13.11 -6.80 22.08
N ASP B 115 13.69 -6.74 23.27
CA ASP B 115 14.98 -7.38 23.51
C ASP B 115 14.84 -8.89 23.49
N ASP B 116 15.87 -9.57 23.03
CA ASP B 116 15.70 -11.03 22.91
C ASP B 116 15.33 -11.53 24.29
N LYS B 117 16.21 -11.34 25.26
CA LYS B 117 15.96 -11.85 26.65
C LYS B 117 14.60 -11.33 27.13
N ASN B 118 14.46 -10.04 27.37
CA ASN B 118 13.17 -9.48 27.84
C ASN B 118 12.40 -9.00 26.63
N ALA B 119 11.29 -9.65 26.26
CA ALA B 119 10.53 -9.29 25.05
C ALA B 119 9.07 -9.01 25.39
N THR B 120 8.29 -8.51 24.44
CA THR B 120 6.91 -8.13 24.72
C THR B 120 6.02 -8.65 23.61
N ALA B 121 4.89 -9.24 23.99
CA ALA B 121 3.87 -9.71 23.06
C ALA B 121 2.64 -8.84 23.25
N SER B 122 2.30 -8.06 22.23
CA SER B 122 1.12 -7.22 22.22
C SER B 122 -0.01 -7.94 21.52
N PHE B 123 -1.20 -7.86 22.11
CA PHE B 123 -2.39 -8.46 21.56
C PHE B 123 -3.34 -7.34 21.16
N ILE B 124 -3.55 -7.21 19.86
CA ILE B 124 -4.26 -6.10 19.25
C ILE B 124 -5.53 -6.64 18.63
N TYR B 125 -6.67 -6.10 19.04
CA TYR B 125 -7.96 -6.58 18.56
C TYR B 125 -8.81 -5.40 18.15
N ASN B 126 -9.27 -5.41 16.91
CA ASN B 126 -10.16 -4.38 16.38
C ASN B 126 -9.50 -3.01 16.39
N GLY B 127 -8.21 -2.97 16.15
CA GLY B 127 -7.49 -1.71 16.11
C GLY B 127 -7.19 -1.10 17.45
N ARG B 128 -7.24 -1.88 18.52
CA ARG B 128 -6.89 -1.41 19.85
C ARG B 128 -5.79 -2.32 20.37
N LEU B 129 -4.91 -1.77 21.21
CA LEU B 129 -3.97 -2.60 21.94
C LEU B 129 -4.67 -3.08 23.20
N VAL B 130 -5.17 -4.31 23.16
CA VAL B 130 -5.97 -4.84 24.25
C VAL B 130 -5.13 -5.47 25.36
N ASP B 131 -4.06 -6.18 25.04
CA ASP B 131 -3.34 -6.86 26.09
C ASP B 131 -1.85 -6.92 25.77
N SER B 132 -1.07 -7.40 26.74
CA SER B 132 0.37 -7.48 26.59
C SER B 132 0.92 -8.48 27.59
N VAL B 133 1.96 -9.20 27.18
CA VAL B 133 2.61 -10.21 28.00
C VAL B 133 4.12 -10.06 27.86
N VAL B 134 4.85 -10.48 28.89
CA VAL B 134 6.31 -10.45 28.88
C VAL B 134 6.82 -11.88 28.77
N SER B 135 8.09 -12.01 28.39
CA SER B 135 8.74 -13.32 28.35
C SER B 135 8.67 -13.98 29.72
N TRP B 136 8.29 -15.25 29.74
CA TRP B 136 8.33 -15.99 30.99
C TRP B 136 9.66 -16.67 31.23
N SER B 137 10.32 -17.15 30.18
CA SER B 137 11.60 -17.83 30.30
C SER B 137 12.78 -16.90 30.04
N LYS B 138 12.55 -15.61 29.83
CA LYS B 138 13.60 -14.63 29.57
C LYS B 138 14.51 -15.09 28.44
N ASP B 139 13.89 -15.46 27.33
CA ASP B 139 14.59 -15.89 26.15
C ASP B 139 13.83 -15.35 24.94
N ILE B 140 14.12 -15.90 23.76
CA ILE B 140 13.49 -15.38 22.55
C ILE B 140 12.04 -15.85 22.53
N LEU B 141 11.12 -15.00 22.95
CA LEU B 141 9.70 -15.30 22.87
C LEU B 141 9.27 -15.30 21.41
N ARG B 142 8.52 -16.32 21.00
CA ARG B 142 8.19 -16.50 19.61
C ARG B 142 6.86 -17.22 19.48
N THR B 143 6.25 -17.12 18.30
CA THR B 143 4.90 -17.64 18.10
C THR B 143 4.83 -18.31 16.73
N GLN B 144 3.60 -18.53 16.26
CA GLN B 144 3.35 -19.51 15.21
C GLN B 144 3.91 -19.09 13.85
N GLU B 145 3.99 -17.79 13.59
CA GLU B 145 4.32 -17.26 12.27
C GLU B 145 3.29 -17.64 11.22
N SER B 146 2.11 -18.08 11.63
CA SER B 146 1.01 -18.33 10.72
C SER B 146 -0.28 -17.95 11.44
N GLU B 147 -1.42 -18.30 10.85
CA GLU B 147 -2.68 -17.90 11.43
C GLU B 147 -2.97 -18.68 12.69
N CYS B 148 -3.66 -18.03 13.62
CA CYS B 148 -4.26 -18.67 14.77
C CYS B 148 -5.73 -18.93 14.48
N VAL B 149 -6.39 -19.65 15.39
CA VAL B 149 -7.75 -20.16 15.15
C VAL B 149 -8.67 -19.71 16.28
N CYS B 150 -9.84 -19.20 15.92
CA CYS B 150 -10.87 -18.79 16.86
C CYS B 150 -12.09 -19.68 16.68
N ILE B 151 -12.68 -20.11 17.80
CA ILE B 151 -13.93 -20.86 17.80
C ILE B 151 -14.86 -20.25 18.83
N ASN B 152 -16.02 -19.75 18.38
CA ASN B 152 -17.00 -19.05 19.21
C ASN B 152 -16.40 -17.86 19.94
N GLY B 153 -15.49 -17.14 19.32
CA GLY B 153 -14.92 -15.94 19.92
C GLY B 153 -13.67 -16.18 20.74
N THR B 154 -13.36 -17.42 21.09
CA THR B 154 -12.15 -17.75 21.83
C THR B 154 -11.09 -18.15 20.83
N CYS B 155 -10.02 -17.36 20.74
CA CYS B 155 -8.92 -17.64 19.84
C CYS B 155 -7.77 -18.26 20.63
N THR B 156 -6.96 -19.05 19.93
CA THR B 156 -5.89 -19.79 20.58
C THR B 156 -4.56 -19.51 19.88
N VAL B 157 -3.54 -19.20 20.67
CA VAL B 157 -2.22 -18.88 20.14
C VAL B 157 -1.17 -19.71 20.89
N VAL B 158 -0.29 -20.35 20.15
CA VAL B 158 0.77 -21.16 20.73
C VAL B 158 2.06 -20.35 20.74
N MET B 159 2.64 -20.16 21.92
CA MET B 159 3.83 -19.33 22.07
C MET B 159 4.91 -20.09 22.82
N THR B 160 6.12 -20.09 22.27
CA THR B 160 7.24 -20.81 22.86
C THR B 160 8.27 -19.81 23.38
N ASP B 161 8.95 -20.19 24.46
CA ASP B 161 9.98 -19.35 25.04
C ASP B 161 11.02 -20.24 25.69
N GLY B 162 12.25 -20.12 25.27
CA GLY B 162 13.31 -20.92 25.85
C GLY B 162 14.30 -21.34 24.77
N SER B 163 15.25 -22.19 25.11
CA SER B 163 16.20 -22.51 24.03
C SER B 163 15.83 -23.84 23.41
N ALA B 164 16.26 -24.08 22.16
CA ALA B 164 16.05 -25.42 21.58
C ALA B 164 16.93 -26.38 22.37
N SER B 165 18.19 -25.99 22.54
CA SER B 165 19.14 -26.86 23.27
C SER B 165 18.96 -26.56 24.75
N GLY B 166 17.77 -26.83 25.29
CA GLY B 166 17.52 -26.42 26.68
C GLY B 166 16.07 -26.60 27.00
N LYS B 167 15.61 -26.01 28.11
CA LYS B 167 14.22 -26.26 28.51
C LYS B 167 13.33 -25.17 27.90
N ALA B 168 12.43 -25.57 27.01
CA ALA B 168 11.56 -24.59 26.34
C ALA B 168 10.16 -24.67 26.91
N ASP B 169 9.68 -23.60 27.48
CA ASP B 169 8.31 -23.48 27.97
C ASP B 169 7.41 -23.05 26.84
N THR B 170 6.48 -23.92 26.46
CA THR B 170 5.48 -23.61 25.46
C THR B 170 4.14 -23.46 26.16
N LYS B 171 3.40 -22.43 25.80
CA LYS B 171 2.11 -22.16 26.39
C LYS B 171 1.09 -21.96 25.29
N ILE B 172 -0.16 -22.23 25.62
CA ILE B 172 -1.29 -21.99 24.73
C ILE B 172 -2.15 -20.93 25.40
N LEU B 173 -2.35 -19.83 24.71
CA LEU B 173 -3.05 -18.68 25.25
C LEU B 173 -4.44 -18.63 24.63
N PHE B 174 -5.44 -18.49 25.48
CA PHE B 174 -6.84 -18.39 25.06
C PHE B 174 -7.28 -16.94 25.24
N ILE B 175 -7.59 -16.30 24.12
CA ILE B 175 -7.83 -14.87 24.02
C ILE B 175 -9.29 -14.65 23.66
N GLU B 176 -9.91 -13.65 24.29
CA GLU B 176 -11.30 -13.29 24.01
C GLU B 176 -11.37 -11.80 23.75
N GLU B 177 -11.60 -11.42 22.49
CA GLU B 177 -11.65 -10.01 22.09
C GLU B 177 -10.37 -9.27 22.45
N GLY B 178 -9.24 -9.93 22.27
CA GLY B 178 -7.94 -9.34 22.54
C GLY B 178 -7.45 -9.55 23.96
N LYS B 179 -8.32 -9.85 24.90
CA LYS B 179 -7.96 -10.08 26.29
C LYS B 179 -7.62 -11.55 26.50
N ILE B 180 -6.51 -11.81 27.18
CA ILE B 180 -6.09 -13.18 27.46
C ILE B 180 -6.91 -13.70 28.63
N VAL B 181 -7.82 -14.62 28.36
CA VAL B 181 -8.64 -15.15 29.44
C VAL B 181 -7.99 -16.37 30.09
N HIS B 182 -7.17 -17.13 29.37
CA HIS B 182 -6.57 -18.28 30.04
C HIS B 182 -5.22 -18.59 29.40
N THR B 183 -4.40 -19.34 30.14
CA THR B 183 -3.08 -19.73 29.66
C THR B 183 -2.77 -21.13 30.17
N SER B 184 -2.58 -22.08 29.28
CA SER B 184 -2.32 -23.46 29.62
C SER B 184 -0.88 -23.81 29.25
N THR B 185 -0.13 -24.34 30.21
CA THR B 185 1.20 -24.82 29.89
C THR B 185 1.12 -26.10 29.08
N LEU B 186 2.05 -26.28 28.16
CA LEU B 186 2.01 -27.45 27.30
C LEU B 186 2.29 -28.72 28.09
N SER B 187 1.55 -29.78 27.78
CA SER B 187 1.72 -31.05 28.44
C SER B 187 1.47 -32.17 27.44
N GLY B 188 2.32 -33.19 27.48
CA GLY B 188 2.20 -34.31 26.59
C GLY B 188 3.55 -34.84 26.20
N SER B 189 3.60 -35.53 25.06
CA SER B 189 4.80 -36.22 24.62
C SER B 189 5.68 -35.40 23.69
N ALA B 190 5.25 -34.17 23.42
CA ALA B 190 6.00 -33.28 22.52
C ALA B 190 6.98 -32.44 23.33
N GLN B 191 8.27 -32.72 23.24
CA GLN B 191 9.30 -31.91 23.93
C GLN B 191 9.40 -30.50 23.37
N HIS B 192 9.46 -30.37 22.05
CA HIS B 192 9.59 -29.03 21.43
C HIS B 192 8.42 -28.76 20.49
N VAL B 193 7.92 -27.56 20.49
CA VAL B 193 6.75 -27.23 19.67
C VAL B 193 6.98 -25.79 19.22
N GLU B 194 7.60 -25.57 18.05
CA GLU B 194 7.86 -24.26 17.48
C GLU B 194 7.05 -24.09 16.21
N GLU B 195 6.74 -22.84 15.90
CA GLU B 195 6.20 -22.43 14.60
C GLU B 195 5.09 -23.37 14.13
N CYS B 196 4.00 -23.38 14.90
CA CYS B 196 2.93 -24.34 14.67
C CYS B 196 1.98 -23.85 13.58
N SER B 197 1.53 -24.79 12.74
CA SER B 197 0.49 -24.53 11.77
C SER B 197 -0.78 -25.16 12.31
N CYS B 198 -1.73 -24.31 12.72
CA CYS B 198 -2.93 -24.74 13.40
C CYS B 198 -4.12 -24.66 12.47
N TYR B 199 -5.08 -25.56 12.67
CA TYR B 199 -6.29 -25.52 11.89
C TYR B 199 -7.46 -25.96 12.77
N PRO B 200 -8.65 -25.47 12.50
CA PRO B 200 -9.81 -25.84 13.32
C PRO B 200 -10.31 -27.22 12.94
N ARG B 201 -9.98 -28.20 13.77
CA ARG B 201 -10.55 -29.53 13.66
C ARG B 201 -11.67 -29.56 14.68
N TYR B 202 -12.81 -29.02 14.30
CA TYR B 202 -13.91 -28.86 15.25
C TYR B 202 -14.18 -30.19 15.94
N PRO B 203 -14.28 -30.20 17.28
CA PRO B 203 -14.46 -29.08 18.18
C PRO B 203 -13.22 -28.47 18.81
N GLY B 204 -12.09 -28.53 18.14
CA GLY B 204 -10.88 -28.06 18.76
C GLY B 204 -9.93 -27.58 17.70
N VAL B 205 -8.70 -27.36 18.10
CA VAL B 205 -7.67 -26.89 17.20
C VAL B 205 -6.57 -27.94 17.16
N ARG B 206 -6.10 -28.25 15.97
CA ARG B 206 -4.99 -29.17 15.82
C ARG B 206 -3.84 -28.45 15.15
N CYS B 207 -2.66 -28.52 15.77
CA CYS B 207 -1.49 -27.81 15.28
C CYS B 207 -0.40 -28.81 14.97
N VAL B 208 0.24 -28.64 13.82
CA VAL B 208 1.42 -29.41 13.46
C VAL B 208 2.60 -28.46 13.47
N CYS B 209 3.59 -28.75 14.32
CA CYS B 209 4.65 -27.84 14.68
C CYS B 209 5.97 -28.33 14.08
N ARG B 210 7.08 -27.69 14.44
CA ARG B 210 8.40 -28.18 14.08
C ARG B 210 9.17 -28.55 15.33
N ASP B 211 9.94 -29.63 15.24
CA ASP B 211 10.83 -30.05 16.31
C ASP B 211 12.23 -29.61 15.94
N ASN B 212 12.90 -28.83 16.77
CA ASN B 212 14.31 -28.50 16.42
C ASN B 212 15.33 -29.26 17.26
N TRP B 213 14.88 -30.12 18.15
CA TRP B 213 15.80 -30.92 18.98
C TRP B 213 15.43 -32.38 18.87
N LYS B 214 16.27 -33.22 18.27
CA LYS B 214 16.06 -34.69 18.28
C LYS B 214 14.87 -35.16 17.44
N GLY B 215 14.41 -34.40 16.46
CA GLY B 215 13.21 -34.78 15.71
C GLY B 215 13.21 -34.39 14.24
N SER B 216 12.79 -35.32 13.37
CA SER B 216 12.60 -35.04 11.94
C SER B 216 11.13 -35.29 11.65
N ASN B 217 10.36 -35.69 12.64
CA ASN B 217 8.92 -35.79 12.51
C ASN B 217 8.26 -34.56 13.12
N ARG B 218 7.00 -34.37 12.78
CA ARG B 218 6.49 -33.12 13.32
C ARG B 218 5.66 -33.36 14.57
N PRO B 219 5.73 -32.47 15.56
CA PRO B 219 4.85 -32.59 16.71
C PRO B 219 3.42 -32.26 16.37
N ILE B 220 2.50 -32.73 17.21
CA ILE B 220 1.08 -32.46 17.09
C ILE B 220 0.58 -31.96 18.44
N VAL B 221 -0.12 -30.84 18.43
CA VAL B 221 -0.73 -30.27 19.62
C VAL B 221 -2.22 -30.22 19.39
N ASP B 222 -2.98 -30.95 20.20
CA ASP B 222 -4.43 -30.95 20.14
C ASP B 222 -4.95 -30.11 21.29
N ILE B 223 -5.55 -28.97 20.96
CA ILE B 223 -6.09 -28.03 21.93
C ILE B 223 -7.59 -28.21 21.96
N ASN B 224 -8.12 -28.47 23.14
CA ASN B 224 -9.57 -28.47 23.35
C ASN B 224 -9.99 -27.04 23.66
N ILE B 225 -10.61 -26.39 22.67
CA ILE B 225 -10.91 -24.97 22.75
C ILE B 225 -11.82 -24.66 23.94
N LYS B 226 -12.43 -25.68 24.53
CA LYS B 226 -13.48 -25.55 25.53
C LYS B 226 -12.99 -25.86 26.93
N ASP B 227 -12.43 -27.05 27.14
CA ASP B 227 -11.88 -27.45 28.42
C ASP B 227 -10.47 -26.94 28.63
N HIS B 228 -9.86 -26.36 27.59
CA HIS B 228 -8.51 -25.82 27.67
C HIS B 228 -7.51 -26.92 28.05
N SER B 229 -7.74 -28.12 27.56
CA SER B 229 -6.89 -29.27 27.81
C SER B 229 -6.03 -29.55 26.58
N ILE B 230 -4.74 -29.73 26.80
CA ILE B 230 -3.75 -29.86 25.74
C ILE B 230 -3.27 -31.30 25.69
N VAL B 231 -3.14 -31.84 24.48
CA VAL B 231 -2.57 -33.16 24.26
C VAL B 231 -1.45 -33.00 23.24
N SER B 232 -0.37 -33.75 23.41
CA SER B 232 0.76 -33.65 22.49
C SER B 232 1.20 -35.03 22.04
N SER B 233 1.64 -35.12 20.79
CA SER B 233 2.15 -36.36 20.22
C SER B 233 3.01 -35.99 19.02
N TYR B 234 3.31 -36.95 18.16
CA TYR B 234 4.08 -36.69 16.95
C TYR B 234 3.34 -37.24 15.74
N VAL B 235 3.60 -36.64 14.58
CA VAL B 235 3.01 -37.14 13.34
C VAL B 235 3.52 -38.54 13.09
N CYS B 236 2.59 -39.48 12.91
CA CYS B 236 2.93 -40.89 13.02
C CYS B 236 3.47 -41.47 11.72
N SER B 237 3.40 -40.74 10.61
CA SER B 237 3.75 -41.31 9.32
C SER B 237 5.24 -41.61 9.22
N GLY B 238 5.58 -42.66 8.49
CA GLY B 238 6.97 -43.03 8.32
C GLY B 238 7.73 -42.10 7.40
N LEU B 239 7.03 -41.36 6.56
CA LEU B 239 7.65 -40.35 5.72
C LEU B 239 7.59 -39.02 6.47
N VAL B 240 8.69 -38.65 7.11
CA VAL B 240 8.69 -37.48 7.97
C VAL B 240 8.82 -36.23 7.13
N GLY B 241 8.37 -35.10 7.69
CA GLY B 241 8.22 -33.88 6.93
C GLY B 241 9.22 -32.77 7.23
N ASP B 242 10.00 -32.91 8.29
CA ASP B 242 10.98 -31.89 8.60
C ASP B 242 12.17 -32.00 7.65
N THR B 243 12.99 -30.95 7.68
CA THR B 243 14.20 -30.86 6.82
C THR B 243 15.21 -30.05 7.60
N PRO B 244 16.36 -30.55 8.08
CA PRO B 244 16.94 -31.77 7.60
C PRO B 244 16.24 -33.07 8.02
N ARG B 245 16.18 -34.06 7.14
CA ARG B 245 15.55 -35.36 7.44
C ARG B 245 16.37 -36.45 6.76
N LYS B 246 15.92 -37.70 6.93
CA LYS B 246 16.60 -38.90 6.34
C LYS B 246 16.08 -39.16 4.92
N ASN B 247 16.48 -40.24 4.24
CA ASN B 247 16.16 -40.40 2.80
C ASN B 247 14.97 -41.29 2.44
N ASP B 248 13.98 -41.44 3.29
CA ASP B 248 12.76 -42.20 2.94
C ASP B 248 13.04 -43.71 2.94
N SER B 249 14.07 -44.15 2.23
CA SER B 249 14.44 -45.58 2.30
C SER B 249 14.84 -45.87 3.75
N SER B 250 15.53 -44.93 4.40
CA SER B 250 16.06 -45.14 5.77
C SER B 250 15.30 -44.39 6.85
N SER B 251 14.10 -43.88 6.63
CA SER B 251 13.46 -43.03 7.65
C SER B 251 12.52 -43.75 8.61
N SER B 252 11.93 -43.01 9.56
CA SER B 252 11.00 -43.60 10.57
C SER B 252 10.42 -42.55 11.51
N SER B 253 9.34 -42.85 12.21
CA SER B 253 8.66 -41.98 13.14
C SER B 253 8.52 -42.78 14.42
N HIS B 254 7.89 -42.18 15.41
CA HIS B 254 7.61 -42.91 16.63
C HIS B 254 6.18 -42.74 17.11
N CYS B 255 5.45 -41.75 16.61
CA CYS B 255 4.03 -41.58 16.87
C CYS B 255 3.80 -41.13 18.30
N LEU B 256 4.84 -41.14 19.12
CA LEU B 256 4.84 -40.57 20.46
C LEU B 256 6.05 -39.70 20.75
N ASP B 257 7.22 -40.06 20.26
CA ASP B 257 8.48 -39.48 20.67
C ASP B 257 9.27 -39.00 19.46
N PRO B 258 10.25 -38.11 19.64
CA PRO B 258 11.13 -37.78 18.53
C PRO B 258 11.88 -39.02 18.06
N ASN B 259 12.17 -39.02 16.75
CA ASN B 259 12.81 -40.17 16.06
C ASN B 259 14.30 -40.12 16.26
N ASN B 260 14.83 -38.99 16.69
CA ASN B 260 16.29 -38.85 16.91
C ASN B 260 17.01 -39.07 15.59
N GLU B 261 16.43 -38.60 14.50
CA GLU B 261 17.11 -38.71 13.18
C GLU B 261 17.22 -37.35 12.53
N GLU B 262 18.44 -37.06 12.08
CA GLU B 262 18.77 -35.71 11.54
C GLU B 262 17.78 -34.74 12.14
N GLY B 263 17.75 -34.61 13.45
CA GLY B 263 16.73 -33.79 14.12
C GLY B 263 17.23 -32.41 14.45
N GLY B 264 18.39 -32.03 13.93
CA GLY B 264 18.98 -30.75 14.34
C GLY B 264 18.26 -29.45 14.05
N HIS B 265 17.76 -29.17 12.86
CA HIS B 265 17.25 -27.82 12.55
C HIS B 265 16.09 -27.85 11.58
N GLY B 266 14.85 -27.84 12.05
CA GLY B 266 13.72 -28.03 11.13
C GLY B 266 13.30 -26.89 10.25
N VAL B 267 12.22 -27.08 9.50
CA VAL B 267 11.64 -25.99 8.67
C VAL B 267 10.17 -25.96 9.01
N LYS B 268 9.58 -24.79 9.06
CA LYS B 268 8.17 -24.75 9.45
C LYS B 268 7.42 -25.41 8.32
N GLY B 269 6.40 -26.16 8.67
CA GLY B 269 5.62 -26.87 7.66
C GLY B 269 4.25 -27.20 8.18
N TRP B 270 3.52 -28.05 7.46
CA TRP B 270 2.15 -28.36 7.83
C TRP B 270 1.86 -29.82 7.55
N ALA B 271 0.70 -30.25 8.04
CA ALA B 271 0.13 -31.57 7.81
C ALA B 271 -1.26 -31.57 8.42
N PHE B 272 -2.16 -32.34 7.84
CA PHE B 272 -3.47 -32.56 8.44
C PHE B 272 -3.91 -33.97 8.09
N ASP B 273 -5.06 -34.37 8.61
CA ASP B 273 -5.48 -35.76 8.55
C ASP B 273 -6.80 -35.88 7.79
N ASP B 274 -6.88 -36.92 6.96
CA ASP B 274 -8.09 -37.31 6.26
C ASP B 274 -8.37 -38.75 6.70
N GLY B 275 -9.25 -38.90 7.68
CA GLY B 275 -9.47 -40.21 8.27
C GLY B 275 -8.22 -40.73 8.96
N ASN B 276 -7.69 -41.85 8.48
CA ASN B 276 -6.42 -42.36 8.94
C ASN B 276 -5.24 -41.86 8.11
N ASP B 277 -5.49 -41.41 6.89
CA ASP B 277 -4.41 -40.95 6.04
C ASP B 277 -3.98 -39.55 6.44
N VAL B 278 -2.77 -39.17 6.07
CA VAL B 278 -2.26 -37.84 6.38
C VAL B 278 -1.91 -37.13 5.09
N TRP B 279 -2.43 -35.92 4.93
CA TRP B 279 -2.02 -35.04 3.85
C TRP B 279 -0.90 -34.16 4.36
N MET B 280 0.23 -34.15 3.66
CA MET B 280 1.39 -33.43 4.15
C MET B 280 2.15 -32.81 2.99
N GLY B 281 3.00 -31.86 3.33
CA GLY B 281 3.84 -31.20 2.36
C GLY B 281 5.23 -30.97 2.93
N ARG B 282 6.25 -31.06 2.09
CA ARG B 282 7.63 -30.92 2.54
C ARG B 282 8.49 -30.48 1.37
N THR B 283 9.74 -30.17 1.67
CA THR B 283 10.66 -29.82 0.60
C THR B 283 11.11 -31.06 -0.14
N ILE B 284 11.36 -30.97 -1.44
CA ILE B 284 11.73 -32.19 -2.21
C ILE B 284 13.16 -32.58 -1.79
N ASN B 285 14.07 -31.61 -1.72
CA ASN B 285 15.45 -31.89 -1.22
C ASN B 285 15.33 -32.25 0.27
N GLU B 286 16.14 -33.19 0.74
CA GLU B 286 16.00 -33.66 2.14
C GLU B 286 16.90 -32.84 3.07
N THR B 287 17.80 -32.01 2.53
CA THR B 287 18.72 -31.29 3.41
C THR B 287 18.62 -29.78 3.28
N SER B 288 18.43 -29.26 2.07
CA SER B 288 18.24 -27.85 1.83
C SER B 288 16.78 -27.57 1.55
N ARG B 289 16.40 -26.30 1.67
CA ARG B 289 15.03 -25.90 1.37
C ARG B 289 14.92 -25.63 -0.14
N LEU B 290 14.96 -26.73 -0.89
CA LEU B 290 14.87 -26.69 -2.35
C LEU B 290 13.69 -27.54 -2.79
N GLY B 291 12.78 -26.94 -3.53
CA GLY B 291 11.60 -27.63 -4.01
C GLY B 291 10.53 -27.73 -2.96
N TYR B 292 9.36 -28.20 -3.40
CA TYR B 292 8.26 -28.42 -2.48
C TYR B 292 7.25 -29.35 -3.13
N GLU B 293 6.92 -30.43 -2.42
CA GLU B 293 5.97 -31.43 -2.87
C GLU B 293 4.97 -31.71 -1.76
N THR B 294 3.73 -31.97 -2.14
CA THR B 294 2.70 -32.42 -1.22
C THR B 294 2.18 -33.77 -1.67
N PHE B 295 1.78 -34.59 -0.70
CA PHE B 295 1.27 -35.92 -1.01
C PHE B 295 0.43 -36.41 0.15
N LYS B 296 -0.03 -37.66 0.03
CA LYS B 296 -0.88 -38.29 1.01
C LYS B 296 -0.26 -39.62 1.41
N VAL B 297 -0.06 -39.83 2.70
CA VAL B 297 0.45 -41.08 3.23
C VAL B 297 -0.71 -41.88 3.78
N ILE B 298 -0.85 -43.11 3.30
CA ILE B 298 -1.99 -43.95 3.64
C ILE B 298 -1.78 -44.56 5.01
N GLU B 299 -2.76 -44.38 5.90
CA GLU B 299 -2.63 -44.77 7.30
C GLU B 299 -1.42 -44.13 7.95
N GLY B 300 -1.17 -42.87 7.59
CA GLY B 300 -0.01 -42.16 8.09
C GLY B 300 -0.27 -41.39 9.36
N TRP B 301 -1.53 -41.18 9.70
CA TRP B 301 -1.87 -40.51 10.94
C TRP B 301 -2.07 -41.47 12.10
N SER B 302 -2.08 -42.77 11.78
CA SER B 302 -2.33 -43.78 12.83
C SER B 302 -1.51 -45.03 12.59
N ASN B 303 -0.39 -44.93 11.88
CA ASN B 303 0.50 -46.10 11.76
C ASN B 303 1.89 -45.67 11.40
N PRO B 304 2.89 -45.77 12.28
CA PRO B 304 4.22 -45.51 11.85
C PRO B 304 4.47 -46.71 10.94
N LYS B 305 5.52 -46.66 10.16
CA LYS B 305 5.86 -47.81 9.27
C LYS B 305 4.94 -47.81 8.05
N SER B 306 4.16 -46.75 7.84
CA SER B 306 3.38 -46.64 6.59
C SER B 306 4.20 -45.78 5.66
N LYS B 307 4.51 -46.27 4.47
CA LYS B 307 5.22 -45.43 3.48
C LYS B 307 4.52 -45.52 2.13
N LEU B 308 3.19 -45.65 2.14
CA LEU B 308 2.42 -45.70 0.88
C LEU B 308 2.05 -44.27 0.46
N GLN B 309 2.84 -43.63 -0.42
CA GLN B 309 2.53 -42.27 -0.91
C GLN B 309 1.44 -42.40 -1.94
N THR B 310 0.79 -41.31 -2.27
CA THR B 310 -0.27 -41.25 -3.29
C THR B 310 -0.44 -39.79 -3.68
N ASN B 311 -1.27 -39.48 -4.65
CA ASN B 311 -1.69 -38.12 -4.98
C ASN B 311 -0.57 -37.12 -4.76
N ARG B 312 0.64 -37.47 -5.20
CA ARG B 312 1.78 -36.58 -5.07
C ARG B 312 1.70 -35.43 -6.06
N GLN B 313 2.10 -34.25 -5.60
CA GLN B 313 2.14 -33.06 -6.44
C GLN B 313 3.47 -32.37 -6.24
N VAL B 314 3.96 -31.73 -7.30
CA VAL B 314 5.19 -30.95 -7.22
C VAL B 314 4.82 -29.49 -7.36
N ILE B 315 4.64 -28.81 -6.24
CA ILE B 315 4.30 -27.39 -6.25
C ILE B 315 5.47 -26.53 -6.68
N VAL B 316 6.66 -26.79 -6.17
CA VAL B 316 7.86 -26.06 -6.59
C VAL B 316 8.92 -27.06 -7.00
N ASP B 317 9.55 -26.79 -8.13
CA ASP B 317 10.47 -27.74 -8.74
C ASP B 317 11.66 -28.01 -7.85
N ARG B 318 12.15 -29.25 -7.82
CA ARG B 318 13.19 -29.66 -6.84
C ARG B 318 14.45 -28.83 -6.91
N GLY B 319 14.66 -28.04 -7.94
CA GLY B 319 15.92 -27.30 -8.05
C GLY B 319 15.69 -25.85 -7.72
N ASP B 320 14.47 -25.52 -7.30
CA ASP B 320 14.09 -24.12 -7.00
C ASP B 320 13.94 -23.96 -5.51
N ARG B 321 14.12 -22.74 -5.02
CA ARG B 321 14.17 -22.48 -3.59
C ARG B 321 12.78 -22.33 -3.01
N SER B 322 12.58 -22.93 -1.84
CA SER B 322 11.36 -22.81 -1.06
C SER B 322 11.72 -22.38 0.36
N GLY B 323 10.77 -22.47 1.28
CA GLY B 323 11.05 -22.10 2.65
C GLY B 323 9.93 -22.49 3.59
N TYR B 324 9.54 -21.57 4.47
CA TYR B 324 8.41 -21.81 5.36
C TYR B 324 7.16 -22.09 4.57
N SER B 325 6.36 -23.05 5.04
CA SER B 325 5.05 -23.29 4.48
C SER B 325 4.06 -23.48 5.62
N GLY B 326 2.79 -23.25 5.31
CA GLY B 326 1.80 -23.33 6.36
C GLY B 326 0.42 -23.55 5.83
N ILE B 327 -0.51 -23.80 6.75
CA ILE B 327 -1.88 -24.16 6.40
C ILE B 327 -2.81 -23.04 6.85
N PHE B 328 -3.92 -22.91 6.14
CA PHE B 328 -5.03 -22.07 6.59
C PHE B 328 -6.33 -22.65 6.04
N SER B 329 -7.39 -22.54 6.82
CA SER B 329 -8.67 -23.15 6.47
C SER B 329 -9.65 -22.09 6.01
N VAL B 330 -10.46 -22.44 5.02
CA VAL B 330 -11.42 -21.55 4.40
C VAL B 330 -12.80 -22.18 4.52
N GLU B 331 -13.75 -21.43 5.06
CA GLU B 331 -15.11 -21.94 5.23
C GLU B 331 -15.83 -21.94 3.90
N GLY B 332 -16.21 -23.13 3.43
CA GLY B 332 -16.94 -23.27 2.19
C GLY B 332 -18.44 -23.25 2.42
N LYS B 333 -19.16 -23.64 1.38
CA LYS B 333 -20.62 -23.62 1.46
C LYS B 333 -21.13 -24.78 2.32
N SER B 334 -20.51 -25.95 2.19
CA SER B 334 -20.96 -27.12 2.92
C SER B 334 -19.86 -27.83 3.70
N CYS B 335 -18.63 -27.34 3.66
CA CYS B 335 -17.53 -27.98 4.35
C CYS B 335 -16.39 -26.98 4.51
N ILE B 336 -15.33 -27.42 5.20
CA ILE B 336 -14.17 -26.59 5.50
C ILE B 336 -13.02 -27.06 4.63
N ASN B 337 -12.46 -26.16 3.83
CA ASN B 337 -11.39 -26.46 2.92
C ASN B 337 -10.05 -26.12 3.54
N ARG B 338 -9.02 -26.86 3.16
CA ARG B 338 -7.67 -26.63 3.64
C ARG B 338 -6.82 -26.10 2.49
N CYS B 339 -6.11 -25.01 2.72
CA CYS B 339 -5.18 -24.46 1.78
C CYS B 339 -3.82 -24.35 2.45
N PHE B 340 -2.78 -24.26 1.63
CA PHE B 340 -1.46 -24.02 2.15
C PHE B 340 -0.75 -22.97 1.32
N TYR B 341 0.25 -22.37 1.94
CA TYR B 341 1.13 -21.40 1.30
C TYR B 341 2.56 -21.87 1.45
N VAL B 342 3.37 -21.57 0.44
CA VAL B 342 4.80 -21.84 0.45
C VAL B 342 5.53 -20.52 0.29
N GLU B 343 6.56 -20.31 1.11
CA GLU B 343 7.40 -19.15 1.03
C GLU B 343 8.66 -19.46 0.23
N LEU B 344 8.89 -18.71 -0.83
CA LEU B 344 10.01 -18.93 -1.74
C LEU B 344 11.07 -17.89 -1.43
N ILE B 345 12.11 -18.31 -0.72
CA ILE B 345 13.14 -17.42 -0.21
C ILE B 345 14.20 -17.20 -1.28
N ARG B 346 14.65 -15.96 -1.44
CA ARG B 346 15.67 -15.61 -2.41
C ARG B 346 16.63 -14.61 -1.80
N GLY B 347 17.92 -14.88 -1.92
CA GLY B 347 18.88 -13.87 -1.54
C GLY B 347 20.00 -14.43 -0.69
N ARG B 348 20.59 -13.55 0.11
CA ARG B 348 21.84 -13.80 0.77
C ARG B 348 21.72 -14.98 1.74
N LYS B 349 22.84 -15.65 2.02
CA LYS B 349 22.91 -16.82 2.93
C LYS B 349 22.71 -18.07 2.10
N GLU B 350 22.31 -17.94 0.85
CA GLU B 350 22.25 -19.08 -0.06
C GLU B 350 22.53 -18.70 -1.51
N GLU B 351 22.40 -17.44 -1.88
CA GLU B 351 22.74 -16.94 -3.21
C GLU B 351 23.53 -15.66 -2.97
N THR B 352 24.84 -15.73 -3.14
CA THR B 352 25.74 -14.66 -2.75
C THR B 352 25.94 -13.63 -3.86
N GLU B 353 25.05 -13.55 -4.82
CA GLU B 353 25.13 -12.49 -5.83
C GLU B 353 24.28 -11.30 -5.50
N VAL B 354 23.61 -11.29 -4.34
CA VAL B 354 22.86 -10.13 -3.85
C VAL B 354 23.17 -9.97 -2.37
N LEU B 355 22.90 -8.77 -1.87
CA LEU B 355 23.15 -8.45 -0.47
C LEU B 355 21.91 -8.54 0.39
N TRP B 356 20.75 -8.84 -0.18
CA TRP B 356 19.50 -8.84 0.55
C TRP B 356 18.92 -10.24 0.64
N THR B 357 17.92 -10.38 1.50
CA THR B 357 17.12 -11.59 1.61
C THR B 357 15.65 -11.21 1.59
N SER B 358 14.89 -11.83 0.70
CA SER B 358 13.46 -11.56 0.61
C SER B 358 12.77 -12.85 0.23
N ASN B 359 11.46 -12.79 0.08
CA ASN B 359 10.65 -14.00 -0.20
C ASN B 359 9.50 -13.65 -1.12
N SER B 360 8.92 -14.64 -1.77
CA SER B 360 7.67 -14.46 -2.54
C SER B 360 6.76 -15.51 -1.89
N ILE B 361 5.51 -15.65 -2.28
CA ILE B 361 4.60 -16.63 -1.74
C ILE B 361 3.85 -17.29 -2.89
N VAL B 362 3.51 -18.57 -2.74
CA VAL B 362 2.65 -19.26 -3.68
C VAL B 362 1.60 -20.04 -2.88
N VAL B 363 0.34 -19.90 -3.26
CA VAL B 363 -0.79 -20.37 -2.46
C VAL B 363 -1.58 -21.39 -3.26
N PHE B 364 -1.88 -22.53 -2.63
CA PHE B 364 -2.68 -23.60 -3.20
C PHE B 364 -3.82 -23.93 -2.24
N CYS B 365 -4.93 -24.42 -2.80
CA CYS B 365 -6.08 -24.85 -2.00
C CYS B 365 -6.55 -26.22 -2.41
N GLY B 366 -7.12 -26.96 -1.46
CA GLY B 366 -7.58 -28.29 -1.74
C GLY B 366 -8.78 -28.31 -2.67
N THR B 367 -8.91 -29.40 -3.41
CA THR B 367 -9.96 -29.51 -4.41
C THR B 367 -10.54 -30.91 -4.40
N SER B 368 -11.83 -31.00 -4.67
CA SER B 368 -12.50 -32.28 -4.86
C SER B 368 -12.57 -32.69 -6.32
N GLY B 369 -12.14 -31.82 -7.23
CA GLY B 369 -12.08 -32.12 -8.64
C GLY B 369 -10.74 -32.68 -9.03
N THR B 370 -10.40 -32.53 -10.30
CA THR B 370 -9.16 -33.02 -10.85
C THR B 370 -8.18 -31.88 -11.06
N TYR B 371 -6.93 -32.23 -11.29
CA TYR B 371 -5.88 -31.25 -11.44
C TYR B 371 -4.77 -31.83 -12.30
N GLY B 372 -3.89 -30.96 -12.77
CA GLY B 372 -2.78 -31.38 -13.60
C GLY B 372 -1.44 -31.30 -12.91
N THR B 373 -0.39 -31.08 -13.69
CA THR B 373 0.95 -30.90 -13.15
C THR B 373 1.45 -29.50 -13.50
N GLY B 374 2.54 -29.13 -12.86
CA GLY B 374 3.12 -27.83 -13.09
C GLY B 374 4.24 -27.58 -12.11
N SER B 375 4.76 -26.36 -12.17
CA SER B 375 5.76 -25.91 -11.20
C SER B 375 5.75 -24.39 -11.23
N TRP B 376 5.68 -23.77 -10.05
CA TRP B 376 5.52 -22.33 -9.92
C TRP B 376 6.62 -21.78 -9.04
N PRO B 377 7.82 -21.60 -9.57
CA PRO B 377 8.94 -21.10 -8.77
C PRO B 377 8.77 -19.61 -8.52
N ASP B 378 9.79 -18.96 -7.97
CA ASP B 378 9.70 -17.48 -7.82
C ASP B 378 9.96 -16.84 -9.17
N GLY B 379 11.03 -17.23 -9.86
CA GLY B 379 11.27 -16.74 -11.21
C GLY B 379 12.17 -15.56 -11.32
N ALA B 380 12.66 -15.07 -10.20
CA ALA B 380 13.47 -13.86 -10.22
C ALA B 380 14.83 -14.24 -10.76
N ASP B 381 15.47 -13.39 -11.54
CA ASP B 381 16.86 -13.68 -11.97
C ASP B 381 17.75 -12.73 -11.18
N LEU B 382 18.50 -13.25 -10.21
CA LEU B 382 19.27 -12.39 -9.28
C LEU B 382 20.59 -11.95 -9.92
N ASN B 383 20.93 -12.47 -11.08
CA ASN B 383 22.22 -12.13 -11.71
C ASN B 383 22.04 -10.79 -12.41
N LEU B 384 20.80 -10.41 -12.68
CA LEU B 384 20.54 -9.13 -13.30
C LEU B 384 19.93 -8.10 -12.36
N MET B 385 19.16 -8.58 -11.39
CA MET B 385 18.44 -7.65 -10.50
C MET B 385 19.38 -6.53 -10.11
N PRO B 386 18.89 -5.28 -9.98
CA PRO B 386 19.76 -4.11 -9.75
C PRO B 386 20.65 -4.09 -8.52
N ILE B 387 21.89 -3.66 -8.67
CA ILE B 387 22.84 -3.61 -7.53
C ILE B 387 23.45 -2.22 -7.49
N GLU C 1 -32.53 10.22 -2.87
CA GLU C 1 -32.94 11.64 -2.93
C GLU C 1 -31.95 12.42 -3.77
N TYR C 2 -32.43 13.40 -4.53
CA TYR C 2 -31.57 14.12 -5.50
C TYR C 2 -31.20 15.47 -4.95
N ARG C 3 -30.11 16.06 -5.43
CA ARG C 3 -29.64 17.38 -4.93
C ARG C 3 -30.55 18.42 -5.52
N ASN C 4 -31.32 19.13 -4.70
CA ASN C 4 -32.32 20.12 -5.20
C ASN C 4 -31.81 21.53 -4.94
N TRP C 5 -30.83 21.68 -4.07
CA TRP C 5 -30.17 22.97 -3.82
C TRP C 5 -31.13 24.03 -3.31
N SER C 6 -32.06 23.64 -2.44
CA SER C 6 -33.16 24.51 -2.09
C SER C 6 -32.80 25.56 -1.05
N LYS C 7 -31.70 25.37 -0.33
CA LYS C 7 -31.38 26.25 0.78
C LYS C 7 -30.91 27.61 0.28
N PRO C 8 -30.93 28.65 1.14
CA PRO C 8 -30.45 29.96 0.72
C PRO C 8 -28.95 29.97 0.47
N GLN C 9 -28.40 31.12 0.10
CA GLN C 9 -26.97 31.25 -0.08
C GLN C 9 -26.32 31.72 1.22
N CYS C 10 -25.19 31.12 1.55
CA CYS C 10 -24.51 31.43 2.80
C CYS C 10 -24.02 32.87 2.77
N GLY C 11 -23.95 33.48 3.96
CA GLY C 11 -23.40 34.82 4.06
C GLY C 11 -21.92 34.79 3.83
N ILE C 12 -21.43 35.54 2.84
CA ILE C 12 -20.04 35.49 2.44
C ILE C 12 -19.41 36.85 2.66
N THR C 13 -18.37 36.90 3.49
CA THR C 13 -17.55 38.08 3.68
C THR C 13 -16.17 37.92 3.08
N GLY C 14 -15.89 36.79 2.47
CA GLY C 14 -14.56 36.50 1.97
C GLY C 14 -14.40 35.00 1.84
N PHE C 15 -13.19 34.60 1.49
CA PHE C 15 -12.89 33.20 1.22
C PHE C 15 -11.70 32.75 2.04
N ALA C 16 -11.76 31.52 2.52
CA ALA C 16 -10.71 30.97 3.36
C ALA C 16 -10.02 29.80 2.67
N PRO C 17 -8.74 29.56 2.95
CA PRO C 17 -8.03 28.47 2.26
C PRO C 17 -8.67 27.13 2.51
N PHE C 18 -8.74 26.33 1.48
CA PHE C 18 -9.37 25.02 1.65
C PHE C 18 -8.49 23.87 1.20
N SER C 19 -7.77 24.00 0.09
CA SER C 19 -6.99 22.87 -0.37
C SER C 19 -5.88 23.32 -1.32
N LYS C 20 -4.87 22.46 -1.44
CA LYS C 20 -3.71 22.66 -2.30
C LYS C 20 -3.15 21.30 -2.62
N ASP C 21 -2.75 21.08 -3.88
CA ASP C 21 -2.32 19.75 -4.30
C ASP C 21 -0.81 19.61 -4.48
N ASN C 22 -0.08 20.70 -4.70
CA ASN C 22 1.38 20.64 -4.83
C ASN C 22 1.81 19.65 -5.91
N SER C 23 1.11 19.66 -7.03
CA SER C 23 1.36 18.64 -8.05
C SER C 23 2.74 18.78 -8.66
N ILE C 24 3.13 20.00 -9.04
CA ILE C 24 4.40 20.18 -9.72
C ILE C 24 5.57 19.93 -8.78
N ARG C 25 5.43 20.32 -7.52
CA ARG C 25 6.51 20.08 -6.57
C ARG C 25 6.72 18.59 -6.34
N LEU C 26 5.64 17.82 -6.27
CA LEU C 26 5.78 16.38 -6.12
C LEU C 26 6.21 15.71 -7.42
N SER C 27 5.97 16.33 -8.57
CA SER C 27 6.34 15.71 -9.84
C SER C 27 7.84 15.62 -10.01
N ALA C 28 8.61 16.44 -9.30
CA ALA C 28 10.07 16.38 -9.42
C ALA C 28 10.60 15.04 -8.93
N GLY C 29 10.05 14.53 -7.85
CA GLY C 29 10.33 13.16 -7.43
C GLY C 29 9.05 12.38 -7.24
N GLY C 30 8.81 11.41 -8.10
CA GLY C 30 7.56 10.69 -8.13
C GLY C 30 6.87 10.79 -9.47
N ASP C 31 5.90 9.90 -9.66
CA ASP C 31 5.18 9.78 -10.92
C ASP C 31 3.82 10.46 -10.77
N ILE C 32 3.69 11.62 -11.40
CA ILE C 32 2.47 12.42 -11.31
C ILE C 32 1.99 12.74 -12.72
N TRP C 33 0.67 12.66 -12.92
CA TRP C 33 0.10 12.90 -14.23
C TRP C 33 0.36 14.32 -14.69
N VAL C 34 0.57 14.49 -15.99
CA VAL C 34 0.59 15.80 -16.62
C VAL C 34 -0.85 16.17 -16.94
N THR C 35 -1.34 17.25 -16.35
CA THR C 35 -2.73 17.64 -16.48
C THR C 35 -2.84 19.10 -16.90
N ARG C 36 -4.08 19.51 -17.15
CA ARG C 36 -4.47 20.90 -17.29
C ARG C 36 -5.99 20.95 -17.34
N GLU C 37 -6.54 22.15 -17.23
CA GLU C 37 -7.98 22.38 -17.17
C GLU C 37 -8.61 21.58 -16.04
N PRO C 38 -8.34 21.90 -14.78
CA PRO C 38 -8.93 21.16 -13.67
C PRO C 38 -10.23 21.79 -13.20
N TYR C 39 -10.89 21.09 -12.28
CA TYR C 39 -12.03 21.67 -11.57
C TYR C 39 -12.32 20.81 -10.35
N VAL C 40 -13.32 21.22 -9.58
CA VAL C 40 -13.70 20.55 -8.35
C VAL C 40 -15.21 20.37 -8.35
N SER C 41 -15.68 19.24 -7.84
CA SER C 41 -17.10 18.98 -7.67
C SER C 41 -17.29 18.05 -6.48
N CYS C 42 -18.41 18.17 -5.78
CA CYS C 42 -18.62 17.44 -4.54
C CYS C 42 -19.91 16.63 -4.60
N ASP C 43 -19.81 15.36 -4.23
CA ASP C 43 -21.00 14.58 -3.91
C ASP C 43 -21.42 14.90 -2.49
N PRO C 44 -22.62 14.50 -2.05
CA PRO C 44 -23.10 14.96 -0.75
C PRO C 44 -22.21 14.64 0.44
N ASP C 45 -21.13 13.89 0.23
CA ASP C 45 -20.23 13.51 1.31
C ASP C 45 -18.92 14.30 1.31
N LYS C 46 -18.17 14.26 0.21
CA LYS C 46 -16.87 14.91 0.13
C LYS C 46 -16.69 15.52 -1.25
N CYS C 47 -15.51 16.05 -1.50
CA CYS C 47 -15.24 16.76 -2.73
C CYS C 47 -14.14 16.06 -3.52
N TYR C 48 -14.23 16.18 -4.84
CA TYR C 48 -13.35 15.52 -5.78
C TYR C 48 -12.74 16.56 -6.70
N GLN C 49 -11.52 16.30 -7.14
CA GLN C 49 -10.86 17.11 -8.14
C GLN C 49 -10.75 16.34 -9.44
N PHE C 50 -10.99 17.04 -10.53
CA PHE C 50 -10.95 16.51 -11.89
C PHE C 50 -9.94 17.28 -12.69
N ALA C 51 -9.38 16.61 -13.70
CA ALA C 51 -8.45 17.27 -14.61
C ALA C 51 -8.45 16.53 -15.94
N LEU C 52 -7.89 17.18 -16.95
CA LEU C 52 -7.72 16.58 -18.27
C LEU C 52 -6.25 16.24 -18.41
N GLY C 53 -5.93 14.95 -18.28
CA GLY C 53 -4.55 14.53 -18.36
C GLY C 53 -4.13 14.21 -19.78
N GLN C 54 -2.87 14.51 -20.08
CA GLN C 54 -2.32 14.33 -21.42
C GLN C 54 -1.85 12.92 -21.69
N GLY C 55 -2.28 11.95 -20.90
CA GLY C 55 -1.88 10.58 -21.15
C GLY C 55 -0.45 10.27 -20.83
N THR C 56 0.16 11.01 -19.91
CA THR C 56 1.55 10.76 -19.55
C THR C 56 1.83 11.41 -18.20
N THR C 57 2.93 10.97 -17.58
CA THR C 57 3.43 11.59 -16.37
C THR C 57 4.42 12.69 -16.74
N LEU C 58 4.96 13.37 -15.73
CA LEU C 58 5.81 14.51 -16.01
C LEU C 58 7.27 14.10 -16.22
N ASN C 59 7.78 13.17 -15.42
CA ASN C 59 9.12 12.63 -15.65
C ASN C 59 9.05 11.52 -16.70
N ASN C 60 8.65 11.92 -17.90
CA ASN C 60 8.32 10.98 -18.96
C ASN C 60 8.82 11.55 -20.28
N VAL C 61 9.19 10.66 -21.21
CA VAL C 61 9.59 11.13 -22.53
C VAL C 61 8.41 11.71 -23.27
N HIS C 62 7.20 11.21 -22.99
CA HIS C 62 5.99 11.70 -23.63
C HIS C 62 5.52 13.04 -23.09
N SER C 63 6.10 13.51 -22.00
CA SER C 63 5.80 14.82 -21.45
C SER C 63 6.29 15.94 -22.34
N ASN C 64 7.10 15.59 -23.35
CA ASN C 64 7.65 16.60 -24.28
C ASN C 64 6.54 17.19 -25.13
N ASN C 65 6.47 18.52 -25.19
CA ASN C 65 5.52 19.22 -26.04
C ASN C 65 4.08 18.78 -25.74
N THR C 66 3.64 19.07 -24.50
CA THR C 66 2.27 18.82 -24.08
C THR C 66 1.48 20.10 -23.93
N VAL C 67 1.73 21.09 -24.79
CA VAL C 67 0.99 22.35 -24.74
C VAL C 67 -0.27 22.29 -25.58
N ARG C 68 -0.42 21.22 -26.36
CA ARG C 68 -1.58 20.99 -27.25
C ARG C 68 -2.79 20.56 -26.44
N ASP C 69 -4.00 21.02 -26.78
CA ASP C 69 -5.19 20.77 -26.00
C ASP C 69 -6.09 19.67 -26.54
N ARG C 70 -5.86 19.22 -27.77
CA ARG C 70 -6.76 18.26 -28.42
C ARG C 70 -5.91 17.14 -29.01
N THR C 71 -5.71 16.08 -28.24
CA THR C 71 -4.98 14.90 -28.66
C THR C 71 -5.82 13.67 -28.36
N PRO C 72 -5.61 12.57 -29.08
CA PRO C 72 -6.40 11.36 -28.82
C PRO C 72 -6.14 10.72 -27.47
N TYR C 73 -5.26 11.29 -26.65
CA TYR C 73 -4.77 10.60 -25.46
C TYR C 73 -5.24 11.25 -24.18
N ARG C 74 -5.74 12.48 -24.25
CA ARG C 74 -6.21 13.16 -23.06
C ARG C 74 -7.43 12.44 -22.50
N THR C 75 -7.41 12.20 -21.19
CA THR C 75 -8.54 11.57 -20.52
C THR C 75 -8.92 12.40 -19.30
N LEU C 76 -10.07 12.08 -18.72
CA LEU C 76 -10.57 12.80 -17.56
C LEU C 76 -10.20 12.04 -16.29
N LEU C 77 -9.39 12.67 -15.44
CA LEU C 77 -8.91 12.08 -14.20
C LEU C 77 -9.70 12.61 -13.02
N MET C 78 -10.04 11.72 -12.09
CA MET C 78 -10.83 12.04 -10.91
C MET C 78 -10.18 11.46 -9.66
N ASN C 79 -9.85 12.31 -8.70
CA ASN C 79 -9.51 11.85 -7.35
C ASN C 79 -10.34 12.59 -6.31
N GLU C 80 -10.19 12.17 -5.07
CA GLU C 80 -10.68 12.95 -3.95
C GLU C 80 -9.89 14.25 -3.87
N LEU C 81 -10.53 15.28 -3.34
CA LEU C 81 -9.87 16.57 -3.21
C LEU C 81 -8.70 16.44 -2.26
N GLY C 82 -7.49 16.61 -2.77
CA GLY C 82 -6.32 16.55 -1.94
C GLY C 82 -5.32 15.52 -2.41
N VAL C 83 -5.81 14.39 -2.91
CA VAL C 83 -4.94 13.33 -3.39
C VAL C 83 -4.33 13.77 -4.72
N PRO C 84 -3.01 13.86 -4.82
CA PRO C 84 -2.40 14.22 -6.10
C PRO C 84 -2.62 13.16 -7.15
N PHE C 85 -2.54 13.58 -8.41
CA PHE C 85 -2.81 12.70 -9.54
C PHE C 85 -1.63 11.74 -9.71
N HIS C 86 -1.57 10.75 -8.83
CA HIS C 86 -0.53 9.74 -8.96
C HIS C 86 -0.97 8.68 -9.96
N LEU C 87 -0.18 7.63 -10.09
CA LEU C 87 -0.44 6.61 -11.10
C LEU C 87 -1.64 5.72 -10.77
N GLY C 88 -2.16 5.79 -9.56
CA GLY C 88 -3.37 5.07 -9.22
C GLY C 88 -4.64 5.83 -9.52
N THR C 89 -4.54 6.98 -10.18
CA THR C 89 -5.70 7.81 -10.47
C THR C 89 -6.59 7.13 -11.48
N LYS C 90 -7.89 7.09 -11.20
CA LYS C 90 -8.86 6.55 -12.13
C LYS C 90 -9.20 7.59 -13.18
N GLN C 91 -8.98 7.26 -14.44
CA GLN C 91 -9.34 8.12 -15.55
C GLN C 91 -10.66 7.64 -16.15
N VAL C 92 -11.67 8.52 -16.10
CA VAL C 92 -13.06 8.07 -16.17
C VAL C 92 -13.67 8.17 -17.55
N CYS C 93 -12.97 8.74 -18.52
CA CYS C 93 -13.49 8.81 -19.88
C CYS C 93 -12.40 9.35 -20.79
N ILE C 94 -12.55 9.11 -22.09
CA ILE C 94 -11.72 9.76 -23.10
C ILE C 94 -12.31 11.13 -23.36
N ALA C 95 -11.53 12.17 -23.14
CA ALA C 95 -12.03 13.53 -23.28
C ALA C 95 -10.87 14.50 -23.43
N TRP C 96 -10.97 15.38 -24.42
CA TRP C 96 -10.21 16.62 -24.38
C TRP C 96 -11.07 17.82 -24.04
N SER C 97 -12.37 17.64 -23.82
CA SER C 97 -13.15 18.61 -23.09
C SER C 97 -14.08 17.87 -22.15
N SER C 98 -14.45 18.50 -21.03
CA SER C 98 -15.18 17.72 -20.04
C SER C 98 -16.01 18.62 -19.12
N SER C 99 -16.98 17.98 -18.47
CA SER C 99 -17.75 18.58 -17.38
C SER C 99 -18.34 17.47 -16.54
N SER C 100 -18.68 17.78 -15.28
CA SER C 100 -19.11 16.74 -14.34
C SER C 100 -20.13 17.25 -13.34
N CYS C 101 -21.15 16.44 -13.10
CA CYS C 101 -22.22 16.71 -12.15
C CYS C 101 -22.32 15.57 -11.15
N HIS C 102 -22.98 15.85 -10.03
CA HIS C 102 -23.50 14.82 -9.15
C HIS C 102 -24.91 15.22 -8.73
N ASP C 103 -25.89 14.42 -9.13
CA ASP C 103 -27.29 14.75 -8.90
C ASP C 103 -27.81 14.26 -7.56
N GLY C 104 -26.93 13.79 -6.68
CA GLY C 104 -27.34 13.21 -5.42
C GLY C 104 -27.45 11.71 -5.45
N LYS C 105 -27.42 11.10 -6.62
CA LYS C 105 -27.46 9.65 -6.76
C LYS C 105 -26.22 9.09 -7.43
N ALA C 106 -25.80 9.65 -8.56
CA ALA C 106 -24.66 9.12 -9.28
C ALA C 106 -23.97 10.27 -10.00
N TRP C 107 -22.74 10.03 -10.42
CA TRP C 107 -21.95 11.01 -11.14
C TRP C 107 -22.34 11.04 -12.60
N LEU C 108 -22.35 12.24 -13.17
CA LEU C 108 -22.54 12.43 -14.60
C LEU C 108 -21.28 13.06 -15.16
N HIS C 109 -20.78 12.48 -16.25
CA HIS C 109 -19.61 13.00 -16.94
C HIS C 109 -20.00 13.29 -18.39
N VAL C 110 -19.70 14.49 -18.84
CA VAL C 110 -19.82 14.85 -20.24
C VAL C 110 -18.41 14.95 -20.79
N CYS C 111 -18.10 14.16 -21.81
CA CYS C 111 -16.74 14.01 -22.30
C CYS C 111 -16.73 14.20 -23.81
N ILE C 112 -15.97 15.17 -24.29
CA ILE C 112 -15.87 15.47 -25.72
C ILE C 112 -14.49 15.05 -26.22
N THR C 113 -14.48 14.25 -27.28
CA THR C 113 -13.26 13.76 -27.91
C THR C 113 -13.52 13.54 -29.40
N GLY C 114 -12.52 13.22 -30.17
CA GLY C 114 -12.88 13.04 -31.59
C GLY C 114 -12.08 13.97 -32.43
N ASP C 115 -12.27 13.94 -33.75
CA ASP C 115 -11.40 14.76 -34.63
C ASP C 115 -11.83 16.20 -34.45
N ASP C 116 -11.02 17.17 -34.86
CA ASP C 116 -11.45 18.55 -34.54
C ASP C 116 -12.78 18.87 -35.25
N LYS C 117 -12.87 18.69 -36.57
CA LYS C 117 -14.12 19.04 -37.29
C LYS C 117 -15.28 18.22 -36.74
N ASN C 118 -15.14 16.90 -36.71
CA ASN C 118 -16.26 15.97 -36.37
C ASN C 118 -15.97 15.35 -34.99
N ALA C 119 -16.59 15.86 -33.93
CA ALA C 119 -16.25 15.45 -32.55
C ALA C 119 -17.50 14.92 -31.84
N THR C 120 -17.30 14.05 -30.85
CA THR C 120 -18.42 13.40 -30.15
C THR C 120 -18.41 13.73 -28.69
N ALA C 121 -19.57 13.85 -28.14
CA ALA C 121 -19.79 14.12 -26.73
C ALA C 121 -20.52 12.92 -26.14
N SER C 122 -19.85 12.20 -25.26
CA SER C 122 -20.42 11.06 -24.56
C SER C 122 -20.93 11.49 -23.20
N PHE C 123 -22.12 11.02 -22.86
CA PHE C 123 -22.75 11.31 -21.57
C PHE C 123 -22.81 10.02 -20.79
N ILE C 124 -22.05 9.98 -19.70
CA ILE C 124 -21.82 8.79 -18.89
C ILE C 124 -22.44 9.03 -17.54
N TYR C 125 -23.34 8.13 -17.14
CA TYR C 125 -24.04 8.28 -15.88
C TYR C 125 -24.02 6.95 -15.14
N ASN C 126 -23.52 6.97 -13.91
CA ASN C 126 -23.49 5.80 -13.05
C ASN C 126 -22.65 4.68 -13.64
N GLY C 127 -21.58 5.04 -14.35
CA GLY C 127 -20.70 4.05 -14.92
C GLY C 127 -21.22 3.40 -16.19
N ARG C 128 -22.18 4.00 -16.86
CA ARG C 128 -22.69 3.52 -18.12
C ARG C 128 -22.54 4.63 -19.14
N LEU C 129 -22.33 4.26 -20.40
CA LEU C 129 -22.42 5.24 -21.47
C LEU C 129 -23.88 5.36 -21.89
N VAL C 130 -24.55 6.39 -21.38
CA VAL C 130 -25.97 6.53 -21.60
C VAL C 130 -26.32 7.25 -22.89
N ASP C 131 -25.57 8.27 -23.29
CA ASP C 131 -25.96 9.01 -24.48
C ASP C 131 -24.73 9.52 -25.22
N SER C 132 -24.98 10.09 -26.40
CA SER C 132 -23.91 10.60 -27.25
C SER C 132 -24.49 11.59 -28.24
N VAL C 133 -23.70 12.63 -28.55
CA VAL C 133 -24.09 13.68 -29.48
C VAL C 133 -22.92 13.98 -30.39
N VAL C 134 -23.21 14.48 -31.58
CA VAL C 134 -22.20 14.86 -32.55
C VAL C 134 -22.17 16.38 -32.65
N SER C 135 -21.09 16.91 -33.21
CA SER C 135 -20.99 18.35 -33.46
C SER C 135 -22.13 18.80 -34.35
N TRP C 136 -22.78 19.90 -33.98
CA TRP C 136 -23.79 20.47 -34.84
C TRP C 136 -23.22 21.47 -35.82
N SER C 137 -22.21 22.23 -35.43
CA SER C 137 -21.59 23.23 -36.29
C SER C 137 -20.35 22.72 -37.01
N LYS C 138 -20.00 21.44 -36.83
CA LYS C 138 -18.84 20.84 -37.45
C LYS C 138 -17.58 21.66 -37.17
N ASP C 139 -17.38 21.98 -35.90
CA ASP C 139 -16.22 22.71 -35.45
C ASP C 139 -15.79 22.11 -34.11
N ILE C 140 -14.96 22.84 -33.37
CA ILE C 140 -14.45 22.31 -32.12
C ILE C 140 -15.56 22.36 -31.08
N LEU C 141 -16.23 21.23 -30.87
CA LEU C 141 -17.24 21.13 -29.84
C LEU C 141 -16.57 21.16 -28.47
N ARG C 142 -17.10 21.97 -27.56
CA ARG C 142 -16.44 22.20 -26.29
C ARG C 142 -17.49 22.53 -25.24
N THR C 143 -17.10 22.39 -23.97
CA THR C 143 -18.03 22.52 -22.87
C THR C 143 -17.36 23.29 -21.73
N GLN C 144 -17.96 23.21 -20.54
CA GLN C 144 -17.71 24.18 -19.49
C GLN C 144 -16.31 24.10 -18.91
N GLU C 145 -15.70 22.92 -18.91
CA GLU C 145 -14.44 22.65 -18.22
C GLU C 145 -14.56 22.83 -16.72
N SER C 146 -15.77 22.87 -16.18
CA SER C 146 -16.01 22.90 -14.75
C SER C 146 -17.27 22.09 -14.46
N GLU C 147 -17.74 22.16 -13.23
CA GLU C 147 -18.89 21.36 -12.86
C GLU C 147 -20.16 21.87 -13.52
N CYS C 148 -21.06 20.95 -13.82
CA CYS C 148 -22.42 21.27 -14.19
C CYS C 148 -23.32 21.13 -12.97
N VAL C 149 -24.59 21.51 -13.11
CA VAL C 149 -25.51 21.64 -11.98
C VAL C 149 -26.77 20.83 -12.25
N CYS C 150 -27.19 20.05 -11.26
CA CYS C 150 -28.41 19.26 -11.31
C CYS C 150 -29.39 19.77 -10.27
N ILE C 151 -30.66 19.83 -10.59
CA ILE C 151 -31.63 20.17 -9.53
C ILE C 151 -32.77 19.19 -9.74
N ASN C 152 -33.19 18.46 -8.72
CA ASN C 152 -34.28 17.47 -8.85
C ASN C 152 -33.92 16.49 -9.95
N GLY C 153 -32.66 16.11 -10.06
CA GLY C 153 -32.28 15.04 -11.00
C GLY C 153 -32.01 15.45 -12.42
N THR C 154 -32.24 16.71 -12.76
CA THR C 154 -32.07 17.17 -14.15
C THR C 154 -30.87 18.08 -14.19
N CYS C 155 -29.83 17.60 -14.80
CA CYS C 155 -28.61 18.39 -14.86
C CYS C 155 -28.70 19.30 -16.07
N THR C 156 -27.83 20.27 -16.15
CA THR C 156 -27.73 21.21 -17.26
C THR C 156 -26.29 21.40 -17.66
N VAL C 157 -26.01 21.32 -18.96
CA VAL C 157 -24.66 21.44 -19.50
C VAL C 157 -24.67 22.43 -20.64
N VAL C 158 -23.75 23.39 -20.61
CA VAL C 158 -23.65 24.40 -21.66
C VAL C 158 -22.53 24.00 -22.61
N MET C 159 -22.86 23.85 -23.89
CA MET C 159 -21.90 23.38 -24.89
C MET C 159 -21.88 24.33 -26.07
N THR C 160 -20.68 24.72 -26.48
CA THR C 160 -20.50 25.67 -27.58
C THR C 160 -19.85 24.95 -28.76
N ASP C 161 -20.21 25.38 -29.96
CA ASP C 161 -19.65 24.80 -31.18
C ASP C 161 -19.62 25.88 -32.24
N GLY C 162 -18.44 26.13 -32.77
CA GLY C 162 -18.33 27.20 -33.78
C GLY C 162 -16.97 27.85 -33.77
N SER C 163 -16.86 29.07 -34.26
CA SER C 163 -15.54 29.74 -34.42
C SER C 163 -14.90 30.15 -33.11
N ALA C 164 -13.57 30.19 -33.09
CA ALA C 164 -12.92 30.70 -31.87
C ALA C 164 -13.24 32.19 -31.72
N SER C 165 -13.00 32.97 -32.77
CA SER C 165 -13.29 34.42 -32.74
C SER C 165 -14.36 34.63 -33.78
N GLY C 166 -15.60 34.86 -33.36
CA GLY C 166 -16.69 34.94 -34.36
C GLY C 166 -17.96 34.37 -33.81
N LYS C 167 -19.00 34.31 -34.63
CA LYS C 167 -20.32 33.82 -34.14
C LYS C 167 -20.29 32.31 -33.97
N ALA C 168 -20.91 31.80 -32.92
CA ALA C 168 -20.80 30.36 -32.61
C ALA C 168 -22.14 29.89 -32.08
N ASP C 169 -22.42 28.59 -32.14
CA ASP C 169 -23.75 28.10 -31.73
C ASP C 169 -23.63 27.47 -30.36
N THR C 170 -24.31 28.01 -29.37
CA THR C 170 -24.24 27.53 -28.00
C THR C 170 -25.59 26.94 -27.65
N LYS C 171 -25.57 25.78 -27.00
CA LYS C 171 -26.77 25.09 -26.60
C LYS C 171 -26.68 24.74 -25.13
N ILE C 172 -27.84 24.59 -24.51
CA ILE C 172 -27.96 24.14 -23.14
C ILE C 172 -28.70 22.83 -23.18
N LEU C 173 -28.07 21.79 -22.67
CA LEU C 173 -28.57 20.43 -22.72
C LEU C 173 -29.10 20.06 -21.35
N PHE C 174 -30.32 19.54 -21.32
CA PHE C 174 -30.97 19.10 -20.09
C PHE C 174 -31.00 17.58 -20.09
N ILE C 175 -30.27 17.00 -19.13
CA ILE C 175 -29.96 15.58 -19.05
C ILE C 175 -30.67 14.99 -17.84
N GLU C 176 -31.23 13.80 -18.00
CA GLU C 176 -31.90 13.10 -16.91
C GLU C 176 -31.35 11.68 -16.84
N GLU C 177 -30.55 11.39 -15.80
CA GLU C 177 -29.93 10.09 -15.63
C GLU C 177 -29.06 9.71 -16.83
N GLY C 178 -28.35 10.68 -17.38
CA GLY C 178 -27.48 10.46 -18.51
C GLY C 178 -28.13 10.64 -19.87
N LYS C 179 -29.45 10.58 -19.94
CA LYS C 179 -30.19 10.73 -21.18
C LYS C 179 -30.51 12.20 -21.39
N ILE C 180 -30.28 12.69 -22.60
CA ILE C 180 -30.57 14.08 -22.94
C ILE C 180 -32.07 14.20 -23.20
N VAL C 181 -32.78 14.86 -22.29
CA VAL C 181 -34.20 15.01 -22.48
C VAL C 181 -34.55 16.28 -23.26
N HIS C 182 -33.72 17.32 -23.19
CA HIS C 182 -34.07 18.51 -23.95
C HIS C 182 -32.82 19.26 -24.35
N THR C 183 -32.95 20.12 -25.35
CA THR C 183 -31.83 20.93 -25.83
C THR C 183 -32.37 22.29 -26.27
N SER C 184 -31.90 23.35 -25.62
CA SER C 184 -32.34 24.71 -25.89
C SER C 184 -31.21 25.49 -26.54
N THR C 185 -31.49 26.09 -27.69
CA THR C 185 -30.49 26.97 -28.29
C THR C 185 -30.39 28.26 -27.48
N LEU C 186 -29.17 28.80 -27.41
CA LEU C 186 -28.96 30.00 -26.61
C LEU C 186 -29.65 31.19 -27.24
N SER C 187 -30.26 32.02 -26.41
CA SER C 187 -30.95 33.21 -26.86
C SER C 187 -30.78 34.32 -25.84
N GLY C 188 -30.50 35.52 -26.31
CA GLY C 188 -30.31 36.66 -25.44
C GLY C 188 -29.27 37.59 -26.01
N SER C 189 -28.67 38.38 -25.12
CA SER C 189 -27.75 39.44 -25.52
C SER C 189 -26.29 39.02 -25.52
N ALA C 190 -25.97 37.81 -25.05
CA ALA C 190 -24.60 37.35 -25.04
C ALA C 190 -24.24 36.79 -26.40
N GLN C 191 -23.18 37.32 -27.01
CA GLN C 191 -22.85 36.94 -28.37
C GLN C 191 -21.91 35.74 -28.42
N HIS C 192 -20.83 35.78 -27.64
CA HIS C 192 -19.90 34.66 -27.56
C HIS C 192 -19.91 34.12 -26.13
N VAL C 193 -20.09 32.81 -26.00
CA VAL C 193 -20.20 32.16 -24.70
C VAL C 193 -19.31 30.93 -24.71
N GLU C 194 -18.41 30.84 -23.73
CA GLU C 194 -17.48 29.73 -23.64
C GLU C 194 -17.15 29.48 -22.18
N GLU C 195 -16.78 28.24 -21.88
CA GLU C 195 -16.19 27.85 -20.61
C GLU C 195 -16.90 28.48 -19.42
N CYS C 196 -18.16 28.10 -19.26
CA CYS C 196 -19.02 28.72 -18.26
C CYS C 196 -18.81 28.11 -16.89
N SER C 197 -18.82 28.96 -15.87
CA SER C 197 -18.82 28.54 -14.48
C SER C 197 -20.25 28.71 -13.96
N CYS C 198 -20.92 27.59 -13.73
CA CYS C 198 -22.33 27.58 -13.39
C CYS C 198 -22.51 27.26 -11.92
N TYR C 199 -23.55 27.83 -11.33
CA TYR C 199 -23.86 27.53 -9.93
C TYR C 199 -25.37 27.51 -9.76
N PRO C 200 -25.87 26.73 -8.83
CA PRO C 200 -27.32 26.66 -8.61
C PRO C 200 -27.82 27.88 -7.85
N ARG C 201 -28.42 28.81 -8.57
CA ARG C 201 -29.12 29.93 -7.96
C ARG C 201 -30.58 29.52 -7.97
N TYR C 202 -30.96 28.72 -6.98
CA TYR C 202 -32.30 28.16 -6.96
C TYR C 202 -33.33 29.27 -7.14
N PRO C 203 -34.28 29.11 -8.06
CA PRO C 203 -34.69 27.87 -8.75
C PRO C 203 -34.09 27.57 -10.10
N GLY C 204 -32.88 28.02 -10.35
CA GLY C 204 -32.32 27.86 -11.67
C GLY C 204 -30.83 27.80 -11.56
N VAL C 205 -30.19 27.89 -12.72
CA VAL C 205 -28.74 27.84 -12.79
C VAL C 205 -28.26 29.16 -13.36
N ARG C 206 -27.22 29.72 -12.77
CA ARG C 206 -26.62 30.93 -13.30
C ARG C 206 -25.18 30.65 -13.65
N CYS C 207 -24.80 30.98 -14.88
CA CYS C 207 -23.47 30.69 -15.38
C CYS C 207 -22.79 31.98 -15.77
N VAL C 208 -21.54 32.14 -15.38
CA VAL C 208 -20.70 33.25 -15.81
C VAL C 208 -19.62 32.68 -16.71
N CYS C 209 -19.59 33.15 -17.95
CA CYS C 209 -18.84 32.53 -19.02
C CYS C 209 -17.68 33.46 -19.42
N ARG C 210 -16.97 33.12 -20.49
CA ARG C 210 -15.95 34.01 -21.04
C ARG C 210 -16.37 34.44 -22.44
N ASP C 211 -16.08 35.69 -22.77
CA ASP C 211 -16.30 36.23 -24.10
C ASP C 211 -14.96 36.25 -24.81
N ASN C 212 -14.77 35.33 -25.73
CA ASN C 212 -13.48 35.15 -26.38
C ASN C 212 -13.42 35.91 -27.70
N TRP C 213 -14.45 36.71 -28.00
CA TRP C 213 -14.56 37.37 -29.30
C TRP C 213 -14.50 38.88 -29.19
N LYS C 214 -15.44 39.52 -28.47
CA LYS C 214 -15.44 41.01 -28.48
C LYS C 214 -15.82 41.62 -27.13
N GLY C 215 -15.45 41.01 -26.02
CA GLY C 215 -15.69 41.64 -24.73
C GLY C 215 -14.71 41.15 -23.68
N SER C 216 -14.41 42.05 -22.76
CA SER C 216 -13.63 41.72 -21.57
C SER C 216 -14.49 41.64 -20.33
N ASN C 217 -15.79 41.86 -20.44
CA ASN C 217 -16.73 41.57 -19.38
C ASN C 217 -17.24 40.14 -19.53
N ARG C 218 -17.83 39.63 -18.46
CA ARG C 218 -18.18 38.24 -18.66
C ARG C 218 -19.65 38.10 -19.00
N PRO C 219 -20.01 37.15 -19.87
CA PRO C 219 -21.42 36.88 -20.13
C PRO C 219 -22.08 36.19 -18.95
N ILE C 220 -23.40 36.30 -18.92
CA ILE C 220 -24.23 35.65 -17.91
C ILE C 220 -25.33 34.89 -18.63
N VAL C 221 -25.48 33.61 -18.28
CA VAL C 221 -26.54 32.76 -18.82
C VAL C 221 -27.40 32.32 -17.65
N ASP C 222 -28.66 32.70 -17.67
CA ASP C 222 -29.63 32.30 -16.66
C ASP C 222 -30.51 31.22 -17.24
N ILE C 223 -30.25 29.98 -16.81
CA ILE C 223 -31.01 28.81 -17.26
C ILE C 223 -32.03 28.53 -16.17
N ASN C 224 -33.26 28.29 -16.52
CA ASN C 224 -34.24 27.84 -15.50
C ASN C 224 -34.44 26.37 -15.81
N ILE C 225 -34.03 25.50 -14.89
CA ILE C 225 -34.10 24.04 -15.16
C ILE C 225 -35.56 23.64 -15.29
N LYS C 226 -36.45 24.21 -14.48
CA LYS C 226 -37.85 23.73 -14.54
C LYS C 226 -38.53 23.96 -15.90
N ASP C 227 -38.42 25.15 -16.51
CA ASP C 227 -39.20 25.46 -17.74
C ASP C 227 -38.29 25.66 -18.95
N HIS C 228 -37.06 25.24 -18.88
CA HIS C 228 -36.15 25.29 -20.04
C HIS C 228 -36.04 26.70 -20.59
N SER C 229 -35.96 27.71 -19.72
CA SER C 229 -35.93 29.11 -20.18
C SER C 229 -34.51 29.70 -20.08
N ILE C 230 -33.97 30.19 -21.19
CA ILE C 230 -32.59 30.73 -21.18
C ILE C 230 -32.59 32.24 -21.44
N VAL C 231 -31.89 33.02 -20.62
CA VAL C 231 -31.71 34.47 -20.69
C VAL C 231 -30.22 34.75 -20.70
N SER C 232 -29.80 35.75 -21.45
CA SER C 232 -28.39 36.09 -21.54
C SER C 232 -28.18 37.58 -21.34
N SER C 233 -27.07 37.93 -20.71
CA SER C 233 -26.69 39.31 -20.48
C SER C 233 -25.19 39.34 -20.22
N TYR C 234 -24.69 40.45 -19.68
CA TYR C 234 -23.28 40.55 -19.32
C TYR C 234 -23.14 40.99 -17.88
N VAL C 235 -22.01 40.64 -17.26
CA VAL C 235 -21.74 41.07 -15.91
C VAL C 235 -21.63 42.59 -15.90
N CYS C 236 -22.41 43.23 -15.05
CA CYS C 236 -22.64 44.66 -15.20
C CYS C 236 -21.57 45.51 -14.52
N SER C 237 -20.67 44.93 -13.74
CA SER C 237 -19.72 45.71 -12.96
C SER C 237 -18.72 46.43 -13.86
N GLY C 238 -18.31 47.61 -13.42
CA GLY C 238 -17.35 48.39 -14.17
C GLY C 238 -15.94 47.82 -14.11
N LEU C 239 -15.66 47.01 -13.11
CA LEU C 239 -14.38 46.30 -13.01
C LEU C 239 -14.54 44.95 -13.68
N VAL C 240 -14.09 44.84 -14.93
CA VAL C 240 -14.35 43.63 -15.69
C VAL C 240 -13.33 42.56 -15.29
N GLY C 241 -13.70 41.30 -15.54
CA GLY C 241 -12.93 40.18 -15.02
C GLY C 241 -12.15 39.37 -16.02
N ASP C 242 -12.25 39.65 -17.31
CA ASP C 242 -11.57 38.76 -18.28
C ASP C 242 -10.16 39.26 -18.44
N THR C 243 -9.23 38.46 -18.97
CA THR C 243 -7.84 38.89 -19.26
C THR C 243 -7.53 38.40 -20.66
N PRO C 244 -7.16 39.18 -21.68
CA PRO C 244 -6.78 40.56 -21.53
C PRO C 244 -7.91 41.55 -21.23
N ARG C 245 -7.66 42.57 -20.43
CA ARG C 245 -8.67 43.60 -20.11
C ARG C 245 -7.94 44.94 -20.05
N LYS C 246 -8.69 46.04 -20.00
CA LYS C 246 -8.06 47.39 -19.91
C LYS C 246 -7.80 47.73 -18.44
N ASN C 247 -6.92 48.71 -18.18
CA ASN C 247 -6.60 49.11 -16.78
C ASN C 247 -7.88 49.56 -16.06
N ASP C 248 -7.93 49.36 -14.74
CA ASP C 248 -9.14 49.72 -13.96
C ASP C 248 -9.63 51.14 -14.28
N SER C 249 -8.72 52.11 -14.36
CA SER C 249 -9.16 53.51 -14.58
C SER C 249 -9.84 53.65 -15.92
N SER C 250 -9.49 52.80 -16.87
CA SER C 250 -10.04 52.98 -18.21
C SER C 250 -10.72 51.71 -18.66
N SER C 251 -11.69 51.21 -17.90
CA SER C 251 -12.41 49.98 -18.24
C SER C 251 -13.89 50.31 -18.20
N SER C 252 -14.69 49.52 -18.89
CA SER C 252 -16.13 49.80 -18.97
C SER C 252 -16.90 48.50 -19.11
N SER C 253 -18.21 48.54 -18.96
CA SER C 253 -19.05 47.36 -19.13
C SER C 253 -20.39 47.79 -19.72
N HIS C 254 -21.30 46.91 -20.06
CA HIS C 254 -22.52 47.49 -20.67
C HIS C 254 -23.78 46.88 -20.13
N CYS C 255 -23.68 45.77 -19.42
CA CYS C 255 -24.88 45.21 -18.75
C CYS C 255 -25.86 44.64 -19.78
N LEU C 256 -25.43 44.52 -21.04
CA LEU C 256 -26.29 43.97 -22.11
C LEU C 256 -25.39 43.58 -23.27
N ASP C 257 -24.28 44.28 -23.48
CA ASP C 257 -23.50 44.04 -24.70
C ASP C 257 -22.03 43.95 -24.38
N PRO C 258 -21.23 43.36 -25.26
CA PRO C 258 -19.77 43.42 -25.08
C PRO C 258 -19.31 44.86 -25.08
N ASN C 259 -18.22 45.07 -24.32
CA ASN C 259 -17.63 46.41 -24.15
C ASN C 259 -16.68 46.76 -25.27
N ASN C 260 -16.26 45.77 -26.04
CA ASN C 260 -15.41 46.02 -27.23
C ASN C 260 -13.98 46.40 -26.85
N GLU C 261 -13.54 46.12 -25.62
CA GLU C 261 -12.20 46.56 -25.15
C GLU C 261 -11.33 45.35 -24.88
N GLU C 262 -10.26 45.20 -25.65
CA GLU C 262 -9.33 44.06 -25.48
C GLU C 262 -10.17 42.77 -25.33
N GLY C 263 -11.04 42.47 -26.28
CA GLY C 263 -11.88 41.27 -26.21
C GLY C 263 -11.34 40.14 -27.06
N GLY C 264 -10.16 40.28 -27.64
CA GLY C 264 -9.62 39.26 -28.56
C GLY C 264 -9.00 38.04 -27.89
N HIS C 265 -9.54 37.59 -26.75
CA HIS C 265 -9.09 36.36 -26.05
C HIS C 265 -9.79 36.37 -24.71
N GLY C 266 -9.38 35.49 -23.81
CA GLY C 266 -9.98 35.50 -22.47
C GLY C 266 -9.44 34.44 -21.56
N VAL C 267 -10.02 34.28 -20.38
CA VAL C 267 -9.63 33.19 -19.46
C VAL C 267 -10.92 32.78 -18.75
N LYS C 268 -11.15 31.49 -18.56
CA LYS C 268 -12.37 31.00 -17.91
C LYS C 268 -12.33 31.59 -16.53
N GLY C 269 -13.46 31.99 -15.98
CA GLY C 269 -13.39 32.66 -14.69
C GLY C 269 -14.73 32.60 -14.08
N TRP C 270 -14.87 33.23 -12.93
CA TRP C 270 -16.15 33.09 -12.25
C TRP C 270 -16.59 34.44 -11.70
N ALA C 271 -17.83 34.47 -11.24
CA ALA C 271 -18.45 35.57 -10.53
C ALA C 271 -19.81 35.11 -10.06
N PHE C 272 -20.26 35.66 -8.94
CA PHE C 272 -21.62 35.42 -8.49
C PHE C 272 -22.10 36.68 -7.79
N ASP C 273 -23.36 36.67 -7.35
CA ASP C 273 -24.00 37.87 -6.87
C ASP C 273 -24.44 37.71 -5.42
N ASP C 274 -24.24 38.77 -4.65
CA ASP C 274 -24.72 38.88 -3.27
C ASP C 274 -25.61 40.11 -3.24
N GLY C 275 -26.91 39.90 -3.36
CA GLY C 275 -27.83 41.01 -3.51
C GLY C 275 -27.58 41.78 -4.79
N ASN C 276 -27.22 43.05 -4.66
CA ASN C 276 -26.79 43.85 -5.80
C ASN C 276 -25.29 43.80 -6.02
N ASP C 277 -24.51 43.44 -5.01
CA ASP C 277 -23.07 43.40 -5.14
C ASP C 277 -22.64 42.15 -5.90
N VAL C 278 -21.46 42.18 -6.46
CA VAL C 278 -20.93 41.03 -7.19
C VAL C 278 -19.63 40.60 -6.54
N TRP C 279 -19.53 39.31 -6.21
CA TRP C 279 -18.28 38.72 -5.79
C TRP C 279 -17.60 38.13 -7.01
N MET C 280 -16.35 38.52 -7.24
CA MET C 280 -15.67 38.13 -8.46
C MET C 280 -14.20 37.88 -8.19
N GLY C 281 -13.56 37.18 -9.11
CA GLY C 281 -12.15 36.90 -9.04
C GLY C 281 -11.52 37.01 -10.40
N ARG C 282 -10.27 37.48 -10.45
CA ARG C 282 -9.59 37.69 -11.72
C ARG C 282 -8.10 37.66 -11.47
N THR C 283 -7.33 37.68 -12.56
CA THR C 283 -5.88 37.72 -12.43
C THR C 283 -5.44 39.12 -12.05
N ILE C 284 -4.29 39.25 -11.39
CA ILE C 284 -3.78 40.62 -11.07
C ILE C 284 -3.34 41.31 -12.36
N ASN C 285 -2.58 40.62 -13.22
CA ASN C 285 -2.10 41.20 -14.50
C ASN C 285 -3.29 41.37 -15.45
N GLU C 286 -3.25 42.37 -16.33
CA GLU C 286 -4.38 42.66 -17.25
C GLU C 286 -4.05 42.20 -18.67
N THR C 287 -2.84 41.68 -18.91
CA THR C 287 -2.43 41.30 -20.29
C THR C 287 -1.78 39.91 -20.22
N SER C 288 -1.93 39.19 -19.10
CA SER C 288 -1.29 37.86 -18.89
C SER C 288 -2.05 37.11 -17.80
N ARG C 289 -1.65 35.90 -17.44
CA ARG C 289 -2.26 35.16 -16.35
C ARG C 289 -1.27 35.05 -15.21
N LEU C 290 -1.05 36.18 -14.55
CA LEU C 290 -0.13 36.28 -13.42
C LEU C 290 -0.89 36.81 -12.21
N GLY C 291 -0.85 36.05 -11.12
CA GLY C 291 -1.54 36.44 -9.91
C GLY C 291 -3.01 36.11 -9.95
N TYR C 292 -3.66 36.27 -8.80
CA TYR C 292 -5.10 36.06 -8.72
C TYR C 292 -5.62 36.73 -7.46
N GLU C 293 -6.63 37.58 -7.64
CA GLU C 293 -7.26 38.32 -6.57
C GLU C 293 -8.78 38.17 -6.68
N THR C 294 -9.45 38.10 -5.54
CA THR C 294 -10.91 38.14 -5.50
C THR C 294 -11.35 39.33 -4.67
N PHE C 295 -12.50 39.88 -5.03
CA PHE C 295 -13.02 41.04 -4.31
C PHE C 295 -14.52 41.14 -4.54
N LYS C 296 -15.11 42.20 -4.01
CA LYS C 296 -16.53 42.46 -4.10
C LYS C 296 -16.74 43.85 -4.65
N VAL C 297 -17.53 43.95 -5.71
CA VAL C 297 -17.89 45.24 -6.31
C VAL C 297 -19.27 45.61 -5.85
N ILE C 298 -19.41 46.79 -5.26
CA ILE C 298 -20.66 47.22 -4.66
C ILE C 298 -21.60 47.72 -5.75
N GLU C 299 -22.81 47.16 -5.76
CA GLU C 299 -23.78 47.41 -6.83
C GLU C 299 -23.18 47.07 -8.19
N GLY C 300 -22.42 45.98 -8.24
CA GLY C 300 -21.75 45.59 -9.46
C GLY C 300 -22.55 44.64 -10.31
N TRP C 301 -23.59 44.04 -9.74
CA TRP C 301 -24.46 43.16 -10.50
C TRP C 301 -25.64 43.90 -11.12
N SER C 302 -25.82 45.18 -10.81
CA SER C 302 -26.97 45.91 -11.28
C SER C 302 -26.59 47.23 -11.95
N ASN C 303 -25.43 47.78 -11.61
CA ASN C 303 -25.03 49.10 -12.07
C ASN C 303 -23.67 49.04 -12.75
N PRO C 304 -23.57 49.35 -14.04
CA PRO C 304 -22.26 49.62 -14.62
C PRO C 304 -21.71 50.92 -14.07
N LYS C 305 -20.51 51.29 -14.48
CA LYS C 305 -19.85 52.50 -14.01
C LYS C 305 -19.57 52.47 -12.52
N SER C 306 -19.63 51.30 -11.89
CA SER C 306 -19.33 51.14 -10.48
C SER C 306 -17.97 50.48 -10.34
N LYS C 307 -17.07 51.14 -9.64
CA LYS C 307 -15.71 50.65 -9.44
C LYS C 307 -15.33 50.74 -7.98
N LEU C 308 -16.20 50.24 -7.12
CA LEU C 308 -16.05 50.37 -5.67
C LEU C 308 -15.83 48.97 -5.09
N GLN C 309 -14.56 48.56 -5.01
CA GLN C 309 -14.25 47.26 -4.43
C GLN C 309 -14.40 47.28 -2.92
N THR C 310 -14.27 46.10 -2.33
CA THR C 310 -14.33 45.88 -0.89
C THR C 310 -13.99 44.40 -0.67
N ASN C 311 -13.37 44.11 0.47
CA ASN C 311 -13.05 42.74 0.84
C ASN C 311 -12.14 42.08 -0.19
N ARG C 312 -11.12 42.81 -0.62
CA ARG C 312 -10.16 42.27 -1.58
C ARG C 312 -9.23 41.26 -0.92
N GLN C 313 -8.91 40.20 -1.66
CA GLN C 313 -8.00 39.18 -1.20
C GLN C 313 -7.00 38.88 -2.31
N VAL C 314 -5.79 38.54 -1.93
CA VAL C 314 -4.78 38.13 -2.89
C VAL C 314 -4.51 36.65 -2.71
N ILE C 315 -5.19 35.81 -3.49
CA ILE C 315 -5.02 34.37 -3.42
C ILE C 315 -3.67 33.94 -3.98
N VAL C 316 -3.19 34.54 -5.06
CA VAL C 316 -1.85 34.25 -5.67
C VAL C 316 -1.22 35.59 -6.04
N ASP C 317 0.08 35.77 -5.88
CA ASP C 317 0.74 37.09 -6.06
C ASP C 317 0.93 37.49 -7.52
N ARG C 318 1.26 38.75 -7.79
CA ARG C 318 1.33 39.28 -9.17
C ARG C 318 2.50 38.82 -10.02
N GLY C 319 3.48 38.12 -9.49
CA GLY C 319 4.54 37.59 -10.36
C GLY C 319 4.47 36.09 -10.49
N ASP C 320 3.38 35.50 -10.02
CA ASP C 320 3.29 34.03 -10.01
C ASP C 320 2.17 33.58 -10.94
N ARG C 321 2.45 32.62 -11.84
CA ARG C 321 1.49 32.22 -12.89
C ARG C 321 0.19 31.69 -12.32
N SER C 322 -0.94 32.07 -12.94
CA SER C 322 -2.27 31.54 -12.56
C SER C 322 -2.87 30.98 -13.83
N GLY C 323 -4.17 30.69 -13.83
CA GLY C 323 -4.79 30.26 -15.06
C GLY C 323 -6.29 30.21 -14.97
N TYR C 324 -6.88 29.13 -15.47
CA TYR C 324 -8.32 28.92 -15.35
C TYR C 324 -8.73 28.92 -13.90
N SER C 325 -9.87 29.56 -13.60
CA SER C 325 -10.47 29.47 -12.28
C SER C 325 -11.96 29.24 -12.44
N GLY C 326 -12.58 28.70 -11.40
CA GLY C 326 -13.99 28.38 -11.51
C GLY C 326 -14.64 28.25 -10.16
N ILE C 327 -15.96 28.12 -10.19
CA ILE C 327 -16.78 28.12 -9.00
C ILE C 327 -17.40 26.73 -8.82
N PHE C 328 -17.66 26.37 -7.57
CA PHE C 328 -18.48 25.20 -7.27
C PHE C 328 -19.16 25.44 -5.93
N SER C 329 -20.39 24.94 -5.80
CA SER C 329 -21.22 25.20 -4.63
C SER C 329 -21.28 23.96 -3.76
N VAL C 330 -21.28 24.19 -2.45
CA VAL C 330 -21.28 23.13 -1.45
C VAL C 330 -22.48 23.32 -0.55
N GLU C 331 -23.29 22.28 -0.39
CA GLU C 331 -24.48 22.36 0.44
C GLU C 331 -24.08 22.31 1.90
N GLY C 332 -24.37 23.38 2.64
CA GLY C 332 -24.10 23.44 4.04
C GLY C 332 -25.27 22.97 4.87
N LYS C 333 -25.19 23.25 6.17
CA LYS C 333 -26.24 22.82 7.08
C LYS C 333 -27.49 23.67 6.92
N SER C 334 -27.32 24.98 6.73
CA SER C 334 -28.45 25.88 6.61
C SER C 334 -28.41 26.77 5.39
N CYS C 335 -27.39 26.66 4.55
CA CYS C 335 -27.29 27.51 3.37
C CYS C 335 -26.32 26.87 2.39
N ILE C 336 -26.18 27.50 1.23
CA ILE C 336 -25.34 27.02 0.14
C ILE C 336 -24.10 27.90 0.07
N ASN C 337 -22.94 27.28 0.17
CA ASN C 337 -21.66 27.99 0.18
C ASN C 337 -21.06 27.97 -1.22
N ARG C 338 -20.31 29.02 -1.53
CA ARG C 338 -19.62 29.12 -2.82
C ARG C 338 -18.12 29.00 -2.60
N CYS C 339 -17.49 28.13 -3.37
CA CYS C 339 -16.05 27.97 -3.34
C CYS C 339 -15.53 28.19 -4.75
N PHE C 340 -14.25 28.49 -4.86
CA PHE C 340 -13.61 28.58 -6.16
C PHE C 340 -12.28 27.87 -6.14
N TYR C 341 -11.82 27.52 -7.33
CA TYR C 341 -10.52 26.92 -7.54
C TYR C 341 -9.76 27.75 -8.56
N VAL C 342 -8.45 27.81 -8.38
CA VAL C 342 -7.55 28.47 -9.31
C VAL C 342 -6.56 27.44 -9.83
N GLU C 343 -6.34 27.45 -11.14
CA GLU C 343 -5.37 26.58 -11.78
C GLU C 343 -4.07 27.34 -11.99
N LEU C 344 -2.99 26.81 -11.44
CA LEU C 344 -1.67 27.44 -11.49
C LEU C 344 -0.85 26.72 -12.55
N ILE C 345 -0.72 27.33 -13.72
CA ILE C 345 -0.10 26.71 -14.88
C ILE C 345 1.41 26.94 -14.82
N ARG C 346 2.18 25.90 -15.14
CA ARG C 346 3.62 25.98 -15.14
C ARG C 346 4.17 25.22 -16.35
N GLY C 347 4.84 25.90 -17.27
CA GLY C 347 5.26 25.15 -18.47
C GLY C 347 5.80 25.88 -19.69
N ARG C 348 6.13 25.16 -20.76
CA ARG C 348 6.75 25.71 -21.98
C ARG C 348 5.77 26.57 -22.73
N LYS C 349 4.55 26.67 -22.25
CA LYS C 349 3.71 27.61 -23.02
C LYS C 349 4.34 29.00 -22.99
N GLU C 350 4.72 29.51 -21.80
CA GLU C 350 5.33 30.85 -21.61
C GLU C 350 6.77 30.70 -21.14
N GLU C 351 7.01 29.94 -20.06
CA GLU C 351 8.38 29.64 -19.61
C GLU C 351 9.07 28.84 -20.70
N THR C 352 10.39 28.79 -20.70
CA THR C 352 11.06 27.97 -21.71
C THR C 352 12.24 27.18 -21.15
N GLU C 353 12.29 26.96 -19.85
CA GLU C 353 13.31 26.10 -19.28
C GLU C 353 12.84 24.67 -19.08
N VAL C 354 11.62 24.34 -19.50
CA VAL C 354 11.11 22.98 -19.49
C VAL C 354 10.37 22.73 -20.80
N LEU C 355 10.20 21.46 -21.14
CA LEU C 355 9.53 21.07 -22.36
C LEU C 355 8.07 20.70 -22.17
N TRP C 356 7.57 20.73 -20.94
CA TRP C 356 6.23 20.28 -20.63
C TRP C 356 5.37 21.44 -20.17
N THR C 357 4.06 21.19 -20.11
CA THR C 357 3.09 22.10 -19.53
C THR C 357 2.21 21.32 -18.57
N SER C 358 2.08 21.78 -17.33
CA SER C 358 1.16 21.14 -16.38
C SER C 358 0.56 22.20 -15.47
N ASN C 359 -0.18 21.76 -14.46
CA ASN C 359 -0.83 22.73 -13.56
C ASN C 359 -0.95 22.17 -12.16
N SER C 360 -1.25 23.02 -11.20
CA SER C 360 -1.44 22.61 -9.80
C SER C 360 -2.76 23.30 -9.45
N ILE C 361 -3.43 22.99 -8.36
CA ILE C 361 -4.73 23.65 -8.10
C ILE C 361 -4.71 24.24 -6.70
N VAL C 362 -5.38 25.35 -6.48
CA VAL C 362 -5.55 25.87 -5.12
C VAL C 362 -7.01 26.23 -4.93
N VAL C 363 -7.60 25.79 -3.82
CA VAL C 363 -9.04 25.82 -3.61
C VAL C 363 -9.35 26.65 -2.38
N PHE C 364 -10.29 27.58 -2.52
CA PHE C 364 -10.77 28.44 -1.44
C PHE C 364 -12.29 28.31 -1.35
N CYS C 365 -12.83 28.52 -0.14
CA CYS C 365 -14.28 28.51 0.08
C CYS C 365 -14.71 29.73 0.85
N GLY C 366 -15.95 30.16 0.62
CA GLY C 366 -16.46 31.34 1.27
C GLY C 366 -16.68 31.11 2.76
N THR C 367 -16.57 32.20 3.52
CA THR C 367 -16.67 32.11 4.96
C THR C 367 -17.47 33.29 5.50
N SER C 368 -18.21 33.04 6.58
CA SER C 368 -18.91 34.08 7.30
C SER C 368 -18.09 34.61 8.47
N GLY C 369 -16.95 34.02 8.75
CA GLY C 369 -16.06 34.48 9.78
C GLY C 369 -15.03 35.44 9.25
N THR C 370 -13.91 35.52 9.95
CA THR C 370 -12.83 36.42 9.58
C THR C 370 -11.70 35.64 8.94
N TYR C 371 -10.77 36.36 8.33
CA TYR C 371 -9.67 35.73 7.62
C TYR C 371 -8.50 36.70 7.58
N GLY C 372 -7.32 36.17 7.25
CA GLY C 372 -6.14 36.99 7.17
C GLY C 372 -5.65 37.20 5.76
N THR C 373 -4.34 37.38 5.60
CA THR C 373 -3.71 37.54 4.31
C THR C 373 -2.76 36.39 4.06
N GLY C 374 -2.32 36.27 2.83
CA GLY C 374 -1.39 35.22 2.45
C GLY C 374 -1.20 35.20 0.96
N SER C 375 -0.46 34.19 0.52
CA SER C 375 -0.28 33.94 -0.91
C SER C 375 0.16 32.49 -1.05
N TRP C 376 -0.49 31.75 -1.95
CA TRP C 376 -0.28 30.32 -2.09
C TRP C 376 0.05 30.00 -3.54
N PRO C 377 1.28 30.24 -3.96
CA PRO C 377 1.66 30.00 -5.35
C PRO C 377 1.80 28.51 -5.59
N ASP C 378 2.32 28.10 -6.76
CA ASP C 378 2.58 26.65 -6.97
C ASP C 378 3.85 26.26 -6.22
N GLY C 379 4.92 27.02 -6.38
CA GLY C 379 6.14 26.77 -5.60
C GLY C 379 7.16 25.92 -6.26
N ALA C 380 6.89 25.45 -7.46
CA ALA C 380 7.81 24.53 -8.12
C ALA C 380 8.99 25.35 -8.60
N ASP C 381 10.20 24.81 -8.54
CA ASP C 381 11.35 25.55 -9.11
C ASP C 381 11.73 24.81 -10.39
N LEU C 382 11.47 25.42 -11.55
CA LEU C 382 11.65 24.72 -12.84
C LEU C 382 13.11 24.79 -13.28
N ASN C 383 13.93 25.63 -12.66
CA ASN C 383 15.35 25.63 -12.99
C ASN C 383 16.04 24.34 -12.58
N LEU C 384 15.49 23.64 -11.57
CA LEU C 384 16.09 22.42 -11.08
C LEU C 384 15.33 21.16 -11.49
N MET C 385 14.02 21.28 -11.76
CA MET C 385 13.13 20.13 -12.12
C MET C 385 13.68 19.24 -13.24
N PRO C 386 13.11 18.04 -13.50
CA PRO C 386 13.70 17.05 -14.44
C PRO C 386 14.03 17.34 -15.91
N ILE C 387 15.20 16.88 -16.37
CA ILE C 387 15.64 17.15 -17.78
C ILE C 387 16.44 15.95 -18.28
N GLU D 1 -31.13 -10.46 -6.57
CA GLU D 1 -29.69 -10.38 -6.43
C GLU D 1 -28.98 -11.00 -7.63
N TYR D 2 -29.39 -12.20 -8.02
CA TYR D 2 -28.88 -12.78 -9.25
C TYR D 2 -29.19 -11.89 -10.44
N ARG D 3 -28.44 -12.12 -11.50
CA ARG D 3 -28.54 -11.35 -12.73
C ARG D 3 -29.09 -12.27 -13.81
N ASN D 4 -30.15 -11.84 -14.48
CA ASN D 4 -30.84 -12.66 -15.46
C ASN D 4 -30.90 -12.06 -16.86
N TRP D 5 -30.45 -10.82 -17.05
CA TRP D 5 -30.30 -10.24 -18.39
C TRP D 5 -31.59 -10.27 -19.18
N SER D 6 -32.71 -10.00 -18.51
CA SER D 6 -34.02 -10.22 -19.13
C SER D 6 -34.44 -9.11 -20.08
N LYS D 7 -33.83 -7.94 -20.00
CA LYS D 7 -34.29 -6.80 -20.77
C LYS D 7 -33.94 -6.96 -22.24
N PRO D 8 -34.61 -6.21 -23.13
CA PRO D 8 -34.29 -6.30 -24.56
C PRO D 8 -32.90 -5.76 -24.86
N GLN D 9 -32.52 -5.78 -26.14
CA GLN D 9 -31.24 -5.20 -26.55
C GLN D 9 -31.44 -3.75 -26.94
N CYS D 10 -30.50 -2.90 -26.52
CA CYS D 10 -30.62 -1.48 -26.78
C CYS D 10 -30.51 -1.21 -28.27
N GLY D 11 -31.16 -0.15 -28.72
CA GLY D 11 -31.05 0.26 -30.11
C GLY D 11 -29.66 0.81 -30.38
N ILE D 12 -28.95 0.22 -31.33
CA ILE D 12 -27.56 0.58 -31.58
C ILE D 12 -27.44 1.12 -32.99
N THR D 13 -26.97 2.36 -33.11
CA THR D 13 -26.64 2.96 -34.39
C THR D 13 -25.14 3.14 -34.56
N GLY D 14 -24.35 2.72 -33.58
CA GLY D 14 -22.93 2.96 -33.60
C GLY D 14 -22.40 2.89 -32.18
N PHE D 15 -21.12 3.20 -32.05
CA PHE D 15 -20.43 3.07 -30.78
C PHE D 15 -19.73 4.37 -30.45
N ALA D 16 -19.73 4.73 -29.17
CA ALA D 16 -19.13 5.98 -28.72
C ALA D 16 -17.96 5.69 -27.79
N PRO D 17 -16.96 6.59 -27.74
CA PRO D 17 -15.78 6.32 -26.91
C PRO D 17 -16.15 6.17 -25.44
N PHE D 18 -15.52 5.23 -24.79
CA PHE D 18 -15.85 5.03 -23.38
C PHE D 18 -14.64 5.06 -22.47
N SER D 19 -13.52 4.47 -22.87
CA SER D 19 -12.38 4.44 -21.97
C SER D 19 -11.08 4.20 -22.73
N LYS D 20 -9.98 4.58 -22.09
CA LYS D 20 -8.63 4.42 -22.61
C LYS D 20 -7.70 4.40 -21.42
N ASP D 21 -6.70 3.51 -21.44
CA ASP D 21 -5.84 3.34 -20.29
C ASP D 21 -4.45 3.93 -20.43
N ASN D 22 -3.96 4.15 -21.66
CA ASN D 22 -2.66 4.77 -21.88
C ASN D 22 -1.54 4.04 -21.13
N SER D 23 -1.58 2.71 -21.16
CA SER D 23 -0.66 1.93 -20.34
C SER D 23 0.78 2.10 -20.82
N ILE D 24 1.02 2.01 -22.12
CA ILE D 24 2.39 2.04 -22.61
C ILE D 24 2.97 3.45 -22.45
N ARG D 25 2.16 4.48 -22.64
CA ARG D 25 2.65 5.85 -22.48
C ARG D 25 3.05 6.12 -21.03
N LEU D 26 2.27 5.60 -20.08
CA LEU D 26 2.63 5.76 -18.68
C LEU D 26 3.78 4.86 -18.27
N SER D 27 4.00 3.76 -18.98
CA SER D 27 5.07 2.84 -18.62
C SER D 27 6.44 3.44 -18.82
N ALA D 28 6.57 4.46 -19.66
CA ALA D 28 7.87 5.09 -19.87
C ALA D 28 8.37 5.75 -18.60
N GLY D 29 7.48 6.39 -17.86
CA GLY D 29 7.83 6.86 -16.52
C GLY D 29 6.82 6.36 -15.52
N GLY D 30 7.25 5.47 -14.63
CA GLY D 30 6.36 4.81 -13.71
C GLY D 30 6.42 3.30 -13.87
N ASP D 31 5.89 2.62 -12.85
CA ASP D 31 5.92 1.17 -12.76
C ASP D 31 4.56 0.63 -13.17
N ILE D 32 4.49 0.04 -14.35
CA ILE D 32 3.24 -0.48 -14.92
C ILE D 32 3.46 -1.92 -15.31
N TRP D 33 2.47 -2.76 -15.04
CA TRP D 33 2.56 -4.19 -15.34
C TRP D 33 2.70 -4.41 -16.84
N VAL D 34 3.46 -5.42 -17.21
CA VAL D 34 3.50 -5.92 -18.58
C VAL D 34 2.36 -6.92 -18.71
N THR D 35 1.42 -6.63 -19.61
CA THR D 35 0.22 -7.43 -19.75
C THR D 35 0.01 -7.82 -21.21
N ARG D 36 -0.99 -8.66 -21.42
CA ARG D 36 -1.56 -8.93 -22.73
C ARG D 36 -2.83 -9.74 -22.51
N GLU D 37 -3.62 -9.89 -23.57
CA GLU D 37 -4.92 -10.56 -23.53
C GLU D 37 -5.82 -9.94 -22.49
N PRO D 38 -6.28 -8.70 -22.68
CA PRO D 38 -7.15 -8.06 -21.71
C PRO D 38 -8.62 -8.29 -22.03
N TYR D 39 -9.48 -7.85 -21.12
CA TYR D 39 -10.91 -7.80 -21.38
C TYR D 39 -11.56 -6.91 -20.33
N VAL D 40 -12.87 -6.75 -20.45
CA VAL D 40 -13.65 -5.89 -19.56
C VAL D 40 -14.89 -6.66 -19.12
N SER D 41 -15.28 -6.47 -17.86
CA SER D 41 -16.50 -7.06 -17.33
C SER D 41 -17.04 -6.14 -16.24
N CYS D 42 -18.35 -6.11 -16.07
CA CYS D 42 -18.97 -5.16 -15.15
C CYS D 42 -19.85 -5.88 -14.14
N ASP D 43 -19.68 -5.55 -12.86
CA ASP D 43 -20.66 -5.89 -11.86
C ASP D 43 -21.78 -4.87 -11.91
N PRO D 44 -22.92 -5.11 -11.25
CA PRO D 44 -24.07 -4.22 -11.43
C PRO D 44 -23.83 -2.75 -11.12
N ASP D 45 -22.64 -2.39 -10.62
CA ASP D 45 -22.32 -1.03 -10.26
C ASP D 45 -21.39 -0.35 -11.26
N LYS D 46 -20.21 -0.92 -11.50
CA LYS D 46 -19.22 -0.31 -12.37
C LYS D 46 -18.53 -1.40 -13.18
N CYS D 47 -17.53 -1.01 -13.95
CA CYS D 47 -16.86 -1.91 -14.85
C CYS D 47 -15.39 -2.05 -14.46
N TYR D 48 -14.85 -3.23 -14.74
CA TYR D 48 -13.49 -3.61 -14.38
C TYR D 48 -12.77 -4.09 -15.62
N GLN D 49 -11.47 -3.86 -15.64
CA GLN D 49 -10.59 -4.35 -16.69
C GLN D 49 -9.70 -5.44 -16.12
N PHE D 50 -9.52 -6.49 -16.92
CA PHE D 50 -8.71 -7.65 -16.57
C PHE D 50 -7.62 -7.82 -17.61
N ALA D 51 -6.52 -8.41 -17.19
CA ALA D 51 -5.43 -8.71 -18.12
C ALA D 51 -4.62 -9.88 -17.58
N LEU D 52 -3.80 -10.45 -18.45
CA LEU D 52 -2.89 -11.52 -18.07
C LEU D 52 -1.49 -10.92 -18.01
N GLY D 53 -1.00 -10.68 -16.80
CA GLY D 53 0.29 -10.05 -16.64
C GLY D 53 1.41 -11.08 -16.60
N GLN D 54 2.56 -10.70 -17.15
CA GLN D 54 3.70 -11.57 -17.25
C GLN D 54 4.55 -11.59 -16.00
N GLY D 55 4.02 -11.16 -14.87
CA GLY D 55 4.78 -11.21 -13.64
C GLY D 55 5.90 -10.21 -13.55
N THR D 56 5.81 -9.10 -14.27
CA THR D 56 6.85 -8.08 -14.22
C THR D 56 6.29 -6.77 -14.72
N THR D 57 7.02 -5.69 -14.41
CA THR D 57 6.70 -4.38 -14.93
C THR D 57 7.49 -4.16 -16.23
N LEU D 58 7.29 -3.01 -16.85
CA LEU D 58 7.90 -2.79 -18.16
C LEU D 58 9.32 -2.25 -18.06
N ASN D 59 9.58 -1.32 -17.14
CA ASN D 59 10.93 -0.85 -16.87
C ASN D 59 11.63 -1.82 -15.92
N ASN D 60 11.79 -3.05 -16.38
CA ASN D 60 12.24 -4.15 -15.56
C ASN D 60 13.18 -5.03 -16.38
N VAL D 61 14.14 -5.66 -15.69
CA VAL D 61 15.01 -6.58 -16.41
C VAL D 61 14.25 -7.81 -16.86
N HIS D 62 13.20 -8.18 -16.12
CA HIS D 62 12.39 -9.35 -16.45
C HIS D 62 11.44 -9.08 -17.61
N SER D 63 11.34 -7.82 -18.05
CA SER D 63 10.45 -7.49 -19.19
C SER D 63 11.00 -8.05 -20.50
N ASN D 64 12.26 -8.49 -20.49
CA ASN D 64 12.91 -9.01 -21.72
C ASN D 64 12.21 -10.29 -22.18
N ASN D 65 12.07 -10.48 -23.49
CA ASN D 65 11.49 -11.73 -24.05
C ASN D 65 10.15 -12.05 -23.38
N THR D 66 9.22 -11.10 -23.34
CA THR D 66 7.91 -11.43 -22.80
C THR D 66 6.87 -11.68 -23.89
N VAL D 67 7.31 -12.25 -25.01
CA VAL D 67 6.40 -12.54 -26.16
C VAL D 67 5.72 -13.90 -25.97
N ARG D 68 6.20 -14.72 -25.02
CA ARG D 68 5.68 -16.08 -24.73
C ARG D 68 4.32 -16.03 -24.08
N ASP D 69 3.52 -17.06 -24.26
CA ASP D 69 2.13 -16.95 -23.78
C ASP D 69 1.79 -17.93 -22.67
N ARG D 70 2.74 -18.72 -22.21
CA ARG D 70 2.52 -19.76 -21.20
C ARG D 70 3.77 -19.86 -20.33
N THR D 71 3.80 -19.12 -19.25
CA THR D 71 4.88 -19.15 -18.28
C THR D 71 4.29 -19.34 -16.89
N PRO D 72 5.07 -19.88 -15.95
CA PRO D 72 4.54 -20.08 -14.60
C PRO D 72 4.24 -18.81 -13.84
N TYR D 73 4.45 -17.64 -14.45
CA TYR D 73 4.44 -16.39 -13.71
C TYR D 73 3.27 -15.50 -14.09
N ARG D 74 2.61 -15.78 -15.21
CA ARG D 74 1.48 -14.98 -15.64
C ARG D 74 0.35 -15.13 -14.64
N THR D 75 -0.23 -14.00 -14.24
CA THR D 75 -1.37 -14.00 -13.34
C THR D 75 -2.46 -13.13 -13.92
N LEU D 76 -3.65 -13.20 -13.32
CA LEU D 76 -4.80 -12.44 -13.77
C LEU D 76 -4.93 -11.17 -12.94
N LEU D 77 -4.81 -10.02 -13.58
CA LEU D 77 -4.88 -8.72 -12.93
C LEU D 77 -6.25 -8.09 -13.16
N MET D 78 -6.78 -7.48 -12.10
CA MET D 78 -8.10 -6.85 -12.11
C MET D 78 -8.03 -5.47 -11.50
N ASN D 79 -8.41 -4.44 -12.26
CA ASN D 79 -8.68 -3.12 -11.70
C ASN D 79 -10.05 -2.63 -12.14
N GLU D 80 -10.43 -1.48 -11.59
CA GLU D 80 -11.56 -0.76 -12.12
C GLU D 80 -11.23 -0.26 -13.51
N LEU D 81 -12.27 -0.10 -14.33
CA LEU D 81 -12.04 0.38 -15.68
C LEU D 81 -11.49 1.79 -15.65
N GLY D 82 -10.26 1.96 -16.10
CA GLY D 82 -9.67 3.27 -16.13
C GLY D 82 -8.36 3.34 -15.36
N VAL D 83 -8.30 2.64 -14.24
CA VAL D 83 -7.08 2.64 -13.44
C VAL D 83 -6.02 1.82 -14.15
N PRO D 84 -4.87 2.40 -14.47
CA PRO D 84 -3.81 1.61 -15.12
C PRO D 84 -3.24 0.56 -14.17
N PHE D 85 -2.67 -0.48 -14.77
CA PHE D 85 -2.14 -1.61 -14.01
C PHE D 85 -0.85 -1.18 -13.31
N HIS D 86 -1.00 -0.41 -12.24
CA HIS D 86 0.15 -0.02 -11.45
C HIS D 86 0.51 -1.14 -10.47
N LEU D 87 1.47 -0.87 -9.60
CA LEU D 87 1.97 -1.90 -8.70
C LEU D 87 1.00 -2.25 -7.58
N GLY D 88 -0.05 -1.46 -7.39
CA GLY D 88 -1.08 -1.80 -6.43
C GLY D 88 -2.18 -2.68 -6.99
N THR D 89 -2.02 -3.17 -8.21
CA THR D 89 -3.05 -3.98 -8.84
C THR D 89 -3.16 -5.32 -8.16
N LYS D 90 -4.38 -5.74 -7.85
CA LYS D 90 -4.62 -7.04 -7.27
C LYS D 90 -4.63 -8.10 -8.37
N GLN D 91 -3.76 -9.08 -8.25
CA GLN D 91 -3.71 -10.21 -9.17
C GLN D 91 -4.43 -11.40 -8.55
N VAL D 92 -5.50 -11.85 -9.21
CA VAL D 92 -6.54 -12.61 -8.54
C VAL D 92 -6.41 -14.11 -8.71
N CYS D 93 -5.47 -14.59 -9.52
CA CYS D 93 -5.25 -16.02 -9.68
C CYS D 93 -4.01 -16.23 -10.51
N ILE D 94 -3.45 -17.44 -10.43
CA ILE D 94 -2.40 -17.87 -11.33
C ILE D 94 -3.07 -18.37 -12.60
N ALA D 95 -2.75 -17.76 -13.73
CA ALA D 95 -3.40 -18.11 -14.99
C ALA D 95 -2.56 -17.63 -16.16
N TRP D 96 -2.36 -18.50 -17.13
CA TRP D 96 -2.00 -18.05 -18.47
C TRP D 96 -3.16 -18.16 -19.44
N SER D 97 -4.32 -18.63 -18.99
CA SER D 97 -5.56 -18.37 -19.72
C SER D 97 -6.65 -18.05 -18.71
N SER D 98 -7.64 -17.26 -19.10
CA SER D 98 -8.57 -16.79 -18.08
C SER D 98 -9.91 -16.40 -18.68
N SER D 99 -10.92 -16.34 -17.81
CA SER D 99 -12.22 -15.78 -18.12
C SER D 99 -12.89 -15.38 -16.81
N SER D 100 -13.85 -14.45 -16.88
CA SER D 100 -14.45 -13.89 -15.68
C SER D 100 -15.91 -13.52 -15.87
N CYS D 101 -16.71 -13.85 -14.86
CA CYS D 101 -18.14 -13.57 -14.80
C CYS D 101 -18.46 -12.78 -13.54
N HIS D 102 -19.63 -12.14 -13.54
CA HIS D 102 -20.26 -11.67 -12.32
C HIS D 102 -21.74 -12.01 -12.40
N ASP D 103 -22.21 -12.87 -11.51
CA ASP D 103 -23.58 -13.37 -11.56
C ASP D 103 -24.55 -12.49 -10.80
N GLY D 104 -24.15 -11.29 -10.39
CA GLY D 104 -24.97 -10.43 -9.59
C GLY D 104 -24.72 -10.55 -8.11
N LYS D 105 -23.99 -11.56 -7.67
CA LYS D 105 -23.64 -11.74 -6.27
C LYS D 105 -22.14 -11.69 -6.03
N ALA D 106 -21.36 -12.45 -6.81
CA ALA D 106 -19.93 -12.51 -6.58
C ALA D 106 -19.24 -12.76 -7.92
N TRP D 107 -17.94 -12.49 -7.96
CA TRP D 107 -17.15 -12.69 -9.15
C TRP D 107 -16.77 -14.14 -9.31
N LEU D 108 -16.76 -14.63 -10.55
CA LEU D 108 -16.27 -15.95 -10.89
C LEU D 108 -15.07 -15.79 -11.80
N HIS D 109 -13.98 -16.48 -11.48
CA HIS D 109 -12.78 -16.47 -12.27
C HIS D 109 -12.46 -17.90 -12.67
N VAL D 110 -12.26 -18.12 -13.96
CA VAL D 110 -11.75 -19.37 -14.48
C VAL D 110 -10.31 -19.13 -14.90
N CYS D 111 -9.39 -19.88 -14.32
CA CYS D 111 -7.96 -19.63 -14.49
C CYS D 111 -7.26 -20.92 -14.87
N ILE D 112 -6.60 -20.92 -16.02
CA ILE D 112 -5.87 -22.09 -16.50
C ILE D 112 -4.38 -21.84 -16.41
N THR D 113 -3.68 -22.77 -15.77
CA THR D 113 -2.23 -22.71 -15.60
C THR D 113 -1.67 -24.12 -15.53
N GLY D 114 -0.35 -24.23 -15.65
CA GLY D 114 0.30 -25.53 -15.52
C GLY D 114 1.05 -25.98 -16.76
N ASP D 115 1.35 -27.27 -16.83
CA ASP D 115 2.08 -27.79 -17.97
C ASP D 115 1.20 -27.78 -19.22
N ASP D 116 1.79 -27.54 -20.38
CA ASP D 116 0.93 -27.39 -21.59
C ASP D 116 0.07 -28.63 -21.67
N LYS D 117 0.70 -29.81 -21.77
CA LYS D 117 -0.06 -31.09 -21.88
C LYS D 117 -1.00 -31.23 -20.68
N ASN D 118 -0.46 -31.42 -19.48
CA ASN D 118 -1.31 -31.64 -18.30
C ASN D 118 -1.49 -30.26 -17.70
N ALA D 119 -2.66 -29.63 -17.85
CA ALA D 119 -2.95 -28.28 -17.32
C ALA D 119 -4.09 -28.36 -16.30
N THR D 120 -4.31 -27.26 -15.56
CA THR D 120 -5.34 -27.22 -14.53
C THR D 120 -6.15 -25.96 -14.68
N ALA D 121 -7.46 -26.09 -14.60
CA ALA D 121 -8.40 -24.98 -14.63
C ALA D 121 -9.03 -24.86 -13.25
N SER D 122 -8.75 -23.78 -12.55
CA SER D 122 -9.31 -23.50 -11.24
C SER D 122 -10.51 -22.57 -11.40
N PHE D 123 -11.57 -22.89 -10.68
CA PHE D 123 -12.80 -22.10 -10.68
C PHE D 123 -12.95 -21.48 -9.31
N ILE D 124 -12.84 -20.16 -9.27
CA ILE D 124 -12.75 -19.37 -8.04
C ILE D 124 -14.00 -18.51 -7.97
N TYR D 125 -14.76 -18.65 -6.89
CA TYR D 125 -16.00 -17.91 -6.74
C TYR D 125 -16.06 -17.30 -5.36
N ASN D 126 -16.23 -15.98 -5.30
CA ASN D 126 -16.37 -15.24 -4.05
C ASN D 126 -15.12 -15.37 -3.19
N GLY D 127 -13.96 -15.42 -3.83
CA GLY D 127 -12.71 -15.50 -3.09
C GLY D 127 -12.38 -16.86 -2.53
N ARG D 128 -13.01 -17.91 -3.04
CA ARG D 128 -12.71 -19.28 -2.64
C ARG D 128 -12.34 -20.05 -3.89
N LEU D 129 -11.46 -21.04 -3.73
CA LEU D 129 -11.22 -21.99 -4.81
C LEU D 129 -12.28 -23.07 -4.72
N VAL D 130 -13.32 -22.95 -5.55
CA VAL D 130 -14.46 -23.85 -5.46
C VAL D 130 -14.27 -25.14 -6.26
N ASP D 131 -13.66 -25.07 -7.45
CA ASP D 131 -13.58 -26.28 -8.25
C ASP D 131 -12.30 -26.29 -9.07
N SER D 132 -12.06 -27.41 -9.72
CA SER D 132 -10.85 -27.60 -10.52
C SER D 132 -11.07 -28.71 -11.52
N VAL D 133 -10.48 -28.56 -12.71
CA VAL D 133 -10.59 -29.54 -13.79
C VAL D 133 -9.22 -29.72 -14.41
N VAL D 134 -9.00 -30.89 -15.00
CA VAL D 134 -7.76 -31.21 -15.69
C VAL D 134 -8.02 -31.24 -17.19
N SER D 135 -6.94 -31.16 -17.97
CA SER D 135 -7.06 -31.29 -19.42
C SER D 135 -7.69 -32.63 -19.78
N TRP D 136 -8.66 -32.59 -20.68
CA TRP D 136 -9.22 -33.84 -21.18
C TRP D 136 -8.48 -34.38 -22.38
N SER D 137 -7.98 -33.51 -23.26
CA SER D 137 -7.26 -33.92 -24.45
C SER D 137 -5.75 -33.92 -24.27
N LYS D 138 -5.27 -33.62 -23.06
CA LYS D 138 -3.84 -33.58 -22.76
C LYS D 138 -3.10 -32.68 -23.75
N ASP D 139 -3.62 -31.48 -23.92
CA ASP D 139 -3.03 -30.49 -24.80
C ASP D 139 -3.17 -29.14 -24.11
N ILE D 140 -3.00 -28.07 -24.87
CA ILE D 140 -3.06 -26.73 -24.28
C ILE D 140 -4.52 -26.40 -23.98
N LEU D 141 -4.94 -26.59 -22.74
CA LEU D 141 -6.28 -26.20 -22.31
C LEU D 141 -6.38 -24.69 -22.30
N ARG D 142 -7.45 -24.15 -22.87
CA ARG D 142 -7.57 -22.72 -23.05
C ARG D 142 -9.04 -22.32 -23.04
N THR D 143 -9.30 -21.05 -22.81
CA THR D 143 -10.66 -20.56 -22.62
C THR D 143 -10.81 -19.23 -23.34
N GLN D 144 -11.87 -18.50 -23.00
CA GLN D 144 -12.39 -17.44 -23.85
C GLN D 144 -11.48 -16.24 -23.94
N GLU D 145 -10.70 -15.95 -22.90
CA GLU D 145 -9.92 -14.73 -22.77
C GLU D 145 -10.79 -13.49 -22.74
N SER D 146 -12.08 -13.64 -22.48
CA SER D 146 -12.99 -12.52 -22.29
C SER D 146 -14.00 -12.93 -21.23
N GLU D 147 -15.04 -12.11 -21.06
CA GLU D 147 -16.01 -12.39 -20.01
C GLU D 147 -16.87 -13.58 -20.38
N CYS D 148 -17.28 -14.32 -19.36
CA CYS D 148 -18.32 -15.32 -19.47
C CYS D 148 -19.64 -14.72 -19.01
N VAL D 149 -20.73 -15.48 -19.19
CA VAL D 149 -22.08 -14.97 -19.00
C VAL D 149 -22.84 -15.85 -18.02
N CYS D 150 -23.51 -15.22 -17.05
CA CYS D 150 -24.34 -15.91 -16.07
C CYS D 150 -25.79 -15.49 -16.26
N ILE D 151 -26.69 -16.48 -16.22
CA ILE D 151 -28.15 -16.18 -16.29
C ILE D 151 -28.80 -17.02 -15.19
N ASN D 152 -29.49 -16.39 -14.24
CA ASN D 152 -30.09 -17.12 -13.08
C ASN D 152 -29.01 -17.84 -12.28
N GLY D 153 -27.82 -17.24 -12.14
CA GLY D 153 -26.76 -17.84 -11.31
C GLY D 153 -25.92 -18.82 -12.09
N THR D 154 -26.49 -19.46 -13.10
CA THR D 154 -25.77 -20.45 -13.88
C THR D 154 -24.90 -19.72 -14.89
N CYS D 155 -23.58 -19.84 -14.74
CA CYS D 155 -22.63 -19.22 -15.64
C CYS D 155 -22.12 -20.25 -16.64
N THR D 156 -21.70 -19.77 -17.80
CA THR D 156 -21.30 -20.65 -18.88
C THR D 156 -19.91 -20.26 -19.37
N VAL D 157 -19.03 -21.25 -19.51
CA VAL D 157 -17.65 -21.01 -19.94
C VAL D 157 -17.33 -21.99 -21.06
N VAL D 158 -16.77 -21.48 -22.15
CA VAL D 158 -16.40 -22.30 -23.29
C VAL D 158 -14.90 -22.57 -23.22
N MET D 159 -14.52 -23.85 -23.19
CA MET D 159 -13.12 -24.23 -23.04
C MET D 159 -12.73 -25.22 -24.12
N THR D 160 -11.61 -24.96 -24.77
CA THR D 160 -11.13 -25.78 -25.87
C THR D 160 -9.85 -26.50 -25.45
N ASP D 161 -9.66 -27.71 -25.96
CA ASP D 161 -8.46 -28.48 -25.65
C ASP D 161 -8.16 -29.37 -26.85
N GLY D 162 -6.92 -29.32 -27.33
CA GLY D 162 -6.59 -30.10 -28.52
C GLY D 162 -5.85 -29.22 -29.48
N SER D 163 -5.47 -29.69 -30.65
CA SER D 163 -4.58 -28.91 -31.56
C SER D 163 -5.28 -27.68 -32.12
N ALA D 164 -4.56 -26.58 -32.25
CA ALA D 164 -5.15 -25.39 -32.90
C ALA D 164 -5.29 -25.64 -34.40
N SER D 165 -4.22 -26.10 -35.03
CA SER D 165 -4.32 -26.45 -36.46
C SER D 165 -4.75 -27.92 -36.56
N GLY D 166 -6.05 -28.16 -36.38
CA GLY D 166 -6.59 -29.53 -36.50
C GLY D 166 -7.83 -29.69 -35.65
N LYS D 167 -8.38 -30.89 -35.64
CA LYS D 167 -9.62 -31.14 -34.85
C LYS D 167 -9.23 -31.02 -33.38
N ALA D 168 -10.17 -30.59 -32.55
CA ALA D 168 -9.88 -30.34 -31.13
C ALA D 168 -11.17 -30.47 -30.37
N ASP D 169 -11.09 -30.64 -29.07
CA ASP D 169 -12.32 -30.86 -28.29
C ASP D 169 -12.71 -29.55 -27.66
N THR D 170 -13.97 -29.20 -27.71
CA THR D 170 -14.50 -28.00 -27.09
C THR D 170 -15.67 -28.39 -26.21
N LYS D 171 -15.71 -27.85 -25.00
CA LYS D 171 -16.77 -28.13 -24.07
C LYS D 171 -17.34 -26.82 -23.53
N ILE D 172 -18.59 -26.88 -23.12
CA ILE D 172 -19.26 -25.77 -22.47
C ILE D 172 -19.58 -26.21 -21.06
N LEU D 173 -19.06 -25.47 -20.09
CA LEU D 173 -19.16 -25.80 -18.69
C LEU D 173 -20.20 -24.90 -18.05
N PHE D 174 -21.13 -25.50 -17.32
CA PHE D 174 -22.18 -24.78 -16.62
C PHE D 174 -21.86 -24.83 -15.13
N ILE D 175 -21.59 -23.65 -14.57
CA ILE D 175 -21.06 -23.45 -13.23
C ILE D 175 -22.12 -22.78 -12.37
N GLU D 176 -22.25 -23.23 -11.13
CA GLU D 176 -23.19 -22.65 -10.17
C GLU D 176 -22.44 -22.34 -8.88
N GLU D 177 -22.21 -21.06 -8.62
CA GLU D 177 -21.48 -20.62 -7.42
C GLU D 177 -20.09 -21.23 -7.36
N GLY D 178 -19.44 -21.32 -8.52
CA GLY D 178 -18.10 -21.87 -8.61
C GLY D 178 -18.03 -23.36 -8.84
N LYS D 179 -19.09 -24.09 -8.55
CA LYS D 179 -19.14 -25.53 -8.73
C LYS D 179 -19.64 -25.84 -10.14
N ILE D 180 -18.96 -26.75 -10.82
CA ILE D 180 -19.34 -27.16 -12.17
C ILE D 180 -20.51 -28.13 -12.06
N VAL D 181 -21.70 -27.69 -12.45
CA VAL D 181 -22.85 -28.58 -12.37
C VAL D 181 -23.03 -29.39 -13.65
N HIS D 182 -22.59 -28.88 -14.79
CA HIS D 182 -22.79 -29.69 -15.99
C HIS D 182 -21.69 -29.38 -17.00
N THR D 183 -21.51 -30.29 -17.95
CA THR D 183 -20.51 -30.12 -19.00
C THR D 183 -21.04 -30.73 -20.29
N SER D 184 -21.21 -29.91 -21.32
CA SER D 184 -21.75 -30.35 -22.59
C SER D 184 -20.65 -30.31 -23.65
N THR D 185 -20.45 -31.42 -24.34
CA THR D 185 -19.51 -31.41 -25.45
C THR D 185 -20.09 -30.64 -26.62
N LEU D 186 -19.22 -29.95 -27.35
CA LEU D 186 -19.70 -29.12 -28.46
C LEU D 186 -20.24 -30.00 -29.58
N SER D 187 -21.34 -29.55 -30.18
CA SER D 187 -21.97 -30.26 -31.27
C SER D 187 -22.56 -29.27 -32.25
N GLY D 188 -22.37 -29.51 -33.53
CA GLY D 188 -22.88 -28.64 -34.56
C GLY D 188 -21.93 -28.58 -35.73
N SER D 189 -22.03 -27.49 -36.49
CA SER D 189 -21.30 -27.34 -37.74
C SER D 189 -19.96 -26.62 -37.58
N ALA D 190 -19.66 -26.09 -36.40
CA ALA D 190 -18.40 -25.38 -36.20
C ALA D 190 -17.31 -26.40 -35.88
N GLN D 191 -16.25 -26.38 -36.69
CA GLN D 191 -15.21 -27.39 -36.55
C GLN D 191 -14.13 -26.97 -35.55
N HIS D 192 -13.61 -25.77 -35.68
CA HIS D 192 -12.62 -25.25 -34.75
C HIS D 192 -13.20 -24.05 -34.03
N VAL D 193 -13.13 -24.05 -32.70
CA VAL D 193 -13.71 -23.00 -31.88
C VAL D 193 -12.69 -22.59 -30.84
N GLU D 194 -12.39 -21.29 -30.78
CA GLU D 194 -11.39 -20.77 -29.85
C GLU D 194 -11.77 -19.35 -29.48
N GLU D 195 -11.34 -18.94 -28.29
CA GLU D 195 -11.36 -17.54 -27.84
C GLU D 195 -12.69 -16.87 -28.18
N CYS D 196 -13.75 -17.37 -27.56
CA CYS D 196 -15.10 -16.93 -27.88
C CYS D 196 -15.46 -15.65 -27.15
N SER D 197 -16.16 -14.77 -27.84
CA SER D 197 -16.75 -13.57 -27.24
C SER D 197 -18.23 -13.84 -27.09
N CYS D 198 -18.66 -14.01 -25.85
CA CYS D 198 -20.03 -14.43 -25.55
C CYS D 198 -20.82 -13.26 -25.00
N TYR D 199 -22.12 -13.25 -25.29
CA TYR D 199 -22.99 -12.23 -24.76
C TYR D 199 -24.34 -12.85 -24.46
N PRO D 200 -25.06 -12.31 -23.48
CA PRO D 200 -26.37 -12.86 -23.13
C PRO D 200 -27.43 -12.42 -24.13
N ARG D 201 -27.79 -13.32 -25.02
CA ARG D 201 -28.93 -13.12 -25.90
C ARG D 201 -30.06 -13.88 -25.25
N TYR D 202 -30.69 -13.23 -24.27
CA TYR D 202 -31.70 -13.91 -23.48
C TYR D 202 -32.73 -14.56 -24.41
N PRO D 203 -33.05 -15.84 -24.19
CA PRO D 203 -32.80 -16.66 -23.01
C PRO D 203 -31.56 -17.53 -23.00
N GLY D 204 -30.51 -17.12 -23.70
CA GLY D 204 -29.36 -17.98 -23.81
C GLY D 204 -28.14 -17.14 -23.99
N VAL D 205 -27.06 -17.81 -24.35
CA VAL D 205 -25.79 -17.14 -24.57
C VAL D 205 -25.39 -17.36 -26.01
N ARG D 206 -24.93 -16.31 -26.67
CA ARG D 206 -24.43 -16.43 -28.03
C ARG D 206 -22.98 -16.02 -28.07
N CYS D 207 -22.13 -16.88 -28.62
CA CYS D 207 -20.70 -16.65 -28.63
C CYS D 207 -20.22 -16.61 -30.07
N VAL D 208 -19.39 -15.63 -30.39
CA VAL D 208 -18.72 -15.55 -31.68
C VAL D 208 -17.24 -15.80 -31.44
N CYS D 209 -16.71 -16.84 -32.06
CA CYS D 209 -15.41 -17.41 -31.74
C CYS D 209 -14.45 -17.14 -32.90
N ARG D 210 -13.26 -17.71 -32.83
CA ARG D 210 -12.32 -17.66 -33.95
C ARG D 210 -12.09 -19.07 -34.48
N ASP D 211 -11.79 -19.24 -35.78
CA ASP D 211 -11.45 -20.58 -36.36
C ASP D 211 -10.00 -20.54 -36.79
N ASN D 212 -9.13 -21.31 -36.14
CA ASN D 212 -7.69 -21.28 -36.45
C ASN D 212 -7.39 -22.36 -37.47
N TRP D 213 -8.36 -23.21 -37.81
CA TRP D 213 -8.17 -24.22 -38.89
C TRP D 213 -8.67 -23.53 -40.15
N LYS D 214 -8.55 -24.09 -41.35
CA LYS D 214 -8.97 -23.27 -42.54
C LYS D 214 -10.38 -22.72 -42.32
N GLY D 215 -10.53 -21.41 -42.50
CA GLY D 215 -11.77 -20.68 -42.18
C GLY D 215 -11.47 -19.22 -42.45
N SER D 216 -12.25 -18.24 -41.99
CA SER D 216 -11.91 -16.80 -42.15
C SER D 216 -13.13 -16.12 -41.62
N ASN D 217 -14.20 -16.87 -41.56
CA ASN D 217 -15.45 -16.43 -40.98
C ASN D 217 -15.50 -16.86 -39.51
N ARG D 218 -16.40 -16.23 -38.77
CA ARG D 218 -16.30 -16.62 -37.38
C ARG D 218 -17.34 -17.66 -37.01
N PRO D 219 -17.01 -18.62 -36.15
CA PRO D 219 -18.01 -19.57 -35.67
C PRO D 219 -19.00 -18.89 -34.73
N ILE D 220 -20.15 -19.53 -34.59
CA ILE D 220 -21.20 -19.09 -33.66
C ILE D 220 -21.61 -20.28 -32.82
N VAL D 221 -21.63 -20.09 -31.51
CA VAL D 221 -22.07 -21.12 -30.56
C VAL D 221 -23.27 -20.55 -29.81
N ASP D 222 -24.41 -21.19 -29.97
CA ASP D 222 -25.63 -20.82 -29.27
C ASP D 222 -25.85 -21.80 -28.14
N ILE D 223 -25.69 -21.36 -26.91
CA ILE D 223 -25.89 -22.22 -25.72
C ILE D 223 -27.25 -21.85 -25.15
N ASN D 224 -27.94 -22.81 -24.59
CA ASN D 224 -29.25 -22.55 -23.97
C ASN D 224 -29.08 -22.83 -22.49
N ILE D 225 -29.26 -21.84 -21.64
CA ILE D 225 -28.97 -22.05 -20.19
C ILE D 225 -29.90 -23.09 -19.61
N LYS D 226 -31.17 -23.05 -19.99
CA LYS D 226 -32.12 -23.99 -19.35
C LYS D 226 -31.78 -25.46 -19.64
N ASP D 227 -31.43 -25.81 -20.88
CA ASP D 227 -31.28 -27.24 -21.24
C ASP D 227 -29.88 -27.66 -21.66
N HIS D 228 -28.89 -26.78 -21.54
CA HIS D 228 -27.48 -27.09 -21.84
C HIS D 228 -27.40 -27.59 -23.26
N SER D 229 -28.32 -27.16 -24.12
CA SER D 229 -28.29 -27.54 -25.54
C SER D 229 -27.26 -26.66 -26.25
N ILE D 230 -26.60 -27.18 -27.26
CA ILE D 230 -25.54 -26.37 -27.90
C ILE D 230 -25.75 -26.48 -29.40
N VAL D 231 -25.76 -25.36 -30.10
CA VAL D 231 -25.90 -25.30 -31.54
C VAL D 231 -24.69 -24.54 -32.09
N SER D 232 -24.19 -24.97 -33.24
CA SER D 232 -23.03 -24.33 -33.83
C SER D 232 -23.28 -24.01 -35.30
N SER D 233 -22.73 -22.89 -35.74
CA SER D 233 -22.82 -22.47 -37.15
C SER D 233 -21.69 -21.49 -37.40
N TYR D 234 -21.78 -20.73 -38.49
CA TYR D 234 -20.78 -19.71 -38.80
C TYR D 234 -21.47 -18.39 -39.07
N VAL D 235 -20.74 -17.30 -38.84
CA VAL D 235 -21.27 -15.98 -39.14
C VAL D 235 -21.50 -15.87 -40.63
N CYS D 236 -22.72 -15.52 -41.01
CA CYS D 236 -23.16 -15.73 -42.38
C CYS D 236 -22.78 -14.60 -43.31
N SER D 237 -22.28 -13.48 -42.79
CA SER D 237 -22.03 -12.31 -43.63
C SER D 237 -20.90 -12.55 -44.63
N GLY D 238 -21.03 -11.93 -45.80
CA GLY D 238 -20.01 -12.09 -46.82
C GLY D 238 -18.74 -11.34 -46.51
N LEU D 239 -18.80 -10.34 -45.64
CA LEU D 239 -17.63 -9.64 -45.17
C LEU D 239 -17.13 -10.33 -43.91
N VAL D 240 -16.13 -11.18 -44.05
CA VAL D 240 -15.69 -11.99 -42.92
C VAL D 240 -14.80 -11.17 -42.01
N GLY D 241 -14.71 -11.60 -40.75
CA GLY D 241 -14.07 -10.79 -39.73
C GLY D 241 -12.74 -11.27 -39.21
N ASP D 242 -12.25 -12.43 -39.64
CA ASP D 242 -11.01 -12.93 -39.03
C ASP D 242 -9.85 -12.34 -39.78
N THR D 243 -8.63 -12.36 -39.23
CA THR D 243 -7.40 -11.89 -39.93
C THR D 243 -6.36 -12.95 -39.69
N PRO D 244 -5.71 -13.63 -40.66
CA PRO D 244 -5.77 -13.28 -42.05
C PRO D 244 -7.10 -13.56 -42.77
N ARG D 245 -7.43 -12.75 -43.78
CA ARG D 245 -8.66 -12.97 -44.59
C ARG D 245 -8.34 -12.57 -46.03
N LYS D 246 -9.30 -12.69 -46.95
CA LYS D 246 -8.96 -12.41 -48.38
C LYS D 246 -8.84 -10.89 -48.52
N ASN D 247 -9.21 -10.41 -49.69
CA ASN D 247 -9.36 -8.94 -49.77
C ASN D 247 -10.81 -8.76 -49.39
N ASP D 248 -11.51 -7.87 -50.04
CA ASP D 248 -12.90 -7.54 -49.66
C ASP D 248 -13.63 -7.57 -51.00
N SER D 249 -12.89 -7.92 -52.05
CA SER D 249 -13.52 -7.87 -53.39
C SER D 249 -13.89 -9.31 -53.69
N SER D 250 -13.02 -10.23 -53.28
CA SER D 250 -13.21 -11.66 -53.62
C SER D 250 -13.12 -12.50 -52.37
N SER D 251 -14.11 -12.44 -51.50
CA SER D 251 -14.13 -13.31 -50.31
C SER D 251 -15.57 -13.75 -50.12
N SER D 252 -15.77 -14.86 -49.44
CA SER D 252 -17.15 -15.27 -49.14
C SER D 252 -17.28 -15.92 -47.79
N SER D 253 -18.40 -16.57 -47.57
CA SER D 253 -18.72 -17.25 -46.31
C SER D 253 -19.58 -18.47 -46.61
N HIS D 254 -20.06 -19.19 -45.60
CA HIS D 254 -20.88 -20.33 -45.93
C HIS D 254 -22.09 -20.49 -45.02
N CYS D 255 -22.12 -19.81 -43.88
CA CYS D 255 -23.28 -19.75 -43.00
C CYS D 255 -23.50 -21.08 -42.31
N LEU D 256 -22.78 -22.11 -42.72
CA LEU D 256 -22.72 -23.40 -42.06
C LEU D 256 -21.31 -23.93 -41.86
N ASP D 257 -20.42 -23.72 -42.81
CA ASP D 257 -19.13 -24.38 -42.87
C ASP D 257 -18.02 -23.36 -43.01
N PRO D 258 -16.78 -23.73 -42.69
CA PRO D 258 -15.66 -22.84 -42.98
C PRO D 258 -15.57 -22.57 -44.47
N ASN D 259 -15.18 -21.35 -44.82
CA ASN D 259 -15.08 -21.01 -46.23
C ASN D 259 -13.78 -21.45 -46.86
N ASN D 260 -12.82 -21.89 -46.06
CA ASN D 260 -11.56 -22.41 -46.61
C ASN D 260 -10.83 -21.29 -47.33
N GLU D 261 -10.95 -20.05 -46.90
CA GLU D 261 -10.19 -18.99 -47.61
C GLU D 261 -9.18 -18.36 -46.66
N GLU D 262 -7.89 -18.56 -46.90
CA GLU D 262 -6.85 -17.95 -46.04
C GLU D 262 -7.25 -18.21 -44.60
N GLY D 263 -7.44 -19.46 -44.21
CA GLY D 263 -7.88 -19.80 -42.84
C GLY D 263 -6.76 -20.33 -41.98
N GLY D 264 -5.51 -20.05 -42.33
CA GLY D 264 -4.41 -20.61 -41.55
C GLY D 264 -4.40 -20.17 -40.09
N HIS D 265 -4.67 -18.90 -39.79
CA HIS D 265 -4.62 -18.38 -38.41
C HIS D 265 -5.91 -17.65 -38.07
N GLY D 266 -5.82 -16.64 -37.20
CA GLY D 266 -6.98 -15.83 -36.80
C GLY D 266 -6.65 -14.78 -35.76
N VAL D 267 -7.61 -13.97 -35.32
CA VAL D 267 -7.52 -12.91 -34.27
C VAL D 267 -8.80 -13.07 -33.48
N LYS D 268 -8.72 -13.04 -32.16
CA LYS D 268 -9.95 -12.99 -31.36
C LYS D 268 -10.74 -11.72 -31.68
N GLY D 269 -12.02 -11.89 -31.94
CA GLY D 269 -12.86 -10.76 -32.31
C GLY D 269 -14.28 -10.97 -31.85
N TRP D 270 -15.19 -10.13 -32.32
CA TRP D 270 -16.57 -10.20 -31.86
C TRP D 270 -17.51 -9.90 -33.03
N ALA D 271 -18.79 -10.13 -32.77
CA ALA D 271 -19.91 -9.80 -33.66
C ALA D 271 -21.18 -10.10 -32.90
N PHE D 272 -22.22 -9.35 -33.19
CA PHE D 272 -23.55 -9.65 -32.67
C PHE D 272 -24.57 -9.26 -33.72
N ASP D 273 -25.84 -9.52 -33.43
CA ASP D 273 -26.89 -9.40 -34.43
C ASP D 273 -27.93 -8.37 -34.00
N ASP D 274 -28.37 -7.58 -34.96
CA ASP D 274 -29.47 -6.63 -34.80
C ASP D 274 -30.51 -7.03 -35.84
N GLY D 275 -31.51 -7.80 -35.42
CA GLY D 275 -32.45 -8.36 -36.36
C GLY D 275 -31.79 -9.31 -37.32
N ASN D 276 -31.83 -9.00 -38.61
CA ASN D 276 -31.08 -9.74 -39.61
C ASN D 276 -29.70 -9.17 -39.87
N ASP D 277 -29.46 -7.91 -39.51
CA ASP D 277 -28.16 -7.31 -39.76
C ASP D 277 -27.16 -7.77 -38.71
N VAL D 278 -25.88 -7.66 -39.03
CA VAL D 278 -24.83 -8.04 -38.09
C VAL D 278 -23.95 -6.84 -37.82
N TRP D 279 -23.75 -6.54 -36.53
CA TRP D 279 -22.77 -5.56 -36.11
C TRP D 279 -21.47 -6.29 -35.83
N MET D 280 -20.38 -5.84 -36.47
CA MET D 280 -19.13 -6.56 -36.36
C MET D 280 -17.97 -5.58 -36.35
N GLY D 281 -16.83 -6.07 -35.90
CA GLY D 281 -15.61 -5.31 -35.88
C GLY D 281 -14.43 -6.16 -36.28
N ARG D 282 -13.45 -5.56 -36.96
CA ARG D 282 -12.31 -6.30 -37.46
C ARG D 282 -11.16 -5.34 -37.66
N THR D 283 -9.99 -5.89 -37.95
CA THR D 283 -8.84 -5.05 -38.24
C THR D 283 -8.96 -4.45 -39.64
N ILE D 284 -8.40 -3.27 -39.87
CA ILE D 284 -8.45 -2.68 -41.23
C ILE D 284 -7.54 -3.49 -42.18
N ASN D 285 -6.32 -3.78 -41.77
CA ASN D 285 -5.40 -4.61 -42.59
C ASN D 285 -5.93 -6.05 -42.59
N GLU D 286 -5.61 -6.83 -43.62
CA GLU D 286 -6.14 -8.23 -43.73
C GLU D 286 -5.00 -9.24 -43.72
N THR D 287 -3.75 -8.80 -43.87
CA THR D 287 -2.59 -9.72 -43.81
C THR D 287 -1.78 -9.43 -42.53
N SER D 288 -2.26 -8.54 -41.66
CA SER D 288 -1.63 -8.21 -40.35
C SER D 288 -2.72 -7.63 -39.47
N ARG D 289 -2.53 -7.56 -38.16
CA ARG D 289 -3.53 -6.88 -37.29
C ARG D 289 -3.12 -5.43 -37.12
N LEU D 290 -3.52 -4.54 -38.02
CA LEU D 290 -3.21 -3.10 -37.99
C LEU D 290 -4.54 -2.39 -38.17
N GLY D 291 -4.86 -1.42 -37.34
CA GLY D 291 -6.12 -0.71 -37.43
C GLY D 291 -7.27 -1.49 -36.85
N TYR D 292 -8.41 -0.83 -36.74
CA TYR D 292 -9.62 -1.49 -36.28
C TYR D 292 -10.82 -0.66 -36.67
N GLU D 293 -11.78 -1.29 -37.34
CA GLU D 293 -13.01 -0.67 -37.80
C GLU D 293 -14.18 -1.54 -37.41
N THR D 294 -15.30 -0.91 -37.07
CA THR D 294 -16.56 -1.59 -36.83
C THR D 294 -17.60 -1.08 -37.81
N PHE D 295 -18.52 -1.95 -38.20
CA PHE D 295 -19.56 -1.56 -39.13
C PHE D 295 -20.73 -2.52 -38.99
N LYS D 296 -21.72 -2.33 -39.85
CA LYS D 296 -22.95 -3.12 -39.86
C LYS D 296 -23.16 -3.68 -41.25
N VAL D 297 -23.33 -4.98 -41.35
CA VAL D 297 -23.62 -5.65 -42.62
C VAL D 297 -25.10 -5.95 -42.67
N ILE D 298 -25.76 -5.47 -43.72
CA ILE D 298 -27.20 -5.57 -43.85
C ILE D 298 -27.58 -6.98 -44.29
N GLU D 299 -28.47 -7.62 -43.54
CA GLU D 299 -28.82 -9.02 -43.75
C GLU D 299 -27.58 -9.91 -43.71
N GLY D 300 -26.67 -9.59 -42.79
CA GLY D 300 -25.43 -10.31 -42.69
C GLY D 300 -25.48 -11.48 -41.73
N TRP D 301 -26.50 -11.52 -40.89
CA TRP D 301 -26.67 -12.65 -39.98
C TRP D 301 -27.53 -13.75 -40.56
N SER D 302 -28.11 -13.54 -41.74
CA SER D 302 -29.01 -14.51 -42.32
C SER D 302 -28.65 -14.86 -43.75
N ASN D 303 -27.96 -13.96 -44.46
CA ASN D 303 -27.69 -14.14 -45.87
C ASN D 303 -26.20 -14.04 -46.14
N PRO D 304 -25.55 -15.10 -46.63
CA PRO D 304 -24.22 -14.92 -47.21
C PRO D 304 -24.32 -14.13 -48.50
N LYS D 305 -23.18 -13.90 -49.14
CA LYS D 305 -23.19 -13.10 -50.40
C LYS D 305 -23.79 -11.73 -50.17
N SER D 306 -23.70 -11.20 -48.95
CA SER D 306 -24.11 -9.83 -48.67
C SER D 306 -22.89 -9.04 -48.25
N LYS D 307 -22.61 -7.96 -48.97
CA LYS D 307 -21.44 -7.12 -48.70
C LYS D 307 -21.86 -5.67 -48.66
N LEU D 308 -22.91 -5.37 -47.90
CA LEU D 308 -23.50 -4.05 -47.87
C LEU D 308 -23.29 -3.47 -46.47
N GLN D 309 -22.18 -2.77 -46.27
CA GLN D 309 -21.91 -2.15 -45.00
C GLN D 309 -22.79 -0.91 -44.79
N THR D 310 -22.70 -0.37 -43.58
CA THR D 310 -23.40 0.83 -43.17
C THR D 310 -22.91 1.16 -41.76
N ASN D 311 -22.87 2.45 -41.44
CA ASN D 311 -22.47 2.91 -40.11
C ASN D 311 -21.06 2.46 -39.76
N ARG D 312 -20.14 2.61 -40.71
CA ARG D 312 -18.75 2.26 -40.48
C ARG D 312 -18.07 3.28 -39.58
N GLN D 313 -17.21 2.77 -38.70
CA GLN D 313 -16.43 3.61 -37.81
C GLN D 313 -14.98 3.15 -37.83
N VAL D 314 -14.06 4.08 -37.66
CA VAL D 314 -12.65 3.75 -37.57
C VAL D 314 -12.19 4.00 -36.15
N ILE D 315 -12.20 2.97 -35.33
CA ILE D 315 -11.77 3.08 -33.95
C ILE D 315 -10.26 3.27 -33.83
N VAL D 316 -9.47 2.50 -34.57
CA VAL D 316 -8.03 2.67 -34.57
C VAL D 316 -7.57 2.81 -36.02
N ASP D 317 -6.69 3.78 -36.25
CA ASP D 317 -6.30 4.16 -37.59
C ASP D 317 -5.58 3.01 -38.29
N ARG D 318 -5.61 2.96 -39.61
CA ARG D 318 -5.08 1.77 -40.34
C ARG D 318 -3.56 1.67 -40.29
N GLY D 319 -2.87 2.74 -39.92
CA GLY D 319 -1.45 2.59 -39.74
C GLY D 319 -1.00 2.21 -38.35
N ASP D 320 -1.92 2.00 -37.42
CA ASP D 320 -1.58 1.74 -36.02
C ASP D 320 -1.96 0.33 -35.64
N ARG D 321 -1.34 -0.16 -34.58
CA ARG D 321 -1.42 -1.56 -34.18
C ARG D 321 -2.63 -1.82 -33.29
N SER D 322 -3.31 -2.93 -33.57
CA SER D 322 -4.41 -3.42 -32.75
C SER D 322 -4.14 -4.87 -32.38
N GLY D 323 -5.15 -5.56 -31.88
CA GLY D 323 -4.98 -6.94 -31.50
C GLY D 323 -6.28 -7.64 -31.17
N TYR D 324 -6.31 -8.38 -30.08
CA TYR D 324 -7.53 -9.01 -29.61
C TYR D 324 -8.60 -7.96 -29.35
N SER D 325 -9.83 -8.27 -29.72
CA SER D 325 -10.97 -7.43 -29.36
C SER D 325 -12.10 -8.33 -28.89
N GLY D 326 -13.01 -7.76 -28.11
CA GLY D 326 -14.07 -8.58 -27.56
C GLY D 326 -15.26 -7.74 -27.14
N ILE D 327 -16.32 -8.44 -26.79
CA ILE D 327 -17.60 -7.82 -26.47
C ILE D 327 -17.90 -8.02 -24.99
N PHE D 328 -18.65 -7.09 -24.43
CA PHE D 328 -19.23 -7.26 -23.11
C PHE D 328 -20.52 -6.45 -23.04
N SER D 329 -21.50 -6.97 -22.33
CA SER D 329 -22.83 -6.37 -22.27
C SER D 329 -23.04 -5.68 -20.93
N VAL D 330 -23.73 -4.54 -20.98
CA VAL D 330 -23.98 -3.71 -19.81
C VAL D 330 -25.48 -3.53 -19.67
N GLU D 331 -26.01 -3.83 -18.48
CA GLU D 331 -27.43 -3.71 -18.25
C GLU D 331 -27.81 -2.25 -18.07
N GLY D 332 -28.64 -1.74 -18.97
CA GLY D 332 -29.11 -0.38 -18.90
C GLY D 332 -30.40 -0.27 -18.11
N LYS D 333 -31.04 0.90 -18.23
CA LYS D 333 -32.27 1.13 -17.50
C LYS D 333 -33.44 0.39 -18.13
N SER D 334 -33.49 0.34 -19.46
CA SER D 334 -34.59 -0.30 -20.15
C SER D 334 -34.15 -1.31 -21.19
N CYS D 335 -32.86 -1.53 -21.38
CA CYS D 335 -32.37 -2.47 -22.38
C CYS D 335 -30.93 -2.85 -22.06
N ILE D 336 -30.39 -3.76 -22.86
CA ILE D 336 -29.04 -4.29 -22.67
C ILE D 336 -28.16 -3.71 -23.76
N ASN D 337 -27.08 -3.04 -23.36
CA ASN D 337 -26.17 -2.38 -24.27
C ASN D 337 -24.98 -3.28 -24.54
N ARG D 338 -24.42 -3.14 -25.74
CA ARG D 338 -23.24 -3.91 -26.14
C ARG D 338 -22.06 -2.96 -26.25
N CYS D 339 -20.95 -3.32 -25.62
CA CYS D 339 -19.71 -2.58 -25.71
C CYS D 339 -18.63 -3.53 -26.21
N PHE D 340 -17.57 -2.96 -26.75
CA PHE D 340 -16.41 -3.77 -27.12
C PHE D 340 -15.14 -3.08 -26.66
N TYR D 341 -14.10 -3.89 -26.56
CA TYR D 341 -12.77 -3.43 -26.23
C TYR D 341 -11.81 -3.90 -27.31
N VAL D 342 -10.78 -3.11 -27.62
CA VAL D 342 -9.72 -3.51 -28.57
C VAL D 342 -8.42 -3.51 -27.77
N GLU D 343 -7.52 -4.45 -27.99
CA GLU D 343 -6.20 -4.52 -27.34
C GLU D 343 -5.19 -4.02 -28.33
N LEU D 344 -4.48 -2.95 -28.01
CA LEU D 344 -3.49 -2.32 -28.90
C LEU D 344 -2.11 -2.81 -28.52
N ILE D 345 -1.57 -3.80 -29.20
CA ILE D 345 -0.33 -4.50 -28.86
C ILE D 345 0.86 -3.69 -29.34
N ARG D 346 1.89 -3.60 -28.50
CA ARG D 346 3.10 -2.87 -28.84
C ARG D 346 4.32 -3.65 -28.36
N GLY D 347 5.23 -3.97 -29.26
CA GLY D 347 6.34 -4.80 -28.80
C GLY D 347 7.18 -5.56 -29.80
N ARG D 348 7.98 -6.53 -29.33
CA ARG D 348 8.97 -7.28 -30.14
C ARG D 348 8.26 -8.41 -30.84
N LYS D 349 6.96 -8.49 -30.65
CA LYS D 349 6.25 -9.46 -31.50
C LYS D 349 6.60 -9.12 -32.95
N GLU D 350 6.46 -7.84 -33.37
CA GLU D 350 6.69 -7.36 -34.76
C GLU D 350 7.61 -6.12 -34.85
N GLU D 351 7.63 -5.24 -33.84
CA GLU D 351 8.51 -4.02 -33.79
C GLU D 351 9.71 -4.37 -32.94
N THR D 352 10.90 -4.33 -33.49
CA THR D 352 12.08 -4.82 -32.74
C THR D 352 12.99 -3.74 -32.17
N GLU D 353 12.50 -2.53 -31.96
CA GLU D 353 13.27 -1.54 -31.23
C GLU D 353 13.10 -1.64 -29.72
N VAL D 354 12.35 -2.63 -29.24
CA VAL D 354 12.21 -2.92 -27.82
C VAL D 354 12.28 -4.42 -27.63
N LEU D 355 12.58 -4.83 -26.40
CA LEU D 355 12.70 -6.24 -26.06
C LEU D 355 11.45 -6.81 -25.42
N TRP D 356 10.42 -6.00 -25.19
CA TRP D 356 9.24 -6.42 -24.48
C TRP D 356 8.03 -6.43 -25.39
N THR D 357 6.95 -7.05 -24.90
CA THR D 357 5.65 -7.01 -25.55
C THR D 357 4.60 -6.66 -24.50
N SER D 358 3.81 -5.62 -24.75
CA SER D 358 2.68 -5.31 -23.85
C SER D 358 1.52 -4.81 -24.68
N ASN D 359 0.46 -4.36 -24.03
CA ASN D 359 -0.77 -3.92 -24.72
C ASN D 359 -1.38 -2.76 -23.96
N SER D 360 -2.22 -1.98 -24.61
CA SER D 360 -3.04 -0.95 -23.94
C SER D 360 -4.46 -1.40 -24.32
N ILE D 361 -5.51 -0.76 -23.89
CA ILE D 361 -6.88 -1.12 -24.22
C ILE D 361 -7.64 0.15 -24.57
N VAL D 362 -8.60 0.04 -25.49
CA VAL D 362 -9.51 1.14 -25.79
C VAL D 362 -10.92 0.57 -25.84
N VAL D 363 -11.86 1.23 -25.16
CA VAL D 363 -13.19 0.67 -24.91
C VAL D 363 -14.23 1.60 -25.50
N PHE D 364 -15.17 1.04 -26.26
CA PHE D 364 -16.29 1.74 -26.86
C PHE D 364 -17.59 1.05 -26.46
N CYS D 365 -18.68 1.82 -26.41
CA CYS D 365 -20.00 1.29 -26.11
C CYS D 365 -21.02 1.76 -27.13
N GLY D 366 -22.04 0.94 -27.35
CA GLY D 366 -23.06 1.27 -28.32
C GLY D 366 -23.90 2.44 -27.87
N THR D 367 -24.44 3.17 -28.84
CA THR D 367 -25.20 4.37 -28.56
C THR D 367 -26.40 4.46 -29.48
N SER D 368 -27.50 5.01 -28.96
CA SER D 368 -28.67 5.31 -29.77
C SER D 368 -28.68 6.74 -30.28
N GLY D 369 -27.71 7.54 -29.85
CA GLY D 369 -27.57 8.90 -30.33
C GLY D 369 -26.64 8.97 -31.53
N THR D 370 -26.07 10.15 -31.72
CA THR D 370 -25.16 10.40 -32.84
C THR D 370 -23.72 10.40 -32.35
N TYR D 371 -22.79 10.36 -33.30
CA TYR D 371 -21.39 10.29 -32.97
C TYR D 371 -20.59 10.87 -34.13
N GLY D 372 -19.33 11.16 -33.87
CA GLY D 372 -18.47 11.72 -34.90
C GLY D 372 -17.41 10.75 -35.38
N THR D 373 -16.27 11.28 -35.81
CA THR D 373 -15.15 10.48 -36.24
C THR D 373 -13.95 10.74 -35.33
N GLY D 374 -12.96 9.88 -35.45
CA GLY D 374 -11.77 10.00 -34.64
C GLY D 374 -10.87 8.81 -34.86
N SER D 375 -9.80 8.78 -34.06
CA SER D 375 -8.90 7.64 -34.03
C SER D 375 -8.14 7.69 -32.71
N TRP D 376 -8.09 6.58 -32.00
CA TRP D 376 -7.53 6.53 -30.66
C TRP D 376 -6.48 5.43 -30.60
N PRO D 377 -5.28 5.69 -31.11
CA PRO D 377 -4.22 4.69 -31.12
C PRO D 377 -3.66 4.51 -29.71
N ASP D 378 -2.56 3.76 -29.57
CA ASP D 378 -1.92 3.68 -28.23
C ASP D 378 -1.13 4.95 -27.99
N GLY D 379 -0.31 5.38 -28.93
CA GLY D 379 0.38 6.67 -28.80
C GLY D 379 1.75 6.59 -28.23
N ALA D 380 2.22 5.41 -27.90
CA ALA D 380 3.52 5.27 -27.24
C ALA D 380 4.56 5.48 -28.32
N ASP D 381 5.69 6.14 -28.01
CA ASP D 381 6.78 6.24 -28.99
C ASP D 381 7.88 5.31 -28.51
N LEU D 382 8.10 4.19 -29.21
CA LEU D 382 9.04 3.16 -28.73
C LEU D 382 10.46 3.52 -29.12
N ASN D 383 10.67 4.48 -30.02
CA ASN D 383 12.03 4.91 -30.30
C ASN D 383 12.69 5.58 -29.11
N LEU D 384 11.90 6.14 -28.21
CA LEU D 384 12.42 6.85 -27.05
C LEU D 384 12.27 6.08 -25.75
N MET D 385 11.17 5.31 -25.70
CA MET D 385 10.77 4.62 -24.45
C MET D 385 11.92 3.88 -23.80
N PRO D 386 11.80 3.57 -22.49
CA PRO D 386 12.86 2.90 -21.76
C PRO D 386 13.40 1.63 -22.44
N ILE D 387 14.73 1.54 -22.50
CA ILE D 387 15.38 0.34 -23.09
C ILE D 387 15.09 -0.86 -22.17
N GLU E 1 30.25 -30.46 31.26
CA GLU E 1 31.25 -30.13 30.26
C GLU E 1 31.05 -30.93 28.99
N ILE E 2 30.43 -30.31 27.98
CA ILE E 2 30.25 -30.94 26.67
C ILE E 2 31.57 -30.70 25.93
N VAL E 3 32.48 -31.66 26.05
CA VAL E 3 33.81 -31.50 25.51
C VAL E 3 33.83 -31.92 24.05
N LEU E 4 34.06 -30.95 23.17
CA LEU E 4 34.16 -31.22 21.73
C LEU E 4 35.57 -31.69 21.42
N THR E 5 35.73 -32.95 21.09
CA THR E 5 37.07 -33.40 20.69
C THR E 5 37.15 -33.29 19.18
N GLN E 6 38.10 -32.53 18.68
CA GLN E 6 38.30 -32.53 17.22
C GLN E 6 39.17 -33.74 16.93
N SER E 7 38.61 -34.79 16.32
CA SER E 7 39.31 -36.09 16.21
C SER E 7 40.63 -36.13 15.46
N PRO E 8 40.81 -35.58 14.25
CA PRO E 8 42.12 -35.70 13.64
C PRO E 8 43.05 -34.86 14.51
N GLY E 9 44.15 -35.43 15.03
CA GLY E 9 45.12 -34.59 15.74
C GLY E 9 45.65 -33.63 14.72
N THR E 10 45.89 -34.15 13.52
CA THR E 10 46.34 -33.34 12.39
C THR E 10 45.96 -34.14 11.15
N LEU E 11 45.43 -33.51 10.11
CA LEU E 11 45.16 -34.24 8.84
C LEU E 11 46.50 -34.61 8.21
N SER E 12 47.50 -33.73 8.32
CA SER E 12 48.87 -34.10 7.84
C SER E 12 48.87 -34.61 6.39
N LEU E 13 48.41 -33.77 5.47
CA LEU E 13 48.20 -34.28 4.10
C LEU E 13 49.05 -33.52 3.09
N SER E 14 49.02 -33.98 1.85
CA SER E 14 49.75 -33.30 0.76
C SER E 14 48.83 -32.24 0.14
N PRO E 15 49.32 -31.11 -0.42
CA PRO E 15 48.44 -30.06 -0.91
C PRO E 15 47.49 -30.36 -2.08
N GLY E 16 46.40 -29.60 -2.19
CA GLY E 16 45.49 -29.74 -3.34
C GLY E 16 44.77 -31.06 -3.31
N GLU E 17 44.03 -31.30 -2.23
CA GLU E 17 43.26 -32.53 -2.08
C GLU E 17 42.10 -32.23 -1.15
N ARG E 18 41.34 -33.26 -0.77
CA ARG E 18 40.29 -33.08 0.22
C ARG E 18 40.85 -33.20 1.62
N ALA E 19 40.33 -32.37 2.51
CA ALA E 19 40.74 -32.48 3.91
C ALA E 19 39.48 -32.70 4.75
N THR E 20 39.40 -33.80 5.50
CA THR E 20 38.21 -34.08 6.36
C THR E 20 38.54 -34.01 7.85
N LEU E 21 38.13 -32.93 8.52
CA LEU E 21 38.39 -32.73 9.97
C LEU E 21 37.15 -33.17 10.73
N SER E 22 37.27 -33.63 11.98
CA SER E 22 36.12 -34.20 12.73
C SER E 22 35.87 -33.42 14.00
N CYS E 23 34.79 -33.73 14.71
CA CYS E 23 34.44 -33.00 15.96
C CYS E 23 33.38 -33.80 16.68
N ARG E 24 33.74 -34.38 17.79
CA ARG E 24 32.84 -35.28 18.49
C ARG E 24 32.47 -34.69 19.84
N ALA E 25 31.18 -34.68 20.13
CA ALA E 25 30.65 -34.10 21.35
C ALA E 25 30.37 -35.18 22.38
N SER E 26 30.46 -34.79 23.66
CA SER E 26 30.20 -35.74 24.73
C SER E 26 28.77 -36.25 24.69
N GLN E 27 27.81 -35.34 24.58
CA GLN E 27 26.39 -35.66 24.60
C GLN E 27 25.76 -35.18 23.31
N TYR E 28 24.56 -35.69 23.01
CA TYR E 28 23.85 -35.24 21.83
C TYR E 28 23.63 -33.74 21.88
N ILE E 29 24.31 -33.03 20.99
CA ILE E 29 24.17 -31.58 20.87
C ILE E 29 23.45 -31.28 19.57
N SER E 30 22.47 -30.39 19.63
CA SER E 30 21.77 -29.98 18.42
C SER E 30 22.73 -29.25 17.49
N SER E 31 22.67 -29.59 16.20
CA SER E 31 23.62 -29.07 15.23
C SER E 31 23.48 -27.59 14.97
N MET E 32 22.43 -26.97 15.51
CA MET E 32 22.21 -25.54 15.30
C MET E 32 23.34 -24.72 15.91
N ASN E 33 23.79 -25.09 17.11
CA ASN E 33 24.68 -24.27 17.93
C ASN E 33 26.15 -24.40 17.56
N LEU E 34 26.49 -25.02 16.45
CA LEU E 34 27.89 -25.35 16.20
C LEU E 34 28.43 -24.54 15.04
N ALA E 35 29.70 -24.15 15.16
CA ALA E 35 30.36 -23.32 14.17
C ALA E 35 31.80 -23.77 14.03
N TRP E 36 32.40 -23.42 12.89
CA TRP E 36 33.75 -23.78 12.52
C TRP E 36 34.52 -22.53 12.10
N TYR E 37 35.69 -22.32 12.72
CA TYR E 37 36.53 -21.16 12.47
C TYR E 37 37.90 -21.59 11.98
N GLN E 38 38.48 -20.76 11.12
CA GLN E 38 39.87 -20.87 10.71
C GLN E 38 40.68 -19.82 11.45
N GLN E 39 41.57 -20.27 12.32
CA GLN E 39 42.56 -19.40 12.93
C GLN E 39 43.88 -19.64 12.22
N LYS E 40 44.28 -18.69 11.38
CA LYS E 40 45.64 -18.66 10.89
C LYS E 40 46.53 -18.05 11.98
N PRO E 41 47.59 -18.74 12.39
CA PRO E 41 48.42 -18.23 13.49
C PRO E 41 48.86 -16.80 13.28
N GLY E 42 48.55 -15.95 14.26
CA GLY E 42 48.88 -14.54 14.19
C GLY E 42 47.73 -13.61 13.88
N GLN E 43 46.59 -14.14 13.40
CA GLN E 43 45.45 -13.31 13.08
C GLN E 43 44.23 -13.78 13.86
N ALA E 44 43.16 -13.01 13.76
CA ALA E 44 41.93 -13.36 14.42
C ALA E 44 41.33 -14.62 13.81
N PRO E 45 40.64 -15.43 14.60
CA PRO E 45 39.93 -16.58 14.05
C PRO E 45 38.87 -16.13 13.06
N ARG E 46 38.89 -16.71 11.88
CA ARG E 46 37.96 -16.37 10.82
C ARG E 46 36.87 -17.42 10.74
N LEU E 47 35.62 -16.97 10.74
CA LEU E 47 34.49 -17.89 10.66
C LEU E 47 34.46 -18.59 9.31
N LEU E 48 34.17 -19.88 9.34
CA LEU E 48 33.97 -20.66 8.13
C LEU E 48 32.56 -21.18 8.01
N ILE E 49 32.05 -21.85 9.04
CA ILE E 49 30.77 -22.53 8.99
C ILE E 49 29.96 -22.13 10.22
N SER E 50 28.66 -21.94 10.02
CA SER E 50 27.73 -21.76 11.13
C SER E 50 26.61 -22.78 11.00
N ALA E 51 26.03 -23.16 12.13
CA ALA E 51 24.93 -24.10 12.17
C ALA E 51 25.29 -25.44 11.52
N ALA E 52 26.61 -25.71 11.47
CA ALA E 52 27.19 -26.99 11.12
C ALA E 52 27.10 -27.32 9.64
N SER E 53 26.35 -26.54 8.87
CA SER E 53 26.27 -26.71 7.43
C SER E 53 26.31 -25.39 6.68
N SER E 54 25.99 -24.29 7.34
CA SER E 54 25.84 -23.02 6.66
C SER E 54 27.19 -22.35 6.46
N ARG E 55 27.41 -21.85 5.26
CA ARG E 55 28.68 -21.21 4.94
C ARG E 55 28.61 -19.73 5.28
N ALA E 56 29.78 -19.14 5.50
CA ALA E 56 29.87 -17.73 5.84
C ALA E 56 30.04 -16.90 4.59
N THR E 57 29.60 -15.65 4.66
CA THR E 57 29.73 -14.74 3.53
C THR E 57 31.20 -14.47 3.24
N GLY E 58 31.52 -14.31 1.95
CA GLY E 58 32.89 -14.12 1.53
C GLY E 58 33.74 -15.37 1.56
N ILE E 59 33.19 -16.48 2.00
CA ILE E 59 33.89 -17.77 2.06
C ILE E 59 33.48 -18.59 0.86
N PRO E 60 34.42 -19.14 0.09
CA PRO E 60 34.07 -19.89 -1.10
C PRO E 60 33.27 -21.15 -0.77
N ASP E 61 32.47 -21.59 -1.73
CA ASP E 61 31.63 -22.77 -1.58
C ASP E 61 32.43 -24.06 -1.48
N ARG E 62 33.75 -23.95 -1.45
CA ARG E 62 34.61 -25.12 -1.28
C ARG E 62 34.41 -25.78 0.08
N PHE E 63 34.34 -24.98 1.14
CA PHE E 63 34.18 -25.50 2.50
C PHE E 63 32.72 -25.91 2.70
N SER E 64 32.50 -27.16 3.11
CA SER E 64 31.16 -27.69 3.31
C SER E 64 31.18 -28.62 4.52
N GLY E 65 30.87 -28.06 5.68
CA GLY E 65 30.73 -28.87 6.88
C GLY E 65 29.35 -29.49 6.97
N SER E 66 29.28 -30.56 7.76
CA SER E 66 28.03 -31.27 7.98
C SER E 66 28.15 -32.05 9.28
N GLY E 67 27.15 -32.86 9.56
CA GLY E 67 27.17 -33.68 10.75
C GLY E 67 25.85 -33.57 11.49
N SER E 68 25.76 -34.31 12.58
CA SER E 68 24.55 -34.34 13.39
C SER E 68 24.83 -35.15 14.64
N GLY E 69 23.79 -35.27 15.47
CA GLY E 69 23.87 -36.14 16.63
C GLY E 69 24.96 -35.69 17.57
N THR E 70 26.04 -36.48 17.61
CA THR E 70 27.20 -36.17 18.43
C THR E 70 28.43 -35.82 17.61
N ASP E 71 28.44 -36.12 16.32
CA ASP E 71 29.65 -35.99 15.51
C ASP E 71 29.40 -35.10 14.31
N PHE E 72 30.42 -34.33 13.96
CA PHE E 72 30.36 -33.37 12.87
C PHE E 72 31.68 -33.43 12.11
N THR E 73 31.64 -33.06 10.83
CA THR E 73 32.83 -33.12 10.01
C THR E 73 32.91 -31.89 9.12
N LEU E 74 34.12 -31.42 8.89
CA LEU E 74 34.40 -30.33 7.96
C LEU E 74 35.20 -30.89 6.79
N THR E 75 34.70 -30.68 5.58
CA THR E 75 35.33 -31.21 4.38
C THR E 75 35.74 -30.06 3.47
N ILE E 76 36.98 -30.10 3.01
CA ILE E 76 37.53 -29.11 2.10
C ILE E 76 37.83 -29.82 0.78
N SER E 77 37.14 -29.36 -0.25
CA SER E 77 37.26 -30.02 -1.57
C SER E 77 38.70 -29.90 -2.06
N GLY E 78 39.26 -28.69 -2.06
CA GLY E 78 40.67 -28.58 -2.46
C GLY E 78 41.47 -27.73 -1.51
N LEU E 79 42.59 -28.23 -1.03
CA LEU E 79 43.49 -27.37 -0.22
C LEU E 79 44.20 -26.38 -1.16
N GLU E 80 44.51 -25.20 -0.65
CA GLU E 80 45.18 -24.13 -1.44
C GLU E 80 46.20 -23.53 -0.47
N PRO E 81 47.10 -22.60 -0.86
CA PRO E 81 48.14 -22.16 0.06
C PRO E 81 47.62 -21.59 1.39
N GLU E 82 46.48 -20.90 1.37
CA GLU E 82 45.93 -20.23 2.59
C GLU E 82 45.31 -21.24 3.54
N ASP E 83 44.63 -22.26 3.04
CA ASP E 83 43.85 -23.21 3.81
C ASP E 83 44.64 -23.79 4.98
N PHE E 84 45.97 -23.78 4.92
CA PHE E 84 46.81 -24.35 5.97
C PHE E 84 46.72 -23.48 7.21
N ALA E 85 45.86 -23.86 8.15
CA ALA E 85 45.69 -23.12 9.40
C ALA E 85 45.02 -24.04 10.40
N VAL E 86 44.84 -23.51 11.62
CA VAL E 86 44.16 -24.30 12.65
C VAL E 86 42.66 -24.12 12.49
N TYR E 87 41.90 -25.17 12.76
CA TYR E 87 40.44 -25.11 12.60
C TYR E 87 39.77 -25.53 13.90
N TYR E 88 38.87 -24.69 14.37
CA TYR E 88 38.25 -24.88 15.68
C TYR E 88 36.74 -25.09 15.52
N CYS E 89 36.23 -26.05 16.27
CA CYS E 89 34.80 -26.13 16.53
C CYS E 89 34.43 -25.09 17.59
N GLN E 90 33.14 -24.81 17.68
CA GLN E 90 32.65 -23.99 18.79
C GLN E 90 31.17 -24.23 18.93
N LYS E 91 30.69 -24.20 20.17
CA LYS E 91 29.30 -24.52 20.42
C LYS E 91 28.68 -23.42 21.26
N TYR E 92 27.54 -22.86 20.85
CA TYR E 92 26.81 -21.84 21.64
C TYR E 92 26.26 -22.50 22.88
N GLY E 93 26.20 -21.75 23.97
CA GLY E 93 25.57 -22.31 25.16
C GLY E 93 26.22 -21.73 26.38
N SER E 94 25.76 -22.13 27.55
CA SER E 94 26.36 -21.71 28.81
C SER E 94 27.10 -22.89 29.42
N PRO E 95 28.44 -22.96 29.30
CA PRO E 95 29.25 -21.96 28.60
C PRO E 95 29.50 -22.30 27.13
N TYR E 96 30.06 -21.35 26.39
CA TYR E 96 30.64 -21.71 25.11
C TYR E 96 31.82 -22.64 25.35
N THR E 97 32.16 -23.43 24.35
CA THR E 97 33.35 -24.25 24.41
C THR E 97 33.94 -24.41 23.02
N PHE E 98 35.26 -24.30 22.95
CA PHE E 98 35.97 -24.43 21.69
C PHE E 98 36.45 -25.88 21.54
N GLY E 99 37.27 -26.15 20.54
CA GLY E 99 37.90 -27.44 20.39
C GLY E 99 39.37 -27.34 20.73
N GLN E 100 40.02 -28.50 20.81
CA GLN E 100 41.44 -28.51 21.18
C GLN E 100 42.30 -27.95 20.06
N GLY E 101 41.83 -28.04 18.82
CA GLY E 101 42.55 -27.43 17.72
C GLY E 101 43.07 -28.43 16.71
N THR E 102 42.65 -28.30 15.46
CA THR E 102 43.03 -29.22 14.41
C THR E 102 43.87 -28.46 13.38
N LYS E 103 45.05 -28.97 13.15
CA LYS E 103 45.91 -28.25 12.20
C LYS E 103 45.86 -29.00 10.89
N VAL E 104 46.26 -28.34 9.82
CA VAL E 104 46.37 -28.99 8.48
C VAL E 104 47.74 -28.51 8.02
N GLU E 105 48.59 -29.41 7.52
CA GLU E 105 49.98 -29.02 7.21
C GLU E 105 50.31 -29.38 5.76
N ILE E 106 51.42 -28.84 5.27
CA ILE E 106 51.86 -29.11 3.87
C ILE E 106 52.37 -30.56 3.77
N LYS E 107 52.49 -31.10 2.54
CA LYS E 107 52.98 -32.48 2.30
C LYS E 107 52.47 -33.46 3.36
N GLU F 1 39.17 -2.55 7.23
CA GLU F 1 39.43 -1.10 7.43
C GLU F 1 39.25 -0.74 8.90
N VAL F 2 38.00 -0.52 9.32
CA VAL F 2 37.67 -0.21 10.74
C VAL F 2 36.52 -1.16 11.13
N GLN F 3 36.41 -1.58 12.39
CA GLN F 3 35.36 -2.57 12.78
C GLN F 3 35.23 -2.57 14.29
N LEU F 4 35.44 -3.72 14.93
CA LEU F 4 35.52 -3.82 16.42
C LEU F 4 37.00 -3.60 16.73
N VAL F 5 37.34 -2.67 17.63
CA VAL F 5 38.78 -2.54 18.03
C VAL F 5 38.89 -2.58 19.55
N GLU F 6 39.80 -3.40 20.09
CA GLU F 6 39.98 -3.53 21.56
C GLU F 6 41.36 -3.03 21.96
N SER F 7 41.49 -2.46 23.16
CA SER F 7 42.79 -1.88 23.60
C SER F 7 42.88 -1.85 25.13
N GLY F 8 44.00 -1.41 25.68
CA GLY F 8 44.06 -1.30 27.13
C GLY F 8 44.75 -2.43 27.85
N GLY F 9 45.52 -3.25 27.15
CA GLY F 9 46.25 -4.35 27.76
C GLY F 9 47.70 -3.97 27.98
N GLY F 10 48.26 -4.44 29.10
CA GLY F 10 49.63 -4.10 29.42
C GLY F 10 50.19 -4.99 30.51
N LEU F 11 51.50 -4.84 30.72
CA LEU F 11 52.20 -5.64 31.71
C LEU F 11 51.82 -5.21 33.11
N VAL F 12 51.37 -6.15 33.93
CA VAL F 12 51.05 -5.90 35.33
C VAL F 12 51.67 -7.02 36.16
N GLU F 13 52.06 -6.69 37.38
CA GLU F 13 52.49 -7.73 38.30
C GLU F 13 51.27 -8.59 38.70
N PRO F 14 51.50 -9.87 38.99
CA PRO F 14 50.38 -10.73 39.39
C PRO F 14 49.69 -10.18 40.63
N GLY F 15 48.37 -10.36 40.67
CA GLY F 15 47.55 -9.77 41.71
C GLY F 15 47.08 -8.38 41.43
N GLY F 16 47.43 -7.79 40.28
CA GLY F 16 47.00 -6.46 39.93
C GLY F 16 45.64 -6.45 39.27
N SER F 17 45.35 -5.33 38.63
CA SER F 17 44.09 -5.12 37.91
C SER F 17 44.36 -4.42 36.60
N LEU F 18 43.39 -4.52 35.68
CA LEU F 18 43.50 -3.91 34.37
C LEU F 18 42.11 -3.69 33.82
N ARG F 19 42.00 -2.81 32.83
CA ARG F 19 40.69 -2.66 32.15
C ARG F 19 40.96 -2.70 30.66
N LEU F 20 40.19 -3.50 29.93
CA LEU F 20 40.31 -3.73 28.49
C LEU F 20 39.11 -3.10 27.81
N SER F 21 39.36 -2.43 26.69
CA SER F 21 38.24 -1.70 26.04
C SER F 21 38.09 -2.06 24.59
N CYS F 22 36.92 -2.53 24.19
CA CYS F 22 36.65 -2.77 22.75
C CYS F 22 35.61 -1.74 22.36
N ALA F 23 35.87 -0.99 21.29
CA ALA F 23 34.95 0.06 20.81
C ALA F 23 34.65 -0.24 19.35
N ALA F 24 33.44 0.02 18.86
CA ALA F 24 33.17 -0.41 17.46
C ALA F 24 32.15 0.49 16.76
N SER F 25 32.32 0.68 15.45
CA SER F 25 31.40 1.59 14.71
C SER F 25 30.63 0.82 13.63
N GLY F 26 29.29 0.85 13.65
CA GLY F 26 28.49 0.06 12.69
C GLY F 26 28.34 -1.37 13.15
N LEU F 27 29.43 -2.02 13.50
CA LEU F 27 29.39 -3.39 14.08
C LEU F 27 29.05 -3.08 15.54
N THR F 28 27.87 -2.48 15.75
CA THR F 28 27.49 -1.88 17.06
C THR F 28 27.34 -2.83 18.21
N PHE F 29 27.34 -2.24 19.41
CA PHE F 29 27.14 -3.02 20.66
C PHE F 29 25.65 -2.98 20.94
N SER F 30 24.94 -2.25 20.08
CA SER F 30 23.48 -2.16 20.20
C SER F 30 22.81 -3.39 19.63
N THR F 31 23.36 -3.94 18.56
CA THR F 31 22.63 -5.00 17.85
C THR F 31 23.09 -6.42 18.15
N TYR F 32 24.35 -6.62 18.47
CA TYR F 32 24.83 -7.98 18.59
C TYR F 32 25.18 -8.30 20.04
N GLU F 33 25.12 -9.58 20.38
CA GLU F 33 25.66 -10.02 21.65
C GLU F 33 27.17 -10.08 21.55
N MET F 34 27.86 -9.72 22.62
CA MET F 34 29.31 -9.59 22.58
C MET F 34 29.94 -10.65 23.46
N ASN F 35 31.17 -11.04 23.12
CA ASN F 35 31.86 -12.10 23.84
C ASN F 35 33.34 -11.77 23.91
N TRP F 36 33.93 -11.94 25.09
CA TRP F 36 35.37 -11.89 25.23
C TRP F 36 35.90 -13.31 25.27
N VAL F 37 36.92 -13.56 24.46
CA VAL F 37 37.54 -14.87 24.30
C VAL F 37 39.04 -14.69 24.22
N ARG F 38 39.79 -15.46 24.99
CA ARG F 38 41.22 -15.30 25.08
C ARG F 38 41.94 -16.54 24.56
N GLN F 39 43.24 -16.40 24.36
CA GLN F 39 44.09 -17.49 23.88
C GLN F 39 45.45 -17.39 24.56
N ALA F 40 45.78 -18.39 25.37
CA ALA F 40 47.12 -18.48 25.92
C ALA F 40 48.12 -18.71 24.79
N PRO F 41 49.37 -18.31 24.97
CA PRO F 41 50.35 -18.46 23.89
C PRO F 41 50.47 -19.91 23.44
N GLY F 42 50.03 -20.17 22.22
CA GLY F 42 50.07 -21.52 21.66
C GLY F 42 49.16 -22.51 22.33
N LYS F 43 47.96 -22.08 22.74
CA LYS F 43 46.96 -22.99 23.28
C LYS F 43 45.65 -22.79 22.53
N GLY F 44 44.67 -23.62 22.89
CA GLY F 44 43.36 -23.50 22.28
C GLY F 44 42.63 -22.26 22.75
N LEU F 45 41.75 -21.76 21.89
CA LEU F 45 40.92 -20.63 22.25
C LEU F 45 39.99 -20.99 23.39
N GLU F 46 39.92 -20.12 24.39
CA GLU F 46 39.04 -20.29 25.52
C GLU F 46 38.08 -19.12 25.60
N TRP F 47 36.80 -19.39 25.49
CA TRP F 47 35.80 -18.38 25.73
C TRP F 47 35.74 -18.07 27.22
N ILE F 48 35.68 -16.79 27.57
CA ILE F 48 35.65 -16.40 28.98
C ILE F 48 34.36 -15.68 29.34
N SER F 49 33.83 -14.80 28.50
CA SER F 49 32.69 -14.03 28.96
C SER F 49 31.73 -13.72 27.83
N HIS F 50 30.44 -13.61 28.20
CA HIS F 50 29.36 -13.35 27.26
C HIS F 50 28.44 -12.29 27.84
N ILE F 51 28.17 -11.25 27.04
CA ILE F 51 27.26 -10.16 27.38
C ILE F 51 26.15 -10.12 26.34
N SER F 52 24.91 -10.02 26.82
CA SER F 52 23.75 -10.03 25.95
C SER F 52 23.64 -8.73 25.17
N SER F 53 22.57 -8.63 24.37
CA SER F 53 22.39 -7.44 23.53
C SER F 53 22.08 -6.20 24.37
N SER F 54 21.23 -6.36 25.39
CA SER F 54 20.85 -5.25 26.25
C SER F 54 21.86 -5.00 27.36
N GLY F 55 22.93 -5.78 27.42
CA GLY F 55 23.90 -5.63 28.49
C GLY F 55 23.31 -5.88 29.86
N PHE F 56 22.45 -6.89 29.98
CA PHE F 56 21.86 -7.22 31.27
C PHE F 56 22.30 -8.59 31.72
N ALA F 57 22.07 -9.62 30.90
CA ALA F 57 22.44 -10.97 31.27
C ALA F 57 23.91 -11.21 30.96
N ILE F 58 24.65 -11.66 31.96
CA ILE F 58 26.10 -11.78 31.87
C ILE F 58 26.50 -13.18 32.30
N TYR F 59 27.38 -13.81 31.52
CA TYR F 59 27.90 -15.12 31.86
C TYR F 59 29.42 -15.11 31.80
N TYR F 60 30.06 -15.78 32.76
CA TYR F 60 31.51 -15.90 32.80
C TYR F 60 31.92 -17.36 32.87
N ALA F 61 33.09 -17.64 32.31
CA ALA F 61 33.65 -18.98 32.41
C ALA F 61 34.08 -19.26 33.85
N ASP F 62 34.31 -20.54 34.14
CA ASP F 62 34.70 -20.94 35.49
C ASP F 62 36.06 -20.38 35.86
N SER F 63 36.97 -20.31 34.90
CA SER F 63 38.34 -19.88 35.20
C SER F 63 38.38 -18.44 35.70
N VAL F 64 37.62 -17.56 35.05
CA VAL F 64 37.75 -16.11 35.34
C VAL F 64 36.57 -15.62 36.15
N ARG F 65 35.65 -16.49 36.49
CA ARG F 65 34.47 -15.96 37.19
C ARG F 65 34.94 -15.39 38.53
N GLY F 66 34.39 -14.26 38.96
CA GLY F 66 34.68 -13.76 40.30
C GLY F 66 35.89 -12.87 40.37
N ARG F 67 36.60 -12.72 39.26
CA ARG F 67 37.73 -11.76 39.25
C ARG F 67 37.58 -10.84 38.05
N PHE F 68 36.65 -11.14 37.13
CA PHE F 68 36.55 -10.38 35.86
C PHE F 68 35.14 -9.87 35.66
N THR F 69 34.97 -8.66 35.16
CA THR F 69 33.61 -8.22 34.84
C THR F 69 33.57 -7.59 33.44
N ILE F 70 32.71 -8.10 32.58
CA ILE F 70 32.54 -7.53 31.21
C ILE F 70 31.37 -6.57 31.33
N SER F 71 31.61 -5.29 31.04
CA SER F 71 30.54 -4.29 31.22
C SER F 71 30.60 -3.34 30.04
N ARG F 72 29.54 -2.57 29.85
CA ARG F 72 29.46 -1.66 28.69
C ARG F 72 29.12 -0.26 29.19
N ASP F 73 29.71 0.77 28.59
CA ASP F 73 29.34 2.17 28.93
C ASP F 73 29.01 2.88 27.63
N ILE F 74 28.01 3.76 27.63
CA ILE F 74 27.53 4.35 26.36
C ILE F 74 28.68 5.07 25.65
N ALA F 75 29.77 5.36 26.36
CA ALA F 75 30.81 6.18 25.73
C ALA F 75 31.19 5.54 24.40
N LYS F 76 30.96 6.26 23.30
CA LYS F 76 31.33 5.78 21.94
C LYS F 76 30.72 4.40 21.64
N GLN F 77 29.56 4.05 22.20
CA GLN F 77 29.03 2.69 21.95
C GLN F 77 30.09 1.61 22.23
N SER F 78 30.72 1.58 23.41
CA SER F 78 31.84 0.63 23.65
C SER F 78 31.61 -0.31 24.85
N LEU F 79 32.40 -1.39 24.96
CA LEU F 79 32.29 -2.33 26.06
C LEU F 79 33.68 -2.60 26.63
N ASP F 80 33.75 -2.72 27.95
CA ASP F 80 35.02 -2.95 28.63
C ASP F 80 34.94 -4.20 29.49
N LEU F 81 36.10 -4.71 29.84
CA LEU F 81 36.26 -5.85 30.74
C LEU F 81 37.24 -5.45 31.83
N GLN F 82 36.76 -5.43 33.07
CA GLN F 82 37.57 -5.09 34.23
C GLN F 82 38.08 -6.38 34.84
N MET F 83 39.41 -6.51 34.91
CA MET F 83 40.07 -7.66 35.49
C MET F 83 40.69 -7.23 36.81
N ASN F 84 40.40 -7.96 37.88
CA ASN F 84 41.06 -7.70 39.16
C ASN F 84 41.56 -9.02 39.74
N SER F 85 42.58 -8.91 40.59
CA SER F 85 43.22 -10.08 41.18
C SER F 85 43.74 -11.02 40.10
N LEU F 86 44.53 -10.47 39.18
CA LEU F 86 45.08 -11.25 38.10
C LEU F 86 46.11 -12.25 38.62
N ARG F 87 46.43 -13.23 37.79
CA ARG F 87 47.39 -14.28 38.08
C ARG F 87 48.27 -14.51 36.86
N ALA F 88 49.25 -15.39 37.02
CA ALA F 88 50.14 -15.71 35.91
C ALA F 88 49.44 -16.57 34.85
N GLU F 89 48.29 -17.14 35.19
CA GLU F 89 47.55 -17.98 34.25
C GLU F 89 46.80 -17.14 33.22
N ASP F 90 46.79 -15.82 33.38
CA ASP F 90 45.98 -14.95 32.54
C ASP F 90 46.74 -14.31 31.40
N THR F 91 48.02 -14.62 31.22
CA THR F 91 48.72 -14.15 30.02
C THR F 91 48.05 -14.75 28.79
N ALA F 92 47.74 -13.88 27.83
CA ALA F 92 46.89 -14.30 26.71
C ALA F 92 46.93 -13.23 25.62
N VAL F 93 46.13 -13.45 24.59
CA VAL F 93 45.80 -12.43 23.61
C VAL F 93 44.28 -12.28 23.63
N TYR F 94 43.79 -11.35 24.43
CA TYR F 94 42.35 -11.19 24.59
C TYR F 94 41.71 -10.67 23.32
N TYR F 95 40.51 -11.17 23.05
CA TYR F 95 39.72 -10.86 21.86
C TYR F 95 38.32 -10.45 22.26
N CYS F 96 37.76 -9.47 21.53
CA CYS F 96 36.32 -9.15 21.70
C CYS F 96 35.59 -9.71 20.49
N ALA F 97 34.37 -10.21 20.62
CA ALA F 97 33.76 -10.77 19.40
C ALA F 97 32.25 -10.61 19.42
N ARG F 98 31.58 -10.68 18.27
CA ARG F 98 30.14 -10.41 18.21
C ARG F 98 29.40 -11.58 17.65
N ASP F 99 28.20 -11.84 18.11
CA ASP F 99 27.50 -13.05 17.66
C ASP F 99 26.01 -12.75 17.59
N TYR F 100 25.23 -13.58 16.95
CA TYR F 100 23.78 -13.39 16.99
C TYR F 100 23.21 -14.81 16.97
N TYR F 101 22.01 -15.02 17.42
CA TYR F 101 21.46 -16.37 17.27
C TYR F 101 20.11 -16.24 16.59
N ASN F 102 20.03 -16.71 15.35
CA ASN F 102 18.77 -16.65 14.59
C ASN F 102 17.81 -17.68 15.14
N ARG F 103 16.52 -17.39 15.20
CA ARG F 103 15.57 -18.33 15.84
C ARG F 103 15.20 -19.38 14.81
N ASP F 104 15.55 -19.14 13.58
CA ASP F 104 15.25 -20.01 12.46
C ASP F 104 16.49 -20.59 11.81
N LEU F 105 17.66 -20.03 12.07
CA LEU F 105 18.90 -20.54 11.50
C LEU F 105 19.87 -21.06 12.55
N GLY F 106 19.80 -20.52 13.74
CA GLY F 106 20.78 -20.90 14.74
C GLY F 106 21.97 -20.00 14.80
N TYR F 107 22.97 -20.42 15.55
CA TYR F 107 24.13 -19.57 15.84
C TYR F 107 24.68 -18.93 14.58
N SER F 108 24.77 -17.61 14.59
CA SER F 108 25.35 -16.86 13.48
C SER F 108 26.84 -17.13 13.41
N GLY F 109 27.47 -17.22 14.57
CA GLY F 109 28.93 -17.37 14.61
C GLY F 109 29.56 -16.05 14.97
N MET F 110 30.75 -16.09 15.52
CA MET F 110 31.45 -14.84 15.84
C MET F 110 32.04 -14.29 14.54
N ASP F 111 31.21 -13.67 13.71
CA ASP F 111 31.64 -13.22 12.38
C ASP F 111 32.75 -12.18 12.47
N VAL F 112 32.66 -11.24 13.40
CA VAL F 112 33.67 -10.15 13.42
C VAL F 112 34.41 -10.17 14.73
N TRP F 113 35.73 -10.17 14.64
CA TRP F 113 36.59 -10.30 15.82
C TRP F 113 37.46 -9.06 15.87
N GLY F 114 38.01 -8.73 17.01
CA GLY F 114 38.93 -7.59 17.04
C GLY F 114 40.29 -7.94 16.46
N GLN F 115 41.27 -7.07 16.66
CA GLN F 115 42.63 -7.36 16.23
C GLN F 115 43.37 -8.20 17.26
N GLY F 116 43.10 -7.98 18.54
CA GLY F 116 43.74 -8.73 19.60
C GLY F 116 44.60 -7.88 20.48
N THR F 117 44.51 -8.06 21.80
CA THR F 117 45.33 -7.31 22.75
C THR F 117 46.17 -8.28 23.59
N THR F 118 47.48 -8.07 23.59
CA THR F 118 48.41 -8.98 24.24
C THR F 118 48.57 -8.60 25.71
N VAL F 119 48.36 -9.55 26.61
CA VAL F 119 48.50 -9.34 28.04
C VAL F 119 49.53 -10.32 28.56
N THR F 120 50.57 -9.81 29.22
CA THR F 120 51.60 -10.62 29.85
C THR F 120 51.67 -10.23 31.33
N VAL F 121 51.17 -11.11 32.19
CA VAL F 121 51.15 -10.87 33.64
C VAL F 121 52.42 -11.48 34.22
N SER F 122 53.29 -10.64 34.77
CA SER F 122 54.57 -11.09 35.29
C SER F 122 55.12 -10.04 36.24
N SER F 123 56.15 -10.43 36.98
CA SER F 123 56.83 -9.51 37.90
C SER F 123 58.19 -9.10 37.34
C1 NAG G . 20.12 23.81 0.03
C2 NAG G . 20.84 24.31 -1.24
C3 NAG G . 21.85 25.40 -0.95
C4 NAG G . 21.16 26.53 -0.23
C5 NAG G . 20.45 25.99 0.99
C6 NAG G . 19.65 27.12 1.64
C7 NAG G . 20.92 22.87 -3.12
C8 NAG G . 21.76 22.00 -4.00
N2 NAG G . 21.47 23.24 -1.98
O3 NAG G . 22.39 25.85 -2.20
O4 NAG G . 22.18 27.36 0.30
O5 NAG G . 19.53 24.94 0.67
O6 NAG G . 18.71 27.63 0.71
O7 NAG G . 19.81 23.22 -3.43
C1 NAG G . 22.35 28.63 -0.34
C2 NAG G . 23.82 28.90 -0.52
C3 NAG G . 24.08 30.26 -1.11
C4 NAG G . 23.24 30.49 -2.35
C5 NAG G . 21.77 30.15 -2.10
C6 NAG G . 21.02 30.17 -3.42
C7 NAG G . 25.02 27.74 1.24
C8 NAG G . 24.94 27.57 2.73
N2 NAG G . 24.47 28.86 0.77
O3 NAG G . 25.45 30.26 -1.52
O4 NAG G . 23.32 31.90 -2.57
O5 NAG G . 21.58 28.87 -1.52
O6 NAG G . 21.57 29.16 -4.27
O7 NAG G . 25.54 26.92 0.51
C1 BMA G . 24.03 32.21 -3.79
C2 BMA G . 23.73 33.66 -4.18
C3 BMA G . 24.42 33.98 -5.49
C4 BMA G . 25.91 33.69 -5.34
C5 BMA G . 26.13 32.25 -4.92
C6 BMA G . 27.61 31.96 -4.70
O2 BMA G . 24.19 34.55 -3.15
O3 BMA G . 24.21 35.36 -5.80
O4 BMA G . 26.57 33.94 -6.60
O5 BMA G . 25.43 31.99 -3.70
O6 BMA G . 28.12 32.84 -3.69
C1 NAG H . 22.68 15.70 26.91
C2 NAG H . 23.71 14.56 27.06
C3 NAG H . 25.12 15.02 26.81
C4 NAG H . 25.28 15.70 25.47
C5 NAG H . 24.24 16.80 25.36
C6 NAG H . 24.08 17.31 23.94
C7 NAG H . 22.85 12.94 28.65
C8 NAG H . 22.22 12.96 30.01
N2 NAG H . 23.65 13.97 28.37
O3 NAG H . 25.95 13.86 26.85
O4 NAG H . 26.59 16.27 25.40
O5 NAG H . 22.95 16.31 25.65
O6 NAG H . 23.36 16.29 23.26
O7 NAG H . 22.65 12.06 27.84
C1 NAG H . 27.24 16.03 24.14
C2 NAG H . 28.02 17.25 23.66
C3 NAG H . 28.53 17.00 22.25
C4 NAG H . 29.42 15.78 22.30
C5 NAG H . 28.59 14.61 22.82
C6 NAG H . 29.41 13.33 22.86
C7 NAG H . 27.28 19.31 24.69
C8 NAG H . 27.19 20.75 24.29
N2 NAG H . 27.21 18.45 23.69
O3 NAG H . 29.29 18.12 21.79
O4 NAG H . 29.90 15.50 20.99
O5 NAG H . 28.12 14.91 24.14
O6 NAG H . 29.36 12.71 21.58
O7 NAG H . 27.42 18.95 25.86
C1 NAG I . 24.19 19.46 37.46
C2 NAG I . 24.06 20.83 38.07
C3 NAG I . 25.30 21.61 37.72
C4 NAG I . 26.47 20.85 38.33
C5 NAG I . 26.52 19.46 37.70
C6 NAG I . 27.74 18.67 38.15
C7 NAG I . 21.82 21.75 38.23
C8 NAG I . 21.89 22.91 39.19
N2 NAG I . 22.93 21.54 37.53
O3 NAG I . 25.18 22.95 38.20
O4 NAG I . 27.69 21.58 38.16
O5 NAG I . 25.31 18.79 38.04
O6 NAG I . 27.87 18.74 39.57
O7 NAG I . 20.83 21.07 38.09
C1 NAG I . 28.09 22.12 39.44
C2 NAG I . 29.01 23.30 39.23
C3 NAG I . 29.51 23.84 40.56
C4 NAG I . 28.32 24.13 41.46
C5 NAG I . 27.41 22.92 41.59
C6 NAG I . 26.15 23.32 42.36
C7 NAG I . 31.14 22.17 38.66
C8 NAG I . 32.49 22.77 38.45
N2 NAG I . 30.11 22.96 38.34
O3 NAG I . 30.25 25.05 40.35
O4 NAG I . 28.81 24.48 42.76
O5 NAG I . 27.01 22.45 40.31
O6 NAG I . 25.33 22.18 42.60
O7 NAG I . 31.00 21.02 39.06
C1 NAG J . -5.00 41.62 7.69
C2 NAG J . -4.45 42.75 6.86
C3 NAG J . -5.56 43.62 6.32
C4 NAG J . -6.55 42.82 5.54
C5 NAG J . -7.04 41.68 6.39
C6 NAG J . -7.91 40.73 5.62
C7 NAG J . -2.34 43.55 7.72
C8 NAG J . -1.71 43.71 9.06
N2 NAG J . -3.66 43.59 7.71
O3 NAG J . -4.94 44.57 5.44
O4 NAG J . -7.69 43.65 5.37
O5 NAG J . -5.96 40.93 6.91
O6 NAG J . -8.68 40.01 6.59
O7 NAG J . -1.71 43.40 6.70
C1 NAG J . -8.04 43.86 3.99
C2 NAG J . -9.46 44.41 4.02
C3 NAG J . -9.81 44.79 2.62
C4 NAG J . -8.84 45.80 2.04
C5 NAG J . -7.45 45.18 2.10
C6 NAG J . -6.34 46.10 1.62
C7 NAG J . -10.99 43.21 5.53
C8 NAG J . -10.54 44.03 6.68
N2 NAG J . -10.40 43.37 4.36
O3 NAG J . -11.10 45.39 2.68
O4 NAG J . -9.24 46.00 0.70
O5 NAG J . -7.17 44.83 3.43
O6 NAG J . -6.45 47.33 2.34
O7 NAG J . -11.88 42.40 5.66
C1 BMA J . -9.19 47.36 0.28
C2 BMA J . -8.94 47.26 -1.21
C3 BMA J . -8.98 48.61 -1.86
C4 BMA J . -10.33 49.21 -1.56
C5 BMA J . -10.55 49.28 -0.07
C6 BMA J . -11.92 49.82 0.28
O2 BMA J . -10.00 46.50 -1.75
O3 BMA J . -8.90 48.39 -3.26
O4 BMA J . -10.37 50.51 -2.14
O5 BMA J . -10.46 47.98 0.48
O6 BMA J . -12.12 49.73 1.70
C1 MAN J . -7.86 49.23 -3.73
C2 MAN J . -7.97 49.58 -5.19
C3 MAN J . -7.26 48.55 -6.03
C4 MAN J . -5.88 48.24 -5.53
C5 MAN J . -5.84 47.93 -4.05
C6 MAN J . -4.42 47.88 -3.54
O2 MAN J . -7.34 50.84 -5.46
O3 MAN J . -7.12 49.07 -7.36
O4 MAN J . -5.36 47.17 -6.32
O5 MAN J . -6.54 48.92 -3.29
O6 MAN J . -3.56 47.29 -4.53
C1 MAN J . -7.92 51.87 -4.66
C2 MAN J . -9.01 52.54 -5.48
C3 MAN J . -8.37 53.09 -6.75
C4 MAN J . -7.29 54.07 -6.37
C5 MAN J . -6.26 53.35 -5.50
C6 MAN J . -5.20 54.32 -4.99
O2 MAN J . -9.57 53.59 -4.71
O3 MAN J . -9.37 53.76 -7.52
O4 MAN J . -6.68 54.51 -7.59
O5 MAN J . -6.92 52.84 -4.36
O6 MAN J . -4.50 54.92 -6.08
C1 MAN J . -11.71 50.94 2.35
C2 MAN J . -11.90 50.83 3.85
C3 MAN J . -13.37 50.76 4.19
C4 MAN J . -14.04 52.00 3.64
C5 MAN J . -13.79 52.06 2.15
C6 MAN J . -14.46 53.27 1.52
O2 MAN J . -11.37 51.99 4.47
O3 MAN J . -13.47 50.72 5.62
O4 MAN J . -15.45 51.96 3.89
O5 MAN J . -12.39 52.10 1.89
O6 MAN J . -14.56 54.27 2.53
C1 MAN J . -14.49 49.81 6.05
C2 MAN J . -14.44 49.62 7.56
C3 MAN J . -13.28 48.74 7.96
C4 MAN J . -13.33 47.43 7.19
C5 MAN J . -13.41 47.69 5.69
C6 MAN J . -13.57 46.42 4.86
O2 MAN J . -15.63 48.96 8.01
O3 MAN J . -13.40 48.44 9.35
O4 MAN J . -12.13 46.72 7.51
O5 MAN J . -14.51 48.55 5.38
O6 MAN J . -14.90 45.93 5.00
C1 MAN J . -14.33 55.56 1.94
C2 MAN J . -13.00 56.05 2.46
C3 MAN J . -13.07 56.13 3.98
C4 MAN J . -14.21 57.05 4.37
C5 MAN J . -15.51 56.51 3.77
C6 MAN J . -16.67 57.43 4.08
O2 MAN J . -12.70 57.33 1.89
O3 MAN J . -11.84 56.62 4.51
O4 MAN J . -14.33 57.07 5.79
O5 MAN J . -15.38 56.43 2.35
O6 MAN J . -17.82 56.96 3.38
C1 NAG K . 26.44 -5.17 3.11
C2 NAG K . 27.53 -4.14 2.78
C3 NAG K . 28.91 -4.69 3.07
C4 NAG K . 29.01 -5.10 4.52
C5 NAG K . 27.88 -6.08 4.79
C6 NAG K . 27.79 -6.46 6.26
C7 NAG K . 26.81 -2.53 1.16
C8 NAG K . 26.83 -2.06 -0.27
N2 NAG K . 27.44 -3.66 1.42
O3 NAG K . 29.87 -3.67 2.78
O4 NAG K . 30.22 -5.88 4.56
O5 NAG K . 26.61 -5.53 4.47
O6 NAG K . 28.90 -7.26 6.65
O7 NAG K . 26.25 -1.90 2.04
C1 NAG K . 31.35 -5.38 5.30
C2 NAG K . 32.28 -6.58 5.37
C3 NAG K . 33.57 -6.24 6.08
C4 NAG K . 34.24 -5.17 5.26
C5 NAG K . 33.27 -3.98 5.20
C6 NAG K . 33.87 -2.80 4.44
C7 NAG K . 31.51 -8.85 5.34
C8 NAG K . 31.87 -10.09 6.10
N2 NAG K . 31.64 -7.71 6.02
O3 NAG K . 34.41 -7.40 6.16
O4 NAG K . 35.53 -4.80 5.78
O5 NAG K . 32.07 -4.39 4.56
O6 NAG K . 32.92 -1.75 4.42
O7 NAG K . 31.12 -8.88 4.19
C1 BMA K . 36.65 -5.34 5.04
C2 BMA K . 36.33 -6.02 3.70
C3 BMA K . 37.58 -6.72 3.19
C4 BMA K . 38.68 -5.68 3.06
C5 BMA K . 38.92 -5.01 4.41
C6 BMA K . 40.01 -3.94 4.29
O2 BMA K . 35.92 -5.10 2.67
O3 BMA K . 37.34 -7.33 1.92
O4 BMA K . 39.88 -6.29 2.57
O5 BMA K . 37.71 -4.40 4.87
O6 BMA K . 41.30 -4.53 4.06
C1 NAG L . 20.09 -30.97 -2.35
C2 NAG L . 20.46 -32.08 -3.31
C3 NAG L . 21.95 -32.29 -3.27
C4 NAG L . 22.71 -31.00 -3.53
C5 NAG L . 22.22 -29.94 -2.55
C6 NAG L . 22.83 -28.57 -2.80
C7 NAG L . 18.75 -33.83 -3.39
C8 NAG L . 18.23 -35.06 -2.73
N2 NAG L . 19.87 -33.34 -2.90
O3 NAG L . 22.24 -33.27 -4.25
O4 NAG L . 24.09 -31.27 -3.26
O5 NAG L . 20.82 -29.79 -2.62
O6 NAG L . 22.42 -28.08 -4.08
O7 NAG L . 18.16 -33.31 -4.32
C1 NAG L . 24.99 -31.00 -4.36
C2 NAG L . 25.14 -32.13 -5.38
C3 NAG L . 26.31 -31.79 -6.29
C4 NAG L . 25.99 -30.47 -6.96
C5 NAG L . 25.82 -29.40 -5.89
C6 NAG L . 25.47 -28.09 -6.54
C7 NAG L . 25.85 -33.91 -3.76
C8 NAG L . 27.20 -34.54 -3.97
N2 NAG L . 25.22 -33.49 -4.85
O3 NAG L . 26.52 -32.81 -7.27
O4 NAG L . 27.05 -30.10 -7.85
O5 NAG L . 24.73 -29.78 -5.05
O6 NAG L . 24.44 -28.32 -7.51
O7 NAG L . 25.36 -33.81 -2.65
C1 NAG M . 19.97 -43.44 2.28
C2 NAG M . 20.92 -43.67 1.12
C3 NAG M . 21.81 -44.84 1.42
C4 NAG M . 22.51 -44.66 2.75
C5 NAG M . 21.48 -44.39 3.85
C6 NAG M . 22.11 -44.04 5.18
C7 NAG M . 20.12 -43.28 -1.14
C8 NAG M . 20.71 -41.90 -1.08
N2 NAG M . 20.13 -44.01 -0.03
O3 NAG M . 22.77 -44.87 0.37
O4 NAG M . 23.15 -45.90 3.08
O5 NAG M . 20.66 -43.30 3.51
O6 NAG M . 21.06 -43.68 6.08
O7 NAG M . 19.64 -43.71 -2.17
C1 NAG M . 24.57 -45.81 2.98
C2 NAG M . 25.12 -47.13 3.50
C3 NAG M . 26.63 -47.22 3.28
C4 NAG M . 26.95 -46.97 1.82
C5 NAG M . 26.36 -45.66 1.36
C6 NAG M . 26.48 -45.55 -0.14
C7 NAG M . 23.75 -47.87 5.36
C8 NAG M . 23.64 -47.96 6.85
N2 NAG M . 24.84 -47.26 4.91
O3 NAG M . 27.08 -48.52 3.64
O4 NAG M . 28.37 -46.90 1.64
O5 NAG M . 24.96 -45.62 1.63
O6 NAG M . 25.54 -46.47 -0.71
O7 NAG M . 22.91 -48.34 4.61
C1 NAG N . 12.34 -6.72 32.01
C2 NAG N . 13.45 -5.87 32.59
C3 NAG N . 13.04 -5.17 33.85
C4 NAG N . 11.79 -4.36 33.62
C5 NAG N . 10.74 -5.27 33.01
C6 NAG N . 9.48 -4.48 32.70
C7 NAG N . 15.65 -6.76 32.14
C8 NAG N . 16.49 -7.98 32.28
N2 NAG N . 14.59 -6.69 32.91
O3 NAG N . 14.12 -4.31 34.19
O4 NAG N . 11.33 -3.96 34.91
O5 NAG N . 11.18 -5.91 31.83
O6 NAG N . 8.37 -5.34 32.94
O7 NAG N . 15.90 -5.88 31.36
C1 NAG N . 11.39 -2.54 35.13
C2 NAG N . 10.48 -2.29 36.30
C3 NAG N . 10.60 -0.87 36.73
C4 NAG N . 12.01 -0.47 37.04
C5 NAG N . 12.86 -0.76 35.83
C6 NAG N . 14.34 -0.49 36.03
C7 NAG N . 8.33 -3.36 36.29
C8 NAG N . 6.88 -3.03 36.13
N2 NAG N . 9.15 -2.47 35.80
O3 NAG N . 9.89 -0.74 37.96
O4 NAG N . 11.87 0.93 37.21
O5 NAG N . 12.71 -2.12 35.45
O6 NAG N . 14.97 -0.43 34.74
O7 NAG N . 8.72 -4.38 36.82
C1 BMA N . 12.69 1.46 38.25
C2 BMA N . 13.07 2.82 37.77
C3 BMA N . 13.93 3.51 38.79
C4 BMA N . 13.20 3.56 40.10
C5 BMA N . 12.81 2.16 40.51
C6 BMA N . 11.91 2.27 41.71
O2 BMA N . 11.85 3.55 37.63
O3 BMA N . 14.13 4.83 38.32
O4 BMA N . 14.08 4.07 41.10
O5 BMA N . 12.03 1.56 39.50
O6 BMA N . 11.38 0.97 41.97
C1 MAN N . 15.53 5.00 38.36
C2 MAN N . 16.08 6.39 38.47
C3 MAN N . 16.60 6.80 37.09
C4 MAN N . 17.47 5.74 36.45
C5 MAN N . 16.83 4.37 36.44
C6 MAN N . 17.84 3.31 36.01
O2 MAN N . 17.13 6.29 39.42
O3 MAN N . 17.38 7.99 37.14
O4 MAN N . 17.77 6.18 35.13
O5 MAN N . 16.36 4.03 37.74
O6 MAN N . 18.50 3.71 34.81
C1 MAN N . 17.23 7.41 40.30
C2 MAN N . 18.72 7.62 40.49
C3 MAN N . 19.32 6.40 41.16
C4 MAN N . 18.60 6.17 42.47
C5 MAN N . 17.10 6.01 42.23
C6 MAN N . 16.36 5.88 43.55
O2 MAN N . 18.96 8.73 41.34
O3 MAN N . 20.69 6.64 41.39
O4 MAN N . 19.11 4.97 43.02
O5 MAN N . 16.61 7.18 41.56
O6 MAN N . 16.57 7.07 44.30
C1 MAN N . 12.20 0.40 43.00
C2 MAN N . 12.05 -1.11 43.01
C3 MAN N . 10.58 -1.42 43.27
C4 MAN N . 10.23 -0.86 44.63
C5 MAN N . 10.45 0.64 44.56
C6 MAN N . 10.22 1.29 45.91
O2 MAN N . 12.89 -1.61 44.05
O3 MAN N . 10.24 -2.80 43.22
O4 MAN N . 8.87 -1.17 44.95
O5 MAN N . 11.82 0.87 44.29
O6 MAN N . 11.09 0.60 46.80
C1 MAN N . 11.10 -3.56 42.34
C2 MAN N . 10.51 -3.64 40.93
C3 MAN N . 9.14 -4.27 41.00
C4 MAN N . 9.29 -5.64 41.62
C5 MAN N . 9.93 -5.49 43.00
C6 MAN N . 10.07 -6.83 43.71
O2 MAN N . 11.37 -4.44 40.11
O3 MAN N . 8.59 -4.37 39.69
O4 MAN N . 8.01 -6.22 41.77
O5 MAN N . 11.20 -4.87 42.87
O6 MAN N . 8.83 -7.10 44.38
C1 MAN N . 11.33 1.40 47.96
C2 MAN N . 12.37 0.69 48.81
C3 MAN N . 11.75 -0.61 49.33
C4 MAN N . 10.49 -0.30 50.11
C5 MAN N . 9.52 0.45 49.21
C6 MAN N . 8.22 0.80 49.92
O2 MAN N . 12.78 1.50 49.92
O3 MAN N . 12.71 -1.27 50.18
O4 MAN N . 9.86 -1.51 50.53
O5 MAN N . 10.14 1.64 48.73
O6 MAN N . 7.29 1.31 48.96
C1 NAG O . 9.86 17.38 -28.56
C2 NAG O . 11.25 17.06 -29.06
C3 NAG O . 11.64 18.15 -30.01
C4 NAG O . 10.60 18.36 -31.09
C5 NAG O . 9.22 18.61 -30.46
C6 NAG O . 8.10 18.76 -31.49
C7 NAG O . 12.52 16.17 -27.14
C8 NAG O . 13.75 16.42 -26.33
N2 NAG O . 12.18 17.16 -27.96
O3 NAG O . 12.87 17.75 -30.61
O4 NAG O . 11.01 19.51 -31.81
O5 NAG O . 8.87 17.57 -29.57
O6 NAG O . 7.77 17.48 -32.04
O7 NAG O . 11.87 15.14 -27.02
C1 NAG O . 11.27 19.18 -33.18
C2 NAG O . 11.80 20.42 -33.89
C3 NAG O . 12.12 20.11 -35.34
C4 NAG O . 13.01 18.89 -35.47
C5 NAG O . 12.42 17.72 -34.69
C6 NAG O . 13.36 16.52 -34.67
C7 NAG O . 10.74 22.33 -32.83
C8 NAG O . 9.42 23.02 -32.66
N2 NAG O . 10.82 21.48 -33.84
O3 NAG O . 12.80 21.24 -35.89
O4 NAG O . 12.98 18.52 -36.85
O5 NAG O . 12.13 18.07 -33.34
O6 NAG O . 14.38 16.75 -33.69
O7 NAG O . 11.67 22.52 -32.06
C1 BMA O . 14.25 18.64 -37.49
C2 BMA O . 14.11 18.13 -38.91
C3 BMA O . 15.44 18.21 -39.63
C4 BMA O . 15.96 19.64 -39.58
C5 BMA O . 16.04 20.10 -38.14
C6 BMA O . 16.53 21.55 -38.04
O2 BMA O . 13.15 18.92 -39.61
O3 BMA O . 15.24 17.82 -40.99
O4 BMA O . 17.26 19.70 -40.18
O5 BMA O . 14.77 19.98 -37.49
O6 BMA O . 16.70 21.90 -36.67
C1 NAG P . 2.11 41.68 -16.91
C2 NAG P . 3.19 42.55 -16.30
C3 NAG P . 4.04 43.13 -17.41
C4 NAG P . 4.57 42.02 -18.29
C5 NAG P . 3.43 41.17 -18.82
C6 NAG P . 3.94 39.95 -19.56
C7 NAG P . 2.01 44.69 -15.91
C8 NAG P . 0.51 44.73 -15.79
N2 NAG P . 2.62 43.59 -15.45
O3 NAG P . 5.13 43.84 -16.83
O4 NAG P . 5.27 42.62 -19.38
O5 NAG P . 2.66 40.68 -17.74
O6 NAG P . 4.63 39.11 -18.62
O7 NAG P . 2.62 45.63 -16.36
C1 NAG P . 6.62 42.14 -19.31
C2 NAG P . 7.31 41.96 -20.66
C3 NAG P . 8.48 41.03 -20.43
C4 NAG P . 9.35 41.63 -19.34
C5 NAG P . 8.56 41.83 -18.06
C6 NAG P . 9.45 42.44 -16.98
C7 NAG P . 5.96 42.09 -22.67
C8 NAG P . 5.87 41.33 -23.96
N2 NAG P . 6.39 41.40 -21.62
O3 NAG P . 9.23 40.89 -21.64
O4 NAG P . 10.46 40.75 -19.09
O5 NAG P . 7.45 42.68 -18.31
O6 NAG P . 10.08 43.62 -17.50
O7 NAG P . 5.66 43.27 -22.61
C1 NAG Q . -4.65 53.50 -18.30
C2 NAG Q . -3.62 54.48 -17.80
C3 NAG Q . -3.75 55.75 -18.63
C4 NAG Q . -3.49 55.38 -20.09
C5 NAG Q . -4.53 54.36 -20.49
C6 NAG Q . -4.29 53.84 -21.90
C7 NAG Q . -3.18 53.85 -15.50
C8 NAG Q . -1.72 53.58 -15.73
N2 NAG Q . -3.75 54.69 -16.37
O3 NAG Q . -2.80 56.71 -18.17
O4 NAG Q . -3.65 56.54 -20.92
O5 NAG Q . -4.39 53.22 -19.67
O6 NAG Q . -2.97 53.30 -21.95
O7 NAG Q . -3.80 53.33 -14.60
C1 NAG Q . -2.37 56.88 -21.49
C2 NAG Q . -2.46 58.07 -22.44
C3 NAG Q . -1.07 58.40 -22.97
C4 NAG Q . -0.15 58.69 -21.80
C5 NAG Q . -0.14 57.49 -20.86
C6 NAG Q . 0.63 57.78 -19.59
C7 NAG Q . -3.79 56.74 -24.10
C8 NAG Q . -2.85 56.10 -25.07
N2 NAG Q . -3.41 57.88 -23.54
O3 NAG Q . -1.12 59.53 -23.85
O4 NAG Q . 1.17 58.95 -22.28
O5 NAG Q . -1.47 57.21 -20.44
O6 NAG Q . -0.23 58.55 -18.73
O7 NAG Q . -4.89 56.27 -23.86
C1 NAG R . -18.99 12.75 -39.28
C2 NAG R . -18.43 12.25 -40.61
C3 NAG R . -19.34 11.25 -41.28
C4 NAG R . -19.69 10.11 -40.36
C5 NAG R . -20.20 10.66 -39.05
C6 NAG R . -20.34 9.54 -38.04
C7 NAG R . -17.05 13.94 -41.69
C8 NAG R . -17.11 15.36 -42.15
N2 NAG R . -18.23 13.34 -41.54
O3 NAG R . -18.56 10.72 -42.35
O4 NAG R . -20.78 9.38 -40.94
O5 NAG R . -19.32 11.62 -38.49
O6 NAG R . -19.09 8.89 -37.90
O7 NAG R . -16.00 13.38 -41.47
C1 NAG R . -20.48 8.03 -41.29
C2 NAG R . -21.82 7.38 -41.58
C3 NAG R . -21.59 5.99 -42.09
C4 NAG R . -20.70 5.98 -43.30
C5 NAG R . -19.39 6.67 -42.93
C6 NAG R . -18.39 6.86 -44.05
C7 NAG R . -23.57 8.03 -40.06
C8 NAG R . -24.29 7.74 -38.79
N2 NAG R . -22.54 7.26 -40.34
O3 NAG R . -22.85 5.44 -42.45
O4 NAG R . -20.50 4.60 -43.57
O5 NAG R . -19.67 7.97 -42.44
O6 NAG R . -18.95 7.77 -44.99
O7 NAG R . -23.90 8.92 -40.81
C1 BMA R . -20.57 4.33 -44.98
C2 BMA R . -19.58 3.23 -45.20
C3 BMA R . -19.49 2.89 -46.64
C4 BMA R . -20.87 2.48 -47.08
C5 BMA R . -21.83 3.60 -46.81
C6 BMA R . -23.22 3.13 -47.15
O2 BMA R . -20.07 2.09 -44.51
O3 BMA R . -18.64 1.77 -46.63
O4 BMA R . -20.90 2.23 -48.49
O5 BMA R . -21.84 3.90 -45.43
O6 BMA R . -24.13 4.19 -46.88
C1 MAN R . -17.75 1.88 -47.73
C2 MAN R . -17.01 0.61 -48.04
C3 MAN R . -15.67 0.59 -47.35
C4 MAN R . -14.93 1.90 -47.51
C5 MAN R . -15.76 3.13 -47.21
C6 MAN R . -15.03 4.37 -47.65
O2 MAN R . -16.73 0.45 -49.43
O3 MAN R . -14.88 -0.38 -48.01
O4 MAN R . -13.80 1.87 -46.66
O5 MAN R . -17.01 3.09 -47.87
O6 MAN R . -15.01 4.40 -49.09
C1 MAN R . -17.80 0.86 -50.29
C2 MAN R . -18.62 -0.37 -50.69
C3 MAN R . -17.65 -1.38 -51.30
C4 MAN R . -16.98 -0.76 -52.51
C5 MAN R . -16.25 0.47 -52.02
C6 MAN R . -15.41 1.15 -53.07
O2 MAN R . -19.65 0.04 -51.59
O3 MAN R . -18.33 -2.58 -51.70
O4 MAN R . -16.04 -1.70 -53.02
O5 MAN R . -17.17 1.39 -51.45
O6 MAN R . -14.49 1.99 -52.38
C1 MAN R . -24.29 5.00 -48.06
C2 MAN R . -25.08 6.23 -47.66
C3 MAN R . -26.47 5.83 -47.21
C4 MAN R . -27.13 5.08 -48.35
C5 MAN R . -26.29 3.89 -48.71
C6 MAN R . -26.92 3.11 -49.84
O2 MAN R . -25.18 7.12 -48.78
O3 MAN R . -27.22 7.00 -46.96
O4 MAN R . -28.40 4.60 -47.91
O5 MAN R . -24.98 4.33 -49.09
O6 MAN R . -27.03 3.99 -50.96
C1 MAN R . -27.26 7.26 -45.55
C2 MAN R . -28.69 7.54 -45.14
C3 MAN R . -29.19 8.77 -45.88
C4 MAN R . -28.28 9.94 -45.55
C5 MAN R . -26.87 9.59 -45.94
C6 MAN R . -25.92 10.71 -45.61
O2 MAN R . -28.77 7.76 -43.74
O3 MAN R . -30.52 9.07 -45.46
O4 MAN R . -28.70 11.07 -46.32
O5 MAN R . -26.46 8.41 -45.24
O6 MAN R . -24.59 10.33 -46.03
C1 MAN R . -27.78 3.32 -51.99
C2 MAN R . -26.82 2.91 -53.10
C3 MAN R . -26.23 4.17 -53.72
C4 MAN R . -27.36 5.02 -54.23
C5 MAN R . -28.31 5.35 -53.08
C6 MAN R . -29.49 6.19 -53.55
O2 MAN R . -27.51 2.14 -54.08
O3 MAN R . -25.37 3.82 -54.81
O4 MAN R . -26.83 6.22 -54.80
O5 MAN R . -28.81 4.14 -52.51
O6 MAN R . -30.43 6.29 -52.49
C1 NAG S . 17.15 -10.86 -23.62
C2 NAG S . 18.58 -10.35 -23.52
C3 NAG S . 19.31 -10.66 -24.80
C4 NAG S . 19.23 -12.14 -25.11
C5 NAG S . 17.76 -12.56 -25.15
C6 NAG S . 17.59 -14.07 -25.30
C7 NAG S . 18.55 -8.41 -22.11
C8 NAG S . 18.80 -6.94 -22.01
N2 NAG S . 18.55 -8.92 -23.32
O3 NAG S . 20.68 -10.29 -24.64
O4 NAG S . 19.88 -12.29 -26.39
O5 NAG S . 17.10 -12.24 -23.93
O6 NAG S . 18.15 -14.73 -24.16
O7 NAG S . 18.37 -9.10 -21.12
C1 NAG S . 20.80 -13.40 -26.36
C2 NAG S . 21.31 -13.85 -27.71
C3 NAG S . 21.95 -15.22 -27.53
C4 NAG S . 23.07 -15.09 -26.52
C5 NAG S . 22.49 -14.58 -25.21
C6 NAG S . 23.57 -14.40 -24.16
C7 NAG S . 19.07 -14.42 -28.65
C8 NAG S . 17.98 -13.59 -29.25
N2 NAG S . 20.29 -13.90 -28.75
O3 NAG S . 22.43 -15.68 -28.79
O4 NAG S . 23.68 -16.38 -26.28
O5 NAG S . 21.88 -13.31 -25.43
O6 NAG S . 24.55 -13.46 -24.65
O7 NAG S . 18.84 -15.51 -28.14
C1 BMA S . 25.01 -16.45 -26.84
C2 BMA S . 25.34 -17.92 -27.04
C3 BMA S . 26.65 -18.10 -27.77
C4 BMA S . 26.64 -17.30 -29.08
C5 BMA S . 26.28 -15.84 -28.82
C6 BMA S . 26.03 -15.14 -30.14
O2 BMA S . 24.28 -18.52 -27.79
O3 BMA S . 26.85 -19.48 -28.08
O4 BMA S . 27.93 -17.37 -29.71
O5 BMA S . 25.07 -15.76 -28.10
O6 BMA S . 25.20 -14.01 -29.91
C1 NAG T . -0.67 -4.49 -44.04
C2 NAG T . -0.62 -3.63 -45.29
C3 NAG T . 0.57 -4.04 -46.12
C4 NAG T . 1.83 -3.94 -45.29
C5 NAG T . 1.68 -4.79 -44.04
C6 NAG T . 2.88 -4.68 -43.13
C7 NAG T . -2.76 -2.99 -46.28
C8 NAG T . -4.09 -3.63 -46.58
N2 NAG T . -1.77 -3.86 -46.12
O3 NAG T . 0.64 -3.17 -47.24
O4 NAG T . 2.93 -4.44 -46.04
O5 NAG T . 0.54 -4.39 -43.31
O6 NAG T . 2.85 -5.76 -42.20
O7 NAG T . -2.61 -1.80 -46.20
C1 NAG T . 3.87 -3.38 -46.31
C2 NAG T . 5.14 -3.98 -46.90
C3 NAG T . 6.13 -2.91 -47.32
C4 NAG T . 5.45 -1.90 -48.22
C5 NAG T . 4.17 -1.36 -47.60
C6 NAG T . 3.40 -0.48 -48.58
C7 NAG T . 6.13 -4.72 -44.72
C8 NAG T . 6.58 -5.94 -43.97
N2 NAG T . 5.78 -4.93 -45.99
O3 NAG T . 7.21 -3.52 -48.03
O4 NAG T . 6.37 -0.82 -48.44
O5 NAG T . 3.30 -2.42 -47.20
O6 NAG T . 4.14 0.71 -48.87
O7 NAG T . 6.11 -3.62 -44.15
C1 NAG U . -8.14 -9.73 -54.38
C2 NAG U . -7.66 -8.79 -55.46
C3 NAG U . -7.51 -9.51 -56.79
C4 NAG U . -6.68 -10.77 -56.64
C5 NAG U . -7.20 -11.63 -55.50
C6 NAG U . -6.21 -12.73 -55.13
C7 NAG U . -8.53 -6.55 -54.99
C8 NAG U . -9.36 -5.46 -55.60
N2 NAG U . -8.64 -7.73 -55.60
O3 NAG U . -6.86 -8.61 -57.68
O4 NAG U . -6.83 -11.55 -57.84
O5 NAG U . -7.35 -10.90 -54.30
O6 NAG U . -6.88 -13.69 -54.32
O7 NAG U . -7.81 -6.36 -54.03
C1 NAG U . -5.63 -11.48 -58.63
C2 NAG U . -5.31 -12.81 -59.29
C3 NAG U . -4.00 -12.68 -60.04
C4 NAG U . -4.13 -11.54 -61.05
C5 NAG U . -4.50 -10.26 -60.32
C6 NAG U . -4.78 -9.16 -61.32
C7 NAG U . -6.22 -14.69 -58.07
C8 NAG U . -5.89 -15.92 -57.29
N2 NAG U . -5.21 -13.87 -58.31
O3 NAG U . -3.69 -13.90 -60.73
O4 NAG U . -2.86 -11.37 -61.70
O5 NAG U . -5.71 -10.46 -59.61
O6 NAG U . -5.60 -8.18 -60.67
O7 NAG U . -7.36 -14.44 -58.43
C1 NAG V . -1.25 -35.70 -15.30
C2 NAG V . 0.02 -36.45 -14.95
C3 NAG V . -0.27 -37.50 -13.92
C4 NAG V . -0.89 -36.90 -12.68
C5 NAG V . -2.12 -36.15 -13.11
C6 NAG V . -2.70 -35.41 -11.92
C7 NAG V . 1.56 -36.62 -16.88
C8 NAG V . 2.62 -35.83 -16.17
N2 NAG V . 0.55 -37.10 -16.14
O3 NAG V . 1.01 -38.05 -13.59
O4 NAG V . -1.31 -37.93 -11.77
O5 NAG V . -1.80 -35.19 -14.10
O6 NAG V . -1.65 -34.66 -11.32
O7 NAG V . 1.64 -36.81 -18.08
C1 NAG V . -0.48 -38.10 -10.61
C2 NAG V . -1.28 -39.05 -9.75
C3 NAG V . -0.48 -39.43 -8.54
C4 NAG V . 0.81 -40.07 -8.95
C5 NAG V . 1.55 -39.09 -9.82
C6 NAG V . 2.89 -39.60 -10.28
C7 NAG V . -3.61 -38.61 -9.88
C8 NAG V . -4.82 -38.25 -9.09
N2 NAG V . -2.45 -38.36 -9.32
O3 NAG V . -1.23 -40.39 -7.80
O4 NAG V . 1.56 -40.30 -7.78
O5 NAG V . 0.74 -38.74 -10.92
O6 NAG V . 3.77 -38.48 -10.37
O7 NAG V . -3.66 -39.12 -10.98
C1 BMA V . 1.98 -41.66 -7.66
C2 BMA V . 3.23 -41.54 -6.83
C3 BMA V . 3.79 -42.89 -6.50
C4 BMA V . 2.72 -43.67 -5.79
C5 BMA V . 1.48 -43.74 -6.65
C6 BMA V . 0.38 -44.47 -5.91
O2 BMA V . 2.89 -40.90 -5.61
O3 BMA V . 4.75 -42.56 -5.52
O4 BMA V . 3.18 -45.00 -5.56
O5 BMA V . 1.02 -42.44 -6.96
O6 BMA V . -0.63 -44.82 -6.87
C1 MAN V . 6.00 -43.05 -5.97
C2 MAN V . 6.96 -43.10 -4.81
C3 MAN V . 7.28 -41.69 -4.41
C4 MAN V . 7.87 -40.96 -5.60
C5 MAN V . 6.88 -40.96 -6.73
C6 MAN V . 7.46 -40.23 -7.92
O2 MAN V . 8.19 -43.73 -5.11
O3 MAN V . 8.26 -41.74 -3.38
O4 MAN V . 8.24 -39.64 -5.24
O5 MAN V . 6.58 -42.32 -7.04
O6 MAN V . 8.87 -40.34 -7.85
C1 MAN V . 7.98 -45.14 -5.26
C2 MAN V . 7.66 -45.79 -3.92
C3 MAN V . 8.88 -45.65 -3.00
C4 MAN V . 10.11 -46.23 -3.67
C5 MAN V . 10.31 -45.56 -5.02
C6 MAN V . 11.46 -46.16 -5.79
O2 MAN V . 7.27 -47.15 -4.14
O3 MAN V . 8.62 -46.33 -1.75
O4 MAN V . 11.26 -46.00 -2.85
O5 MAN V . 9.15 -45.70 -5.83
O6 MAN V . 11.47 -45.55 -7.08
C1 MAN V . -0.21 -46.02 -7.50
C2 MAN V . -0.88 -46.12 -8.85
C3 MAN V . -2.38 -46.21 -8.64
C4 MAN V . -2.68 -47.41 -7.78
C5 MAN V . -1.94 -47.27 -6.47
C6 MAN V . -2.20 -48.48 -5.60
O2 MAN V . -0.42 -47.30 -9.51
O3 MAN V . -3.02 -46.38 -9.89
O4 MAN V . -4.08 -47.48 -7.53
O5 MAN V . -0.55 -47.16 -6.73
O6 MAN V . -1.23 -49.46 -5.95
C1 MAN V . -4.06 -45.39 -10.03
C2 MAN V . -5.08 -46.03 -10.95
C3 MAN V . -4.41 -46.29 -12.29
C4 MAN V . -3.85 -44.99 -12.84
C5 MAN V . -2.88 -44.40 -11.84
C6 MAN V . -2.32 -43.09 -12.34
O2 MAN V . -6.20 -45.15 -11.11
O3 MAN V . -5.37 -46.84 -13.18
O4 MAN V . -3.12 -45.25 -14.04
O5 MAN V . -3.54 -44.19 -10.60
O6 MAN V . -1.33 -42.64 -11.40
C1 MAN V . -1.86 -50.68 -6.38
C2 MAN V . -1.54 -51.74 -5.35
C3 MAN V . -0.03 -51.92 -5.31
C4 MAN V . 0.46 -52.31 -6.70
C5 MAN V . 0.06 -51.23 -7.68
C6 MAN V . 0.51 -51.62 -9.07
O2 MAN V . -2.17 -52.95 -5.75
O3 MAN V . 0.31 -52.94 -4.37
O4 MAN V . 1.89 -52.41 -6.71
O5 MAN V . -1.36 -51.08 -7.65
O6 MAN V . 0.00 -52.93 -9.36
C1 NAG W . -22.59 8.33 26.74
C2 NAG W . -23.54 8.27 27.92
C3 NAG W . -23.96 6.82 28.15
C4 NAG W . -24.51 6.23 26.87
C5 NAG W . -23.52 6.37 25.72
C6 NAG W . -24.11 5.88 24.42
C7 NAG W . -23.16 10.06 29.50
C8 NAG W . -24.40 10.18 30.35
N2 NAG W . -22.89 8.82 29.09
O3 NAG W . -24.99 6.81 29.14
O4 NAG W . -24.77 4.83 27.09
O5 NAG W . -23.14 7.74 25.56
O6 NAG W . -23.06 5.76 23.44
O7 NAG W . -22.46 11.01 29.22
C1 NAG X . -23.23 15.34 28.06
C2 NAG X . -23.61 16.26 29.20
C3 NAG X . -23.99 15.44 30.42
C4 NAG X . -25.11 14.48 30.05
C5 NAG X . -24.67 13.62 28.88
C6 NAG X . -25.83 12.77 28.38
C7 NAG X . -22.67 18.46 29.26
C8 NAG X . -21.81 18.99 28.15
N2 NAG X . -22.54 17.17 29.53
O3 NAG X . -24.43 16.32 31.47
O4 NAG X . -25.36 13.62 31.15
O5 NAG X . -24.30 14.45 27.79
O6 NAG X . -26.80 13.63 27.80
O7 NAG X . -23.45 19.18 29.86
CA CA Y . 10.72 25.74 28.88
C1 NAG Z . -22.11 -23.19 15.14
C2 NAG Z . -22.73 -24.45 15.69
C3 NAG Z . -23.73 -24.94 14.66
C4 NAG Z . -24.75 -23.83 14.41
C5 NAG Z . -24.03 -22.59 13.92
C6 NAG Z . -25.01 -21.46 13.65
C7 NAG Z . -21.79 -26.21 17.02
C8 NAG Z . -21.79 -27.69 16.79
N2 NAG Z . -21.71 -25.45 15.94
O3 NAG Z . -24.41 -26.12 15.10
O4 NAG Z . -25.68 -24.25 13.42
O5 NAG Z . -23.09 -22.17 14.91
O6 NAG Z . -25.44 -20.94 14.90
O7 NAG Z . -21.87 -25.74 18.12
C1 NAG AA . -19.78 -23.17 20.05
C2 NAG AA . -19.50 -24.17 21.16
C3 NAG AA . -20.60 -25.18 21.32
C4 NAG AA . -21.94 -24.49 21.50
C5 NAG AA . -22.18 -23.49 20.37
C6 NAG AA . -23.45 -22.69 20.61
C7 NAG AA . -17.15 -24.53 21.55
C8 NAG AA . -16.81 -25.38 22.73
N2 NAG AA . -18.25 -24.85 20.89
O3 NAG AA . -20.35 -25.97 22.48
O4 NAG AA . -22.99 -25.46 21.51
O5 NAG AA . -21.08 -22.60 20.27
O6 NAG AA . -23.74 -21.88 19.47
O7 NAG AA . -16.44 -23.59 21.23
CA CA BA . 14.24 -31.29 13.38
C1 NAG CA . -35.58 19.80 -1.39
C2 NAG CA . -36.86 20.56 -1.10
C3 NAG CA . -36.96 20.75 0.40
C4 NAG CA . -36.89 19.40 1.08
C5 NAG CA . -35.60 18.69 0.69
C6 NAG CA . -35.63 17.31 1.32
C7 NAG CA . -37.66 22.07 -2.83
C8 NAG CA . -38.15 23.47 -3.00
N2 NAG CA . -36.90 21.84 -1.76
O3 NAG CA . -38.21 21.38 0.69
O4 NAG CA . -36.90 19.57 2.51
O5 NAG CA . -35.54 18.54 -0.72
O6 NAG CA . -36.86 16.68 0.92
O7 NAG CA . -37.94 21.19 -3.62
C1 NAG DA . -38.63 19.28 -7.17
C2 NAG DA . -39.35 20.59 -7.40
C3 NAG DA . -40.30 20.81 -6.22
C4 NAG DA . -41.25 19.63 -6.12
C5 NAG DA . -40.45 18.34 -5.95
C6 NAG DA . -41.34 17.10 -5.88
C7 NAG DA . -38.43 22.56 -8.45
C8 NAG DA . -37.76 22.18 -9.73
N2 NAG DA . -38.39 21.66 -7.47
O3 NAG DA . -41.06 22.00 -6.39
O4 NAG DA . -42.13 19.85 -5.02
O5 NAG DA . -39.57 18.21 -7.05
O6 NAG DA . -42.13 17.10 -4.69
O7 NAG DA . -38.96 23.65 -8.29
CA CA EA . -12.36 38.67 -23.98
C1 NAG FA . -35.26 -10.90 -13.97
C2 NAG FA . -36.75 -11.18 -13.88
C3 NAG FA . -37.46 -9.89 -13.58
C4 NAG FA . -36.91 -9.24 -12.32
C5 NAG FA . -35.40 -9.03 -12.46
C6 NAG FA . -34.78 -8.61 -11.16
C7 NAG FA . -37.35 -13.01 -15.29
C8 NAG FA . -37.10 -13.50 -16.69
N2 NAG FA . -37.25 -11.70 -15.12
O3 NAG FA . -38.85 -10.18 -13.40
O4 NAG FA . -37.55 -7.98 -12.10
O5 NAG FA . -34.79 -10.28 -12.77
O6 NAG FA . -33.40 -9.01 -11.21
O7 NAG FA . -37.65 -13.74 -14.38
C1 NAG GA . -34.80 -17.71 -14.69
C2 NAG GA . -35.48 -18.25 -15.93
C3 NAG GA . -36.75 -17.45 -16.14
C4 NAG GA . -37.63 -17.55 -14.89
C5 NAG GA . -36.86 -17.04 -13.70
C6 NAG GA . -37.69 -17.12 -12.44
C7 NAG GA . -33.88 -18.98 -17.65
C8 NAG GA . -34.26 -19.40 -19.03
N2 NAG GA . -34.65 -18.05 -17.11
O3 NAG GA . -37.44 -17.96 -17.27
O4 NAG GA . -38.81 -16.74 -15.04
O5 NAG GA . -35.65 -17.80 -13.56
O6 NAG GA . -37.00 -16.46 -11.37
O7 NAG GA . -32.93 -19.46 -17.06
CA CA HA . -8.84 -18.34 -39.56
#